data_1YA9
# 
_entry.id   1YA9 
# 
_audit_conform.dict_name       mmcif_pdbx.dic 
_audit_conform.dict_version    5.387 
_audit_conform.dict_location   http://mmcif.pdb.org/dictionaries/ascii/mmcif_pdbx.dic 
# 
loop_
_database_2.database_id 
_database_2.database_code 
_database_2.pdbx_database_accession 
_database_2.pdbx_DOI 
PDB   1YA9         pdb_00001ya9 10.2210/pdb1ya9/pdb 
RCSB  RCSB031312   ?            ?                   
WWPDB D_1000031312 ?            ?                   
# 
loop_
_pdbx_audit_revision_history.ordinal 
_pdbx_audit_revision_history.data_content_type 
_pdbx_audit_revision_history.major_revision 
_pdbx_audit_revision_history.minor_revision 
_pdbx_audit_revision_history.revision_date 
1 'Structure model' 1 0 2005-06-07 
2 'Structure model' 1 1 2008-04-30 
3 'Structure model' 1 2 2011-07-13 
4 'Structure model' 1 3 2019-07-24 
5 'Structure model' 1 4 2024-02-14 
# 
_pdbx_audit_revision_details.ordinal             1 
_pdbx_audit_revision_details.revision_ordinal    1 
_pdbx_audit_revision_details.data_content_type   'Structure model' 
_pdbx_audit_revision_details.provider            repository 
_pdbx_audit_revision_details.type                'Initial release' 
_pdbx_audit_revision_details.description         ? 
_pdbx_audit_revision_details.details             ? 
# 
loop_
_pdbx_audit_revision_group.ordinal 
_pdbx_audit_revision_group.revision_ordinal 
_pdbx_audit_revision_group.data_content_type 
_pdbx_audit_revision_group.group 
1 2 'Structure model' 'Version format compliance' 
2 3 'Structure model' 'Version format compliance' 
3 4 'Structure model' 'Data collection'           
4 4 'Structure model' 'Refinement description'    
5 5 'Structure model' 'Data collection'           
6 5 'Structure model' 'Database references'       
# 
loop_
_pdbx_audit_revision_category.ordinal 
_pdbx_audit_revision_category.revision_ordinal 
_pdbx_audit_revision_category.data_content_type 
_pdbx_audit_revision_category.category 
1 4 'Structure model' software       
2 5 'Structure model' chem_comp_atom 
3 5 'Structure model' chem_comp_bond 
4 5 'Structure model' database_2     
# 
loop_
_pdbx_audit_revision_item.ordinal 
_pdbx_audit_revision_item.revision_ordinal 
_pdbx_audit_revision_item.data_content_type 
_pdbx_audit_revision_item.item 
1 4 'Structure model' '_software.name'                      
2 4 'Structure model' '_software.version'                   
3 5 'Structure model' '_database_2.pdbx_DOI'                
4 5 'Structure model' '_database_2.pdbx_database_accession' 
# 
_pdbx_database_status.status_code                     REL 
_pdbx_database_status.entry_id                        1YA9 
_pdbx_database_status.recvd_initial_deposition_date   2004-12-17 
_pdbx_database_status.deposit_site                    RCSB 
_pdbx_database_status.process_site                    RCSB 
_pdbx_database_status.status_code_sf                  ? 
_pdbx_database_status.status_code_mr                  ? 
_pdbx_database_status.SG_entry                        ? 
_pdbx_database_status.pdb_format_compatible           Y 
_pdbx_database_status.status_code_cs                  ? 
_pdbx_database_status.methods_development_category    ? 
_pdbx_database_status.status_code_nmr_data            ? 
# 
loop_
_audit_author.name 
_audit_author.pdbx_ordinal 
'Peters-Libeu, C.A.' 1 
'Rutenber, E.'       2 
'Newhouse, Y.'       3 
'Hatters, D.M.'      4 
'Weisgraber, K.H.'   5 
# 
_citation.id                        primary 
_citation.title                     
'Engineering conformational destabilization into mouse apolipoprotein E. A model for a unique property of human apolipoprotein E4' 
_citation.journal_abbrev            J.Biol.Chem. 
_citation.journal_volume            280 
_citation.page_first                26477 
_citation.page_last                 26482 
_citation.year                      2005 
_citation.journal_id_ASTM           JBCHA3 
_citation.country                   US 
_citation.journal_id_ISSN           0021-9258 
_citation.journal_id_CSD            0071 
_citation.book_publisher            ? 
_citation.pdbx_database_id_PubMed   15890642 
_citation.pdbx_database_id_DOI      10.1074/jbc.M503910200 
# 
loop_
_citation_author.citation_id 
_citation_author.name 
_citation_author.ordinal 
_citation_author.identifier_ORCID 
primary 'Hatters, D.M.'      1 ? 
primary 'Peters-Libeu, C.A.' 2 ? 
primary 'Weisgraber, K.H.'   3 ? 
# 
loop_
_entity.id 
_entity.type 
_entity.src_method 
_entity.pdbx_description 
_entity.formula_weight 
_entity.pdbx_number_of_molecules 
_entity.pdbx_ec 
_entity.pdbx_mutation 
_entity.pdbx_fragment 
_entity.details 
1 polymer man 'Apolipoprotein E' 21052.609 1  ? ? ? ? 
2 water   nat water              18.015    83 ? ? ? ? 
# 
_entity_keywords.entity_id   1 
_entity_keywords.text        '22kDa N-Terminal Fragment of Mouse Apolipoprotein E, (residue 20-200, SWS)' 
# 
_entity_name_com.entity_id   1 
_entity_name_com.name        Apo-E 
# 
_entity_poly.entity_id                      1 
_entity_poly.type                           'polypeptide(L)' 
_entity_poly.nstd_linkage                   no 
_entity_poly.nstd_monomer                   no 
_entity_poly.pdbx_seq_one_letter_code       
;GEPEVTDQLEWQSNQPWEQALNRFWDYLRWVQTLSDQVQEELQSSQVTQELTALMEDTMTEVKAYKKELEEQLGPVAEET
RARLGKEVQAAQARLGADMEDLRNRLGQYRNEVHTMLGQSTEEIRARLSTHLRKMRKRLMRDAEDLQKRLAVYKAGAREG
AERGVSAIRERLGPLVEQGRQ
;
_entity_poly.pdbx_seq_one_letter_code_can   
;GEPEVTDQLEWQSNQPWEQALNRFWDYLRWVQTLSDQVQEELQSSQVTQELTALMEDTMTEVKAYKKELEEQLGPVAEET
RARLGKEVQAAQARLGADMEDLRNRLGQYRNEVHTMLGQSTEEIRARLSTHLRKMRKRLMRDAEDLQKRLAVYKAGAREG
AERGVSAIRERLGPLVEQGRQ
;
_entity_poly.pdbx_strand_id                 A 
_entity_poly.pdbx_target_identifier         ? 
# 
_pdbx_entity_nonpoly.entity_id   2 
_pdbx_entity_nonpoly.name        water 
_pdbx_entity_nonpoly.comp_id     HOH 
# 
loop_
_entity_poly_seq.entity_id 
_entity_poly_seq.num 
_entity_poly_seq.mon_id 
_entity_poly_seq.hetero 
1 1   GLY n 
1 2   GLU n 
1 3   PRO n 
1 4   GLU n 
1 5   VAL n 
1 6   THR n 
1 7   ASP n 
1 8   GLN n 
1 9   LEU n 
1 10  GLU n 
1 11  TRP n 
1 12  GLN n 
1 13  SER n 
1 14  ASN n 
1 15  GLN n 
1 16  PRO n 
1 17  TRP n 
1 18  GLU n 
1 19  GLN n 
1 20  ALA n 
1 21  LEU n 
1 22  ASN n 
1 23  ARG n 
1 24  PHE n 
1 25  TRP n 
1 26  ASP n 
1 27  TYR n 
1 28  LEU n 
1 29  ARG n 
1 30  TRP n 
1 31  VAL n 
1 32  GLN n 
1 33  THR n 
1 34  LEU n 
1 35  SER n 
1 36  ASP n 
1 37  GLN n 
1 38  VAL n 
1 39  GLN n 
1 40  GLU n 
1 41  GLU n 
1 42  LEU n 
1 43  GLN n 
1 44  SER n 
1 45  SER n 
1 46  GLN n 
1 47  VAL n 
1 48  THR n 
1 49  GLN n 
1 50  GLU n 
1 51  LEU n 
1 52  THR n 
1 53  ALA n 
1 54  LEU n 
1 55  MET n 
1 56  GLU n 
1 57  ASP n 
1 58  THR n 
1 59  MET n 
1 60  THR n 
1 61  GLU n 
1 62  VAL n 
1 63  LYS n 
1 64  ALA n 
1 65  TYR n 
1 66  LYS n 
1 67  LYS n 
1 68  GLU n 
1 69  LEU n 
1 70  GLU n 
1 71  GLU n 
1 72  GLN n 
1 73  LEU n 
1 74  GLY n 
1 75  PRO n 
1 76  VAL n 
1 77  ALA n 
1 78  GLU n 
1 79  GLU n 
1 80  THR n 
1 81  ARG n 
1 82  ALA n 
1 83  ARG n 
1 84  LEU n 
1 85  GLY n 
1 86  LYS n 
1 87  GLU n 
1 88  VAL n 
1 89  GLN n 
1 90  ALA n 
1 91  ALA n 
1 92  GLN n 
1 93  ALA n 
1 94  ARG n 
1 95  LEU n 
1 96  GLY n 
1 97  ALA n 
1 98  ASP n 
1 99  MET n 
1 100 GLU n 
1 101 ASP n 
1 102 LEU n 
1 103 ARG n 
1 104 ASN n 
1 105 ARG n 
1 106 LEU n 
1 107 GLY n 
1 108 GLN n 
1 109 TYR n 
1 110 ARG n 
1 111 ASN n 
1 112 GLU n 
1 113 VAL n 
1 114 HIS n 
1 115 THR n 
1 116 MET n 
1 117 LEU n 
1 118 GLY n 
1 119 GLN n 
1 120 SER n 
1 121 THR n 
1 122 GLU n 
1 123 GLU n 
1 124 ILE n 
1 125 ARG n 
1 126 ALA n 
1 127 ARG n 
1 128 LEU n 
1 129 SER n 
1 130 THR n 
1 131 HIS n 
1 132 LEU n 
1 133 ARG n 
1 134 LYS n 
1 135 MET n 
1 136 ARG n 
1 137 LYS n 
1 138 ARG n 
1 139 LEU n 
1 140 MET n 
1 141 ARG n 
1 142 ASP n 
1 143 ALA n 
1 144 GLU n 
1 145 ASP n 
1 146 LEU n 
1 147 GLN n 
1 148 LYS n 
1 149 ARG n 
1 150 LEU n 
1 151 ALA n 
1 152 VAL n 
1 153 TYR n 
1 154 LYS n 
1 155 ALA n 
1 156 GLY n 
1 157 ALA n 
1 158 ARG n 
1 159 GLU n 
1 160 GLY n 
1 161 ALA n 
1 162 GLU n 
1 163 ARG n 
1 164 GLY n 
1 165 VAL n 
1 166 SER n 
1 167 ALA n 
1 168 ILE n 
1 169 ARG n 
1 170 GLU n 
1 171 ARG n 
1 172 LEU n 
1 173 GLY n 
1 174 PRO n 
1 175 LEU n 
1 176 VAL n 
1 177 GLU n 
1 178 GLN n 
1 179 GLY n 
1 180 ARG n 
1 181 GLN n 
# 
_entity_src_gen.entity_id                          1 
_entity_src_gen.pdbx_src_id                        1 
_entity_src_gen.pdbx_alt_source_flag               sample 
_entity_src_gen.pdbx_seq_type                      ? 
_entity_src_gen.pdbx_beg_seq_num                   ? 
_entity_src_gen.pdbx_end_seq_num                   ? 
_entity_src_gen.gene_src_common_name               'house mouse' 
_entity_src_gen.gene_src_genus                     Mus 
_entity_src_gen.pdbx_gene_src_gene                 Apoe 
_entity_src_gen.gene_src_species                   ? 
_entity_src_gen.gene_src_strain                    ? 
_entity_src_gen.gene_src_tissue                    ? 
_entity_src_gen.gene_src_tissue_fraction           ? 
_entity_src_gen.gene_src_details                   ? 
_entity_src_gen.pdbx_gene_src_fragment             ? 
_entity_src_gen.pdbx_gene_src_scientific_name      'Mus musculus' 
_entity_src_gen.pdbx_gene_src_ncbi_taxonomy_id     10090 
_entity_src_gen.pdbx_gene_src_variant              ? 
_entity_src_gen.pdbx_gene_src_cell_line            ? 
_entity_src_gen.pdbx_gene_src_atcc                 ? 
_entity_src_gen.pdbx_gene_src_organ                ? 
_entity_src_gen.pdbx_gene_src_organelle            ? 
_entity_src_gen.pdbx_gene_src_cell                 ? 
_entity_src_gen.pdbx_gene_src_cellular_location    ? 
_entity_src_gen.host_org_common_name               ? 
_entity_src_gen.pdbx_host_org_scientific_name      'Escherichia coli' 
_entity_src_gen.pdbx_host_org_ncbi_taxonomy_id     562 
_entity_src_gen.host_org_genus                     Escherichia 
_entity_src_gen.pdbx_host_org_gene                 ? 
_entity_src_gen.pdbx_host_org_organ                ? 
_entity_src_gen.host_org_species                   ? 
_entity_src_gen.pdbx_host_org_tissue               ? 
_entity_src_gen.pdbx_host_org_tissue_fraction      ? 
_entity_src_gen.pdbx_host_org_strain               ? 
_entity_src_gen.pdbx_host_org_variant              ? 
_entity_src_gen.pdbx_host_org_cell_line            ? 
_entity_src_gen.pdbx_host_org_atcc                 ? 
_entity_src_gen.pdbx_host_org_culture_collection   ? 
_entity_src_gen.pdbx_host_org_cell                 ? 
_entity_src_gen.pdbx_host_org_organelle            ? 
_entity_src_gen.pdbx_host_org_cellular_location    ? 
_entity_src_gen.pdbx_host_org_vector_type          ? 
_entity_src_gen.pdbx_host_org_vector               ? 
_entity_src_gen.host_org_details                   ? 
_entity_src_gen.expression_system_id               ? 
_entity_src_gen.plasmid_name                       ? 
_entity_src_gen.plasmid_details                    ? 
_entity_src_gen.pdbx_description                   ? 
# 
loop_
_chem_comp.id 
_chem_comp.type 
_chem_comp.mon_nstd_flag 
_chem_comp.name 
_chem_comp.pdbx_synonyms 
_chem_comp.formula 
_chem_comp.formula_weight 
ALA 'L-peptide linking' y ALANINE         ? 'C3 H7 N O2'     89.093  
ARG 'L-peptide linking' y ARGININE        ? 'C6 H15 N4 O2 1' 175.209 
ASN 'L-peptide linking' y ASPARAGINE      ? 'C4 H8 N2 O3'    132.118 
ASP 'L-peptide linking' y 'ASPARTIC ACID' ? 'C4 H7 N O4'     133.103 
GLN 'L-peptide linking' y GLUTAMINE       ? 'C5 H10 N2 O3'   146.144 
GLU 'L-peptide linking' y 'GLUTAMIC ACID' ? 'C5 H9 N O4'     147.129 
GLY 'peptide linking'   y GLYCINE         ? 'C2 H5 N O2'     75.067  
HIS 'L-peptide linking' y HISTIDINE       ? 'C6 H10 N3 O2 1' 156.162 
HOH non-polymer         . WATER           ? 'H2 O'           18.015  
ILE 'L-peptide linking' y ISOLEUCINE      ? 'C6 H13 N O2'    131.173 
LEU 'L-peptide linking' y LEUCINE         ? 'C6 H13 N O2'    131.173 
LYS 'L-peptide linking' y LYSINE          ? 'C6 H15 N2 O2 1' 147.195 
MET 'L-peptide linking' y METHIONINE      ? 'C5 H11 N O2 S'  149.211 
PHE 'L-peptide linking' y PHENYLALANINE   ? 'C9 H11 N O2'    165.189 
PRO 'L-peptide linking' y PROLINE         ? 'C5 H9 N O2'     115.130 
SER 'L-peptide linking' y SERINE          ? 'C3 H7 N O3'     105.093 
THR 'L-peptide linking' y THREONINE       ? 'C4 H9 N O3'     119.119 
TRP 'L-peptide linking' y TRYPTOPHAN      ? 'C11 H12 N2 O2'  204.225 
TYR 'L-peptide linking' y TYROSINE        ? 'C9 H11 N O3'    181.189 
VAL 'L-peptide linking' y VALINE          ? 'C5 H11 N O2'    117.146 
# 
loop_
_pdbx_poly_seq_scheme.asym_id 
_pdbx_poly_seq_scheme.entity_id 
_pdbx_poly_seq_scheme.seq_id 
_pdbx_poly_seq_scheme.mon_id 
_pdbx_poly_seq_scheme.ndb_seq_num 
_pdbx_poly_seq_scheme.pdb_seq_num 
_pdbx_poly_seq_scheme.auth_seq_num 
_pdbx_poly_seq_scheme.pdb_mon_id 
_pdbx_poly_seq_scheme.auth_mon_id 
_pdbx_poly_seq_scheme.pdb_strand_id 
_pdbx_poly_seq_scheme.pdb_ins_code 
_pdbx_poly_seq_scheme.hetero 
A 1 1   GLY 1   2   ?   ?   ?   A . n 
A 1 2   GLU 2   3   ?   ?   ?   A . n 
A 1 3   PRO 3   4   4   PRO PRO A . n 
A 1 4   GLU 4   5   5   GLU GLU A . n 
A 1 5   VAL 5   6   6   VAL VAL A . n 
A 1 6   THR 6   7   7   THR THR A . n 
A 1 7   ASP 7   8   8   ASP ASP A . n 
A 1 8   GLN 8   9   9   GLN GLN A . n 
A 1 9   LEU 9   10  10  LEU LEU A . n 
A 1 10  GLU 10  11  11  GLU GLU A . n 
A 1 11  TRP 11  12  12  TRP TRP A . n 
A 1 12  GLN 12  13  13  GLN GLN A . n 
A 1 13  SER 13  14  14  SER SER A . n 
A 1 14  ASN 14  15  15  ASN ASN A . n 
A 1 15  GLN 15  16  16  GLN GLN A . n 
A 1 16  PRO 16  17  17  PRO PRO A . n 
A 1 17  TRP 17  18  18  TRP TRP A . n 
A 1 18  GLU 18  19  19  GLU GLU A . n 
A 1 19  GLN 19  20  20  GLN GLN A . n 
A 1 20  ALA 20  21  21  ALA ALA A . n 
A 1 21  LEU 21  22  22  LEU LEU A . n 
A 1 22  ASN 22  23  23  ASN ASN A . n 
A 1 23  ARG 23  24  24  ARG ARG A . n 
A 1 24  PHE 24  25  25  PHE PHE A . n 
A 1 25  TRP 25  26  26  TRP TRP A . n 
A 1 26  ASP 26  27  27  ASP ASP A . n 
A 1 27  TYR 27  28  28  TYR TYR A . n 
A 1 28  LEU 28  29  29  LEU LEU A . n 
A 1 29  ARG 29  30  30  ARG ARG A . n 
A 1 30  TRP 30  31  31  TRP TRP A . n 
A 1 31  VAL 31  32  32  VAL VAL A . n 
A 1 32  GLN 32  33  33  GLN GLN A . n 
A 1 33  THR 33  34  34  THR THR A . n 
A 1 34  LEU 34  35  35  LEU LEU A . n 
A 1 35  SER 35  36  36  SER SER A . n 
A 1 36  ASP 36  37  37  ASP ASP A . n 
A 1 37  GLN 37  38  38  GLN GLN A . n 
A 1 38  VAL 38  39  39  VAL VAL A . n 
A 1 39  GLN 39  40  40  GLN GLN A . n 
A 1 40  GLU 40  41  41  GLU GLU A . n 
A 1 41  GLU 41  42  42  GLU GLU A . n 
A 1 42  LEU 42  43  43  LEU LEU A . n 
A 1 43  GLN 43  44  44  GLN GLN A . n 
A 1 44  SER 44  45  45  SER SER A . n 
A 1 45  SER 45  46  46  SER SER A . n 
A 1 46  GLN 46  47  47  GLN GLN A . n 
A 1 47  VAL 47  48  48  VAL VAL A . n 
A 1 48  THR 48  49  49  THR THR A . n 
A 1 49  GLN 49  50  50  GLN GLN A . n 
A 1 50  GLU 50  51  51  GLU GLU A . n 
A 1 51  LEU 51  52  52  LEU LEU A . n 
A 1 52  THR 52  53  53  THR THR A . n 
A 1 53  ALA 53  54  54  ALA ALA A . n 
A 1 54  LEU 54  55  55  LEU LEU A . n 
A 1 55  MET 55  56  56  MET MET A . n 
A 1 56  GLU 56  57  57  GLU GLU A . n 
A 1 57  ASP 57  58  58  ASP ASP A . n 
A 1 58  THR 58  59  59  THR THR A . n 
A 1 59  MET 59  60  60  MET MET A . n 
A 1 60  THR 60  61  61  THR THR A . n 
A 1 61  GLU 61  62  62  GLU GLU A . n 
A 1 62  VAL 62  63  63  VAL VAL A . n 
A 1 63  LYS 63  64  64  LYS LYS A . n 
A 1 64  ALA 64  65  65  ALA ALA A . n 
A 1 65  TYR 65  66  66  TYR TYR A . n 
A 1 66  LYS 66  67  67  LYS LYS A . n 
A 1 67  LYS 67  68  68  LYS LYS A . n 
A 1 68  GLU 68  69  69  GLU GLU A . n 
A 1 69  LEU 69  70  70  LEU LEU A . n 
A 1 70  GLU 70  71  71  GLU GLU A . n 
A 1 71  GLU 71  72  72  GLU GLU A . n 
A 1 72  GLN 72  73  73  GLN GLN A . n 
A 1 73  LEU 73  74  74  LEU LEU A . n 
A 1 74  GLY 74  75  75  GLY GLY A . n 
A 1 75  PRO 75  76  76  PRO PRO A . n 
A 1 76  VAL 76  77  77  VAL VAL A . n 
A 1 77  ALA 77  78  78  ALA ALA A . n 
A 1 78  GLU 78  79  79  GLU GLU A . n 
A 1 79  GLU 79  80  80  GLU GLU A . n 
A 1 80  THR 80  81  81  THR THR A . n 
A 1 81  ARG 81  82  82  ARG ARG A . n 
A 1 82  ALA 82  83  83  ALA ALA A . n 
A 1 83  ARG 83  84  84  ARG ARG A . n 
A 1 84  LEU 84  85  85  LEU LEU A . n 
A 1 85  GLY 85  86  86  GLY GLY A . n 
A 1 86  LYS 86  87  87  LYS LYS A . n 
A 1 87  GLU 87  88  88  GLU GLU A . n 
A 1 88  VAL 88  89  89  VAL VAL A . n 
A 1 89  GLN 89  90  90  GLN GLN A . n 
A 1 90  ALA 90  91  91  ALA ALA A . n 
A 1 91  ALA 91  92  92  ALA ALA A . n 
A 1 92  GLN 92  93  93  GLN GLN A . n 
A 1 93  ALA 93  94  94  ALA ALA A . n 
A 1 94  ARG 94  95  95  ARG ARG A . n 
A 1 95  LEU 95  96  96  LEU LEU A . n 
A 1 96  GLY 96  97  97  GLY GLY A . n 
A 1 97  ALA 97  98  98  ALA ALA A . n 
A 1 98  ASP 98  99  99  ASP ASP A . n 
A 1 99  MET 99  100 100 MET MET A . n 
A 1 100 GLU 100 101 101 GLU GLU A . n 
A 1 101 ASP 101 102 102 ASP ASP A . n 
A 1 102 LEU 102 103 103 LEU LEU A . n 
A 1 103 ARG 103 104 104 ARG ARG A . n 
A 1 104 ASN 104 105 105 ASN ASN A . n 
A 1 105 ARG 105 106 106 ARG ARG A . n 
A 1 106 LEU 106 107 107 LEU LEU A . n 
A 1 107 GLY 107 108 108 GLY GLY A . n 
A 1 108 GLN 108 109 109 GLN GLN A . n 
A 1 109 TYR 109 110 110 TYR TYR A . n 
A 1 110 ARG 110 111 111 ARG ARG A . n 
A 1 111 ASN 111 112 112 ASN ASN A . n 
A 1 112 GLU 112 113 113 GLU GLU A . n 
A 1 113 VAL 113 114 114 VAL VAL A . n 
A 1 114 HIS 114 115 115 HIS HIS A . n 
A 1 115 THR 115 116 116 THR THR A . n 
A 1 116 MET 116 117 117 MET MET A . n 
A 1 117 LEU 117 118 118 LEU LEU A . n 
A 1 118 GLY 118 119 119 GLY GLY A . n 
A 1 119 GLN 119 120 120 GLN GLN A . n 
A 1 120 SER 120 121 121 SER SER A . n 
A 1 121 THR 121 122 122 THR THR A . n 
A 1 122 GLU 122 123 123 GLU GLU A . n 
A 1 123 GLU 123 124 124 GLU GLU A . n 
A 1 124 ILE 124 125 125 ILE ILE A . n 
A 1 125 ARG 125 126 126 ARG ARG A . n 
A 1 126 ALA 126 127 127 ALA ALA A . n 
A 1 127 ARG 127 128 128 ARG ARG A . n 
A 1 128 LEU 128 129 129 LEU LEU A . n 
A 1 129 SER 129 130 130 SER SER A . n 
A 1 130 THR 130 131 131 THR THR A . n 
A 1 131 HIS 131 132 132 HIS HIS A . n 
A 1 132 LEU 132 133 133 LEU LEU A . n 
A 1 133 ARG 133 134 134 ARG ARG A . n 
A 1 134 LYS 134 135 135 LYS LYS A . n 
A 1 135 MET 135 136 136 MET MET A . n 
A 1 136 ARG 136 137 137 ARG ARG A . n 
A 1 137 LYS 137 138 138 LYS LYS A . n 
A 1 138 ARG 138 139 139 ARG ARG A . n 
A 1 139 LEU 139 140 140 LEU LEU A . n 
A 1 140 MET 140 141 141 MET MET A . n 
A 1 141 ARG 141 142 142 ARG ARG A . n 
A 1 142 ASP 142 143 143 ASP ASP A . n 
A 1 143 ALA 143 144 144 ALA ALA A . n 
A 1 144 GLU 144 145 145 GLU GLU A . n 
A 1 145 ASP 145 146 146 ASP ASP A . n 
A 1 146 LEU 146 147 147 LEU LEU A . n 
A 1 147 GLN 147 148 148 GLN GLN A . n 
A 1 148 LYS 148 149 149 LYS LYS A . n 
A 1 149 ARG 149 150 150 ARG ARG A . n 
A 1 150 LEU 150 151 151 LEU LEU A . n 
A 1 151 ALA 151 152 152 ALA ALA A . n 
A 1 152 VAL 152 153 153 VAL VAL A . n 
A 1 153 TYR 153 154 154 TYR TYR A . n 
A 1 154 LYS 154 155 155 LYS LYS A . n 
A 1 155 ALA 155 156 156 ALA ALA A . n 
A 1 156 GLY 156 157 157 GLY GLY A . n 
A 1 157 ALA 157 158 158 ALA ALA A . n 
A 1 158 ARG 158 159 ?   ?   ?   A . n 
A 1 159 GLU 159 160 ?   ?   ?   A . n 
A 1 160 GLY 160 161 ?   ?   ?   A . n 
A 1 161 ALA 161 162 ?   ?   ?   A . n 
A 1 162 GLU 162 163 ?   ?   ?   A . n 
A 1 163 ARG 163 164 ?   ?   ?   A . n 
A 1 164 GLY 164 165 165 GLY GLY A . n 
A 1 165 VAL 165 166 166 VAL VAL A . n 
A 1 166 SER 166 167 167 SER SER A . n 
A 1 167 ALA 167 168 168 ALA ALA A . n 
A 1 168 ILE 168 169 169 ILE ILE A . n 
A 1 169 ARG 169 170 170 ARG ARG A . n 
A 1 170 GLU 170 171 171 GLU GLU A . n 
A 1 171 ARG 171 172 172 ARG ARG A . n 
A 1 172 LEU 172 173 173 LEU LEU A . n 
A 1 173 GLY 173 174 174 GLY GLY A . n 
A 1 174 PRO 174 175 175 PRO PRO A . n 
A 1 175 LEU 175 176 176 LEU LEU A . n 
A 1 176 VAL 176 177 177 VAL VAL A . n 
A 1 177 GLU 177 178 ?   ?   ?   A . n 
A 1 178 GLN 178 179 ?   ?   ?   A . n 
A 1 179 GLY 179 180 ?   ?   ?   A . n 
A 1 180 ARG 180 181 ?   ?   ?   A . n 
A 1 181 GLN 181 182 ?   ?   ?   A . n 
# 
loop_
_pdbx_nonpoly_scheme.asym_id 
_pdbx_nonpoly_scheme.entity_id 
_pdbx_nonpoly_scheme.mon_id 
_pdbx_nonpoly_scheme.ndb_seq_num 
_pdbx_nonpoly_scheme.pdb_seq_num 
_pdbx_nonpoly_scheme.auth_seq_num 
_pdbx_nonpoly_scheme.pdb_mon_id 
_pdbx_nonpoly_scheme.auth_mon_id 
_pdbx_nonpoly_scheme.pdb_strand_id 
_pdbx_nonpoly_scheme.pdb_ins_code 
B 2 HOH 1  183 1  HOH HOH A . 
B 2 HOH 2  184 2  HOH HOH A . 
B 2 HOH 3  185 3  HOH HOH A . 
B 2 HOH 4  186 4  HOH HOH A . 
B 2 HOH 5  187 5  HOH HOH A . 
B 2 HOH 6  188 6  HOH HOH A . 
B 2 HOH 7  189 7  HOH HOH A . 
B 2 HOH 8  190 8  HOH HOH A . 
B 2 HOH 9  191 9  HOH HOH A . 
B 2 HOH 10 192 10 HOH HOH A . 
B 2 HOH 11 193 11 HOH HOH A . 
B 2 HOH 12 194 12 HOH HOH A . 
B 2 HOH 13 195 13 HOH HOH A . 
B 2 HOH 14 196 14 HOH HOH A . 
B 2 HOH 15 197 15 HOH HOH A . 
B 2 HOH 16 198 16 HOH HOH A . 
B 2 HOH 17 199 17 HOH HOH A . 
B 2 HOH 18 200 18 HOH HOH A . 
B 2 HOH 19 201 19 HOH HOH A . 
B 2 HOH 20 202 20 HOH HOH A . 
B 2 HOH 21 203 21 HOH HOH A . 
B 2 HOH 22 204 22 HOH HOH A . 
B 2 HOH 23 205 23 HOH HOH A . 
B 2 HOH 24 206 24 HOH HOH A . 
B 2 HOH 25 207 25 HOH HOH A . 
B 2 HOH 26 208 26 HOH HOH A . 
B 2 HOH 27 209 27 HOH HOH A . 
B 2 HOH 28 210 28 HOH HOH A . 
B 2 HOH 29 211 29 HOH HOH A . 
B 2 HOH 30 212 30 HOH HOH A . 
B 2 HOH 31 213 31 HOH HOH A . 
B 2 HOH 32 214 32 HOH HOH A . 
B 2 HOH 33 215 33 HOH HOH A . 
B 2 HOH 34 216 34 HOH HOH A . 
B 2 HOH 35 217 35 HOH HOH A . 
B 2 HOH 36 218 36 HOH HOH A . 
B 2 HOH 37 219 37 HOH HOH A . 
B 2 HOH 38 220 38 HOH HOH A . 
B 2 HOH 39 221 39 HOH HOH A . 
B 2 HOH 40 222 40 HOH HOH A . 
B 2 HOH 41 223 41 HOH HOH A . 
B 2 HOH 42 224 42 HOH HOH A . 
B 2 HOH 43 225 43 HOH HOH A . 
B 2 HOH 44 226 44 HOH HOH A . 
B 2 HOH 45 227 45 HOH HOH A . 
B 2 HOH 46 228 46 HOH HOH A . 
B 2 HOH 47 229 47 HOH HOH A . 
B 2 HOH 48 230 48 HOH HOH A . 
B 2 HOH 49 231 49 HOH HOH A . 
B 2 HOH 50 232 50 HOH HOH A . 
B 2 HOH 51 233 51 HOH HOH A . 
B 2 HOH 52 234 52 HOH HOH A . 
B 2 HOH 53 235 53 HOH HOH A . 
B 2 HOH 54 236 54 HOH HOH A . 
B 2 HOH 55 237 55 HOH HOH A . 
B 2 HOH 56 238 56 HOH HOH A . 
B 2 HOH 57 239 57 HOH HOH A . 
B 2 HOH 58 240 58 HOH HOH A . 
B 2 HOH 59 241 59 HOH HOH A . 
B 2 HOH 60 242 60 HOH HOH A . 
B 2 HOH 61 243 61 HOH HOH A . 
B 2 HOH 62 244 62 HOH HOH A . 
B 2 HOH 63 245 63 HOH HOH A . 
B 2 HOH 64 246 64 HOH HOH A . 
B 2 HOH 65 247 65 HOH HOH A . 
B 2 HOH 66 248 66 HOH HOH A . 
B 2 HOH 67 249 67 HOH HOH A . 
B 2 HOH 68 250 68 HOH HOH A . 
B 2 HOH 69 251 69 HOH HOH A . 
B 2 HOH 70 252 70 HOH HOH A . 
B 2 HOH 71 253 71 HOH HOH A . 
B 2 HOH 72 254 72 HOH HOH A . 
B 2 HOH 73 255 73 HOH HOH A . 
B 2 HOH 74 256 74 HOH HOH A . 
B 2 HOH 75 257 75 HOH HOH A . 
B 2 HOH 76 258 76 HOH HOH A . 
B 2 HOH 77 259 77 HOH HOH A . 
B 2 HOH 78 260 78 HOH HOH A . 
B 2 HOH 79 261 79 HOH HOH A . 
B 2 HOH 80 262 80 HOH HOH A . 
B 2 HOH 81 263 81 HOH HOH A . 
B 2 HOH 82 264 82 HOH HOH A . 
B 2 HOH 83 265 83 HOH HOH A . 
# 
loop_
_pdbx_unobs_or_zero_occ_atoms.id 
_pdbx_unobs_or_zero_occ_atoms.PDB_model_num 
_pdbx_unobs_or_zero_occ_atoms.polymer_flag 
_pdbx_unobs_or_zero_occ_atoms.occupancy_flag 
_pdbx_unobs_or_zero_occ_atoms.auth_asym_id 
_pdbx_unobs_or_zero_occ_atoms.auth_comp_id 
_pdbx_unobs_or_zero_occ_atoms.auth_seq_id 
_pdbx_unobs_or_zero_occ_atoms.PDB_ins_code 
_pdbx_unobs_or_zero_occ_atoms.auth_atom_id 
_pdbx_unobs_or_zero_occ_atoms.label_alt_id 
_pdbx_unobs_or_zero_occ_atoms.label_asym_id 
_pdbx_unobs_or_zero_occ_atoms.label_comp_id 
_pdbx_unobs_or_zero_occ_atoms.label_seq_id 
_pdbx_unobs_or_zero_occ_atoms.label_atom_id 
1 1 Y 1 A GLN 9   ? CG  ? A GLN 8   CG  
2 1 Y 1 A GLN 9   ? CD  ? A GLN 8   CD  
3 1 Y 1 A GLN 9   ? OE1 ? A GLN 8   OE1 
4 1 Y 1 A GLN 9   ? NE2 ? A GLN 8   NE2 
5 1 Y 1 A SER 121 ? OG  ? A SER 120 OG  
# 
loop_
_software.name 
_software.classification 
_software.version 
_software.citation_id 
_software.pdbx_ordinal 
CNS    refinement       1.1       ? 1 
DENZO  'data reduction' .         ? 2 
CCP4   'data scaling'   '(SCALA)' ? 3 
EPMR   phasing          .         ? 4 
REFMAC refinement       5.1.24    ? 5 
# 
_cell.entry_id           1YA9 
_cell.length_a           29.034 
_cell.length_b           49.233 
_cell.length_c           112.177 
_cell.angle_alpha        90.00 
_cell.angle_beta         90.00 
_cell.angle_gamma        90.00 
_cell.Z_PDB              4 
_cell.pdbx_unique_axis   ? 
# 
_symmetry.entry_id                         1YA9 
_symmetry.space_group_name_H-M             'P 21 21 21' 
_symmetry.pdbx_full_space_group_name_H-M   ? 
_symmetry.cell_setting                     ? 
_symmetry.Int_Tables_number                19 
_symmetry.space_group_name_Hall            ? 
# 
_exptl.entry_id          1YA9 
_exptl.method            'X-RAY DIFFRACTION' 
_exptl.crystals_number   1 
# 
_exptl_crystal.id                    1 
_exptl_crystal.density_meas          ? 
_exptl_crystal.density_Matthews      1.90 
_exptl_crystal.density_percent_sol   35.40 
_exptl_crystal.description           ? 
_exptl_crystal.F_000                 ? 
_exptl_crystal.preparation           ? 
# 
_diffrn.id                     1 
_diffrn.ambient_temp           100 
_diffrn.ambient_temp_details   ? 
_diffrn.crystal_id             1 
# 
_diffrn_radiation.diffrn_id                        1 
_diffrn_radiation.wavelength_id                    1 
_diffrn_radiation.pdbx_monochromatic_or_laue_m_l   M 
_diffrn_radiation.monochromator                    ? 
_diffrn_radiation.pdbx_diffrn_protocol             'SINGLE WAVELENGTH' 
_diffrn_radiation.pdbx_scattering_type             x-ray 
# 
_diffrn_radiation_wavelength.id           1 
_diffrn_radiation_wavelength.wavelength   . 
_diffrn_radiation_wavelength.wt           1.0 
# 
_diffrn_source.diffrn_id                   1 
_diffrn_source.source                      SYNCHROTRON 
_diffrn_source.type                        'SSRL BEAMLINE BL7-1' 
_diffrn_source.pdbx_synchrotron_site       SSRL 
_diffrn_source.pdbx_synchrotron_beamline   BL7-1 
_diffrn_source.pdbx_wavelength             ? 
_diffrn_source.pdbx_wavelength_list        ? 
# 
_reflns.entry_id                     1YA9 
_reflns.observed_criterion_sigma_I   ? 
_reflns.observed_criterion_sigma_F   ? 
_reflns.d_resolution_low             20 
_reflns.d_resolution_high            2.09 
_reflns.number_obs                   9944 
_reflns.number_all                   10097 
_reflns.percent_possible_obs         ? 
_reflns.pdbx_Rmerge_I_obs            ? 
_reflns.pdbx_Rsym_value              ? 
_reflns.pdbx_netI_over_sigmaI        ? 
_reflns.B_iso_Wilson_estimate        14.1 
_reflns.pdbx_redundancy              ? 
_reflns.R_free_details               ? 
_reflns.limit_h_max                  ? 
_reflns.limit_h_min                  ? 
_reflns.limit_k_max                  ? 
_reflns.limit_k_min                  ? 
_reflns.limit_l_max                  ? 
_reflns.limit_l_min                  ? 
_reflns.observed_criterion_F_max     ? 
_reflns.observed_criterion_F_min     ? 
_reflns.pdbx_chi_squared             ? 
_reflns.pdbx_scaling_rejects         ? 
_reflns.pdbx_diffrn_id               1 
_reflns.pdbx_ordinal                 1 
# 
_reflns_shell.d_res_high             2.09 
_reflns_shell.d_res_low              2.13 
_reflns_shell.percent_possible_all   87 
_reflns_shell.Rmerge_I_obs           ? 
_reflns_shell.pdbx_Rsym_value        ? 
_reflns_shell.meanI_over_sigI_obs    ? 
_reflns_shell.pdbx_redundancy        ? 
_reflns_shell.percent_possible_obs   ? 
_reflns_shell.number_unique_all      ? 
_reflns_shell.number_measured_all    ? 
_reflns_shell.number_measured_obs    ? 
_reflns_shell.number_unique_obs      ? 
_reflns_shell.pdbx_chi_squared       ? 
_reflns_shell.pdbx_diffrn_id         ? 
_reflns_shell.pdbx_ordinal           1 
# 
_refine.entry_id                                 1YA9 
_refine.ls_number_reflns_obs                     9944 
_refine.ls_number_reflns_all                     ? 
_refine.pdbx_ls_sigma_I                          ? 
_refine.pdbx_ls_sigma_F                          0.0 
_refine.pdbx_data_cutoff_high_absF               1263371.61 
_refine.pdbx_data_cutoff_low_absF                0.000000 
_refine.pdbx_data_cutoff_high_rms_absF           ? 
_refine.ls_d_res_low                             18.78 
_refine.ls_d_res_high                            2.09 
_refine.ls_percent_reflns_obs                    98.8 
_refine.ls_R_factor_obs                          0.215 
_refine.ls_R_factor_all                          ? 
_refine.ls_R_factor_R_work                       0.215 
_refine.ls_R_factor_R_free                       0.224 
_refine.ls_R_factor_R_free_error                 0.010 
_refine.ls_R_factor_R_free_error_details         ? 
_refine.ls_percent_reflns_R_free                 5.1 
_refine.ls_number_reflns_R_free                  512 
_refine.ls_number_parameters                     ? 
_refine.ls_number_restraints                     ? 
_refine.occupancy_min                            ? 
_refine.occupancy_max                            ? 
_refine.correlation_coeff_Fo_to_Fc               0.926 
_refine.correlation_coeff_Fo_to_Fc_free          0.832 
_refine.B_iso_mean                               25.6 
_refine.aniso_B[1][1]                            -1.99 
_refine.aniso_B[2][2]                            -2.75 
_refine.aniso_B[3][3]                            4.74 
_refine.aniso_B[1][2]                            0.00 
_refine.aniso_B[1][3]                            0.00 
_refine.aniso_B[2][3]                            0.00 
_refine.solvent_model_details                    'FLAT MODEL' 
_refine.solvent_model_param_ksol                 0.352492 
_refine.solvent_model_param_bsol                 44.1753 
_refine.pdbx_solvent_vdw_probe_radii             ? 
_refine.pdbx_solvent_ion_probe_radii             ? 
_refine.pdbx_solvent_shrinkage_radii             ? 
_refine.pdbx_ls_cross_valid_method               THROUGHOUT 
_refine.details                                  'HYDROGENS HAVE BEEN ADDED IN THE RIDING POSITIONS' 
_refine.pdbx_starting_model                      ? 
_refine.pdbx_method_to_determine_struct          'MOLECULAR REPLACEMENT' 
_refine.pdbx_isotropic_thermal_model             RESTRAINED 
_refine.pdbx_stereochemistry_target_values       'MAXIMUM LIKELIHOOD' 
_refine.pdbx_stereochem_target_val_spec_case     ? 
_refine.pdbx_R_Free_selection_details            RANDOM 
_refine.pdbx_overall_ESU_R                       0.285 
_refine.pdbx_overall_ESU_R_Free                  0.273 
_refine.overall_SU_ML                            0.171 
_refine.overall_SU_B                             6.261 
_refine.ls_redundancy_reflns_obs                 ? 
_refine.B_iso_min                                ? 
_refine.B_iso_max                                ? 
_refine.overall_SU_R_Cruickshank_DPI             ? 
_refine.overall_SU_R_free                        ? 
_refine.ls_wR_factor_R_free                      ? 
_refine.ls_wR_factor_R_work                      ? 
_refine.overall_FOM_free_R_set                   ? 
_refine.overall_FOM_work_R_set                   ? 
_refine.pdbx_refine_id                           'X-RAY DIFFRACTION' 
_refine.pdbx_diffrn_id                           1 
_refine.pdbx_TLS_residual_ADP_flag               ? 
_refine.pdbx_overall_phase_error                 ? 
_refine.pdbx_overall_SU_R_free_Cruickshank_DPI   ? 
_refine.pdbx_overall_SU_R_Blow_DPI               ? 
_refine.pdbx_overall_SU_R_free_Blow_DPI          ? 
# 
_refine_analyze.entry_id                        1YA9 
_refine_analyze.Luzzati_coordinate_error_obs    0.23 
_refine_analyze.Luzzati_sigma_a_obs             0.06 
_refine_analyze.Luzzati_d_res_low_obs           5.00 
_refine_analyze.Luzzati_coordinate_error_free   0.24 
_refine_analyze.Luzzati_sigma_a_free            0.15 
_refine_analyze.Luzzati_d_res_low_free          ? 
_refine_analyze.number_disordered_residues      ? 
_refine_analyze.occupancy_sum_hydrogen          ? 
_refine_analyze.occupancy_sum_non_hydrogen      ? 
_refine_analyze.pdbx_Luzzati_d_res_high_obs     ? 
_refine_analyze.pdbx_refine_id                  'X-RAY DIFFRACTION' 
# 
_refine_hist.pdbx_refine_id                   'X-RAY DIFFRACTION' 
_refine_hist.cycle_id                         LAST 
_refine_hist.pdbx_number_atoms_protein        1365 
_refine_hist.pdbx_number_atoms_nucleic_acid   0 
_refine_hist.pdbx_number_atoms_ligand         0 
_refine_hist.number_atoms_solvent             83 
_refine_hist.number_atoms_total               1448 
_refine_hist.d_res_high                       2.09 
_refine_hist.d_res_low                        18.78 
# 
loop_
_refine_ls_restr.type 
_refine_ls_restr.dev_ideal 
_refine_ls_restr.dev_ideal_target 
_refine_ls_restr.weight 
_refine_ls_restr.number 
_refine_ls_restr.pdbx_refine_id 
_refine_ls_restr.pdbx_restraint_function 
c_bond_d                0.034 ? ? ? 'X-RAY DIFFRACTION' ? 
c_bond_d_na             ?     ? ? ? 'X-RAY DIFFRACTION' ? 
c_bond_d_prot           ?     ? ? ? 'X-RAY DIFFRACTION' ? 
c_angle_d               ?     ? ? ? 'X-RAY DIFFRACTION' ? 
c_angle_d_na            ?     ? ? ? 'X-RAY DIFFRACTION' ? 
c_angle_d_prot          ?     ? ? ? 'X-RAY DIFFRACTION' ? 
c_angle_deg             2.3   ? ? ? 'X-RAY DIFFRACTION' ? 
c_angle_deg_na          ?     ? ? ? 'X-RAY DIFFRACTION' ? 
c_angle_deg_prot        ?     ? ? ? 'X-RAY DIFFRACTION' ? 
c_dihedral_angle_d      20.4  ? ? ? 'X-RAY DIFFRACTION' ? 
c_dihedral_angle_d_na   ?     ? ? ? 'X-RAY DIFFRACTION' ? 
c_dihedral_angle_d_prot ?     ? ? ? 'X-RAY DIFFRACTION' ? 
c_improper_angle_d      2.37  ? ? ? 'X-RAY DIFFRACTION' ? 
c_improper_angle_d_na   ?     ? ? ? 'X-RAY DIFFRACTION' ? 
c_improper_angle_d_prot ?     ? ? ? 'X-RAY DIFFRACTION' ? 
c_mcbond_it             ?     ? ? ? 'X-RAY DIFFRACTION' ? 
c_mcangle_it            ?     ? ? ? 'X-RAY DIFFRACTION' ? 
c_scbond_it             ?     ? ? ? 'X-RAY DIFFRACTION' ? 
c_scangle_it            ?     ? ? ? 'X-RAY DIFFRACTION' ? 
# 
_refine_ls_shell.pdbx_total_number_of_bins_used   6 
_refine_ls_shell.d_res_high                       2.09 
_refine_ls_shell.d_res_low                        2.13 
_refine_ls_shell.number_reflns_R_work             391 
_refine_ls_shell.R_factor_R_work                  0.229 
_refine_ls_shell.percent_reflns_obs               22.0 
_refine_ls_shell.R_factor_R_free                  0.295 
_refine_ls_shell.R_factor_R_free_error            0.066 
_refine_ls_shell.percent_reflns_R_free            4.9 
_refine_ls_shell.number_reflns_R_free             20 
_refine_ls_shell.redundancy_reflns_obs            ? 
_refine_ls_shell.number_reflns_all                ? 
_refine_ls_shell.number_reflns_obs                ? 
_refine_ls_shell.pdbx_refine_id                   'X-RAY DIFFRACTION' 
_refine_ls_shell.R_factor_all                     ? 
# 
loop_
_pdbx_xplor_file.serial_no 
_pdbx_xplor_file.param_file 
_pdbx_xplor_file.topol_file 
_pdbx_xplor_file.pdbx_refine_id 
1 PROTEIN_REP.PARAM PROTEIN.TOP 'X-RAY DIFFRACTION' 
2 WATER.PARAM       WATER.TOP   'X-RAY DIFFRACTION' 
# 
_struct.entry_id                  1YA9 
_struct.title                     'Crystal Structure of the 22kDa N-Terminal Fragment of Mouse Apolipoprotein E' 
_struct.pdbx_model_details        ? 
_struct.pdbx_CASP_flag            ? 
_struct.pdbx_model_type_details   ? 
# 
_struct_keywords.entry_id        1YA9 
_struct_keywords.pdbx_keywords   'LIPID TRANSPORT' 
_struct_keywords.text            'Apolipoprotein E, LDL receptor binding, LIPID TRANSPORT' 
# 
loop_
_struct_asym.id 
_struct_asym.pdbx_blank_PDB_chainid_flag 
_struct_asym.pdbx_modified 
_struct_asym.entity_id 
_struct_asym.details 
A N N 1 ? 
B N N 2 ? 
# 
_struct_ref.id                         1 
_struct_ref.db_name                    UNP 
_struct_ref.db_code                    APOE_MOUSE 
_struct_ref.pdbx_db_accession          P08226 
_struct_ref.entity_id                  1 
_struct_ref.pdbx_seq_one_letter_code   
;GEPEVTDQLEWQSNQPWEQALNRFWDYLRWVQTLSDQVQEELQSSQVTQELTALMEDTMTEVKAYKKELEEQLGPVAEET
RARLGKEVQAAQARLGADMEDLRNRLGQYRNEVHTMLGQSTEEIRARLSTHLRKMRKRLMRDAEDLQKRLAVYKAGAREG
AERGVSAIRERLGPLVEQGRQ
;
_struct_ref.pdbx_align_begin           20 
_struct_ref.pdbx_db_isoform            ? 
# 
_struct_ref_seq.align_id                      1 
_struct_ref_seq.ref_id                        1 
_struct_ref_seq.pdbx_PDB_id_code              1YA9 
_struct_ref_seq.pdbx_strand_id                A 
_struct_ref_seq.seq_align_beg                 1 
_struct_ref_seq.pdbx_seq_align_beg_ins_code   ? 
_struct_ref_seq.seq_align_end                 181 
_struct_ref_seq.pdbx_seq_align_end_ins_code   ? 
_struct_ref_seq.pdbx_db_accession             P08226 
_struct_ref_seq.db_align_beg                  20 
_struct_ref_seq.pdbx_db_align_beg_ins_code    ? 
_struct_ref_seq.db_align_end                  200 
_struct_ref_seq.pdbx_db_align_end_ins_code    ? 
_struct_ref_seq.pdbx_auth_seq_align_beg       2 
_struct_ref_seq.pdbx_auth_seq_align_end       182 
# 
_pdbx_struct_assembly.id                   1 
_pdbx_struct_assembly.details              author_defined_assembly 
_pdbx_struct_assembly.method_details       ? 
_pdbx_struct_assembly.oligomeric_details   monomeric 
_pdbx_struct_assembly.oligomeric_count     1 
# 
_pdbx_struct_assembly_gen.assembly_id       1 
_pdbx_struct_assembly_gen.oper_expression   1 
_pdbx_struct_assembly_gen.asym_id_list      A,B 
# 
_pdbx_struct_oper_list.id                   1 
_pdbx_struct_oper_list.type                 'identity operation' 
_pdbx_struct_oper_list.name                 1_555 
_pdbx_struct_oper_list.symmetry_operation   x,y,z 
_pdbx_struct_oper_list.matrix[1][1]         1.0000000000 
_pdbx_struct_oper_list.matrix[1][2]         0.0000000000 
_pdbx_struct_oper_list.matrix[1][3]         0.0000000000 
_pdbx_struct_oper_list.vector[1]            0.0000000000 
_pdbx_struct_oper_list.matrix[2][1]         0.0000000000 
_pdbx_struct_oper_list.matrix[2][2]         1.0000000000 
_pdbx_struct_oper_list.matrix[2][3]         0.0000000000 
_pdbx_struct_oper_list.vector[2]            0.0000000000 
_pdbx_struct_oper_list.matrix[3][1]         0.0000000000 
_pdbx_struct_oper_list.matrix[3][2]         0.0000000000 
_pdbx_struct_oper_list.matrix[3][3]         1.0000000000 
_pdbx_struct_oper_list.vector[3]            0.0000000000 
# 
_struct_biol.id                    1 
_struct_biol.pdbx_parent_biol_id   ? 
_struct_biol.details               ? 
# 
loop_
_struct_conf.conf_type_id 
_struct_conf.id 
_struct_conf.pdbx_PDB_helix_id 
_struct_conf.beg_label_comp_id 
_struct_conf.beg_label_asym_id 
_struct_conf.beg_label_seq_id 
_struct_conf.pdbx_beg_PDB_ins_code 
_struct_conf.end_label_comp_id 
_struct_conf.end_label_asym_id 
_struct_conf.end_label_seq_id 
_struct_conf.pdbx_end_PDB_ins_code 
_struct_conf.beg_auth_comp_id 
_struct_conf.beg_auth_asym_id 
_struct_conf.beg_auth_seq_id 
_struct_conf.end_auth_comp_id 
_struct_conf.end_auth_asym_id 
_struct_conf.end_auth_seq_id 
_struct_conf.pdbx_PDB_helix_class 
_struct_conf.details 
_struct_conf.pdbx_PDB_helix_length 
HELX_P HELX_P1 1 LEU A 9   ? SER A 13  ? LEU A 10  SER A 14  5 ? 5  
HELX_P HELX_P2 2 ASN A 14  ? GLN A 32  ? ASN A 15  GLN A 33  1 ? 19 
HELX_P HELX_P3 3 SER A 35  ? SER A 44  ? SER A 36  SER A 45  1 ? 10 
HELX_P HELX_P4 4 SER A 45  ? LEU A 51  ? SER A 46  LEU A 52  1 ? 7  
HELX_P HELX_P5 5 ALA A 53  ? GLN A 72  ? ALA A 54  GLN A 73  1 ? 20 
HELX_P HELX_P6 6 ALA A 77  ? GLU A 87  ? ALA A 78  GLU A 88  1 ? 11 
HELX_P HELX_P7 7 GLN A 89  ? MET A 116 ? GLN A 90  MET A 117 1 ? 28 
HELX_P HELX_P8 8 ARG A 125 ? LYS A 154 ? ARG A 126 LYS A 155 1 ? 30 
HELX_P HELX_P9 9 GLY A 164 ? GLY A 173 ? GLY A 165 GLY A 174 1 ? 10 
# 
_struct_conf_type.id          HELX_P 
_struct_conf_type.criteria    ? 
_struct_conf_type.reference   ? 
# 
loop_
_struct_mon_prot_cis.pdbx_id 
_struct_mon_prot_cis.label_comp_id 
_struct_mon_prot_cis.label_seq_id 
_struct_mon_prot_cis.label_asym_id 
_struct_mon_prot_cis.label_alt_id 
_struct_mon_prot_cis.pdbx_PDB_ins_code 
_struct_mon_prot_cis.auth_comp_id 
_struct_mon_prot_cis.auth_seq_id 
_struct_mon_prot_cis.auth_asym_id 
_struct_mon_prot_cis.pdbx_label_comp_id_2 
_struct_mon_prot_cis.pdbx_label_seq_id_2 
_struct_mon_prot_cis.pdbx_label_asym_id_2 
_struct_mon_prot_cis.pdbx_PDB_ins_code_2 
_struct_mon_prot_cis.pdbx_auth_comp_id_2 
_struct_mon_prot_cis.pdbx_auth_seq_id_2 
_struct_mon_prot_cis.pdbx_auth_asym_id_2 
_struct_mon_prot_cis.pdbx_PDB_model_num 
_struct_mon_prot_cis.pdbx_omega_angle 
1 GLY 74  A . ? GLY 75  A PRO 75  A ? PRO 76  A 1 10.97 
2 GLY 173 A . ? GLY 174 A PRO 174 A ? PRO 175 A 1 -6.89 
# 
_pdbx_validate_close_contact.id               1 
_pdbx_validate_close_contact.PDB_model_num    1 
_pdbx_validate_close_contact.auth_atom_id_1   NE 
_pdbx_validate_close_contact.auth_asym_id_1   A 
_pdbx_validate_close_contact.auth_comp_id_1   ARG 
_pdbx_validate_close_contact.auth_seq_id_1    142 
_pdbx_validate_close_contact.PDB_ins_code_1   ? 
_pdbx_validate_close_contact.label_alt_id_1   ? 
_pdbx_validate_close_contact.auth_atom_id_2   O 
_pdbx_validate_close_contact.auth_asym_id_2   A 
_pdbx_validate_close_contact.auth_comp_id_2   HOH 
_pdbx_validate_close_contact.auth_seq_id_2    211 
_pdbx_validate_close_contact.PDB_ins_code_2   ? 
_pdbx_validate_close_contact.label_alt_id_2   ? 
_pdbx_validate_close_contact.dist             2.07 
# 
loop_
_pdbx_validate_rmsd_angle.id 
_pdbx_validate_rmsd_angle.PDB_model_num 
_pdbx_validate_rmsd_angle.auth_atom_id_1 
_pdbx_validate_rmsd_angle.auth_asym_id_1 
_pdbx_validate_rmsd_angle.auth_comp_id_1 
_pdbx_validate_rmsd_angle.auth_seq_id_1 
_pdbx_validate_rmsd_angle.PDB_ins_code_1 
_pdbx_validate_rmsd_angle.label_alt_id_1 
_pdbx_validate_rmsd_angle.auth_atom_id_2 
_pdbx_validate_rmsd_angle.auth_asym_id_2 
_pdbx_validate_rmsd_angle.auth_comp_id_2 
_pdbx_validate_rmsd_angle.auth_seq_id_2 
_pdbx_validate_rmsd_angle.PDB_ins_code_2 
_pdbx_validate_rmsd_angle.label_alt_id_2 
_pdbx_validate_rmsd_angle.auth_atom_id_3 
_pdbx_validate_rmsd_angle.auth_asym_id_3 
_pdbx_validate_rmsd_angle.auth_comp_id_3 
_pdbx_validate_rmsd_angle.auth_seq_id_3 
_pdbx_validate_rmsd_angle.PDB_ins_code_3 
_pdbx_validate_rmsd_angle.label_alt_id_3 
_pdbx_validate_rmsd_angle.angle_value 
_pdbx_validate_rmsd_angle.angle_target_value 
_pdbx_validate_rmsd_angle.angle_deviation 
_pdbx_validate_rmsd_angle.angle_standard_deviation 
_pdbx_validate_rmsd_angle.linker_flag 
1 1 NE A ARG 84  ? ? CZ A ARG 84  ? ? NH1 A ARG 84  ? ? 123.71 120.30 3.41  0.50 N 
2 1 NE A ARG 84  ? ? CZ A ARG 84  ? ? NH2 A ARG 84  ? ? 117.18 120.30 -3.12 0.50 N 
3 1 NE A ARG 134 ? ? CZ A ARG 134 ? ? NH1 A ARG 134 ? ? 126.58 120.30 6.28  0.50 N 
4 1 NE A ARG 134 ? ? CZ A ARG 134 ? ? NH2 A ARG 134 ? ? 112.77 120.30 -7.53 0.50 N 
5 1 NE A ARG 137 ? ? CZ A ARG 137 ? ? NH1 A ARG 137 ? ? 115.90 120.30 -4.40 0.50 N 
6 1 NE A ARG 172 ? ? CZ A ARG 172 ? ? NH1 A ARG 172 ? ? 123.42 120.30 3.12  0.50 N 
# 
loop_
_pdbx_validate_torsion.id 
_pdbx_validate_torsion.PDB_model_num 
_pdbx_validate_torsion.auth_comp_id 
_pdbx_validate_torsion.auth_asym_id 
_pdbx_validate_torsion.auth_seq_id 
_pdbx_validate_torsion.PDB_ins_code 
_pdbx_validate_torsion.label_alt_id 
_pdbx_validate_torsion.phi 
_pdbx_validate_torsion.psi 
1 1 SER A 36  ? ? -58.29 176.37  
2 1 ALA A 156 ? ? 179.81 -141.61 
# 
loop_
_pdbx_unobs_or_zero_occ_residues.id 
_pdbx_unobs_or_zero_occ_residues.PDB_model_num 
_pdbx_unobs_or_zero_occ_residues.polymer_flag 
_pdbx_unobs_or_zero_occ_residues.occupancy_flag 
_pdbx_unobs_or_zero_occ_residues.auth_asym_id 
_pdbx_unobs_or_zero_occ_residues.auth_comp_id 
_pdbx_unobs_or_zero_occ_residues.auth_seq_id 
_pdbx_unobs_or_zero_occ_residues.PDB_ins_code 
_pdbx_unobs_or_zero_occ_residues.label_asym_id 
_pdbx_unobs_or_zero_occ_residues.label_comp_id 
_pdbx_unobs_or_zero_occ_residues.label_seq_id 
1  1 Y 1 A GLY 2   ? A GLY 1   
2  1 Y 1 A GLU 3   ? A GLU 2   
3  1 Y 1 A ARG 159 ? A ARG 158 
4  1 Y 1 A GLU 160 ? A GLU 159 
5  1 Y 1 A GLY 161 ? A GLY 160 
6  1 Y 1 A ALA 162 ? A ALA 161 
7  1 Y 1 A GLU 163 ? A GLU 162 
8  1 Y 1 A ARG 164 ? A ARG 163 
9  1 Y 1 A GLU 178 ? A GLU 177 
10 1 Y 1 A GLN 179 ? A GLN 178 
11 1 Y 1 A GLY 180 ? A GLY 179 
12 1 Y 1 A ARG 181 ? A ARG 180 
13 1 Y 1 A GLN 182 ? A GLN 181 
# 
loop_
_chem_comp_atom.comp_id 
_chem_comp_atom.atom_id 
_chem_comp_atom.type_symbol 
_chem_comp_atom.pdbx_aromatic_flag 
_chem_comp_atom.pdbx_stereo_config 
_chem_comp_atom.pdbx_ordinal 
ALA N    N N N 1   
ALA CA   C N S 2   
ALA C    C N N 3   
ALA O    O N N 4   
ALA CB   C N N 5   
ALA OXT  O N N 6   
ALA H    H N N 7   
ALA H2   H N N 8   
ALA HA   H N N 9   
ALA HB1  H N N 10  
ALA HB2  H N N 11  
ALA HB3  H N N 12  
ALA HXT  H N N 13  
ARG N    N N N 14  
ARG CA   C N S 15  
ARG C    C N N 16  
ARG O    O N N 17  
ARG CB   C N N 18  
ARG CG   C N N 19  
ARG CD   C N N 20  
ARG NE   N N N 21  
ARG CZ   C N N 22  
ARG NH1  N N N 23  
ARG NH2  N N N 24  
ARG OXT  O N N 25  
ARG H    H N N 26  
ARG H2   H N N 27  
ARG HA   H N N 28  
ARG HB2  H N N 29  
ARG HB3  H N N 30  
ARG HG2  H N N 31  
ARG HG3  H N N 32  
ARG HD2  H N N 33  
ARG HD3  H N N 34  
ARG HE   H N N 35  
ARG HH11 H N N 36  
ARG HH12 H N N 37  
ARG HH21 H N N 38  
ARG HH22 H N N 39  
ARG HXT  H N N 40  
ASN N    N N N 41  
ASN CA   C N S 42  
ASN C    C N N 43  
ASN O    O N N 44  
ASN CB   C N N 45  
ASN CG   C N N 46  
ASN OD1  O N N 47  
ASN ND2  N N N 48  
ASN OXT  O N N 49  
ASN H    H N N 50  
ASN H2   H N N 51  
ASN HA   H N N 52  
ASN HB2  H N N 53  
ASN HB3  H N N 54  
ASN HD21 H N N 55  
ASN HD22 H N N 56  
ASN HXT  H N N 57  
ASP N    N N N 58  
ASP CA   C N S 59  
ASP C    C N N 60  
ASP O    O N N 61  
ASP CB   C N N 62  
ASP CG   C N N 63  
ASP OD1  O N N 64  
ASP OD2  O N N 65  
ASP OXT  O N N 66  
ASP H    H N N 67  
ASP H2   H N N 68  
ASP HA   H N N 69  
ASP HB2  H N N 70  
ASP HB3  H N N 71  
ASP HD2  H N N 72  
ASP HXT  H N N 73  
GLN N    N N N 74  
GLN CA   C N S 75  
GLN C    C N N 76  
GLN O    O N N 77  
GLN CB   C N N 78  
GLN CG   C N N 79  
GLN CD   C N N 80  
GLN OE1  O N N 81  
GLN NE2  N N N 82  
GLN OXT  O N N 83  
GLN H    H N N 84  
GLN H2   H N N 85  
GLN HA   H N N 86  
GLN HB2  H N N 87  
GLN HB3  H N N 88  
GLN HG2  H N N 89  
GLN HG3  H N N 90  
GLN HE21 H N N 91  
GLN HE22 H N N 92  
GLN HXT  H N N 93  
GLU N    N N N 94  
GLU CA   C N S 95  
GLU C    C N N 96  
GLU O    O N N 97  
GLU CB   C N N 98  
GLU CG   C N N 99  
GLU CD   C N N 100 
GLU OE1  O N N 101 
GLU OE2  O N N 102 
GLU OXT  O N N 103 
GLU H    H N N 104 
GLU H2   H N N 105 
GLU HA   H N N 106 
GLU HB2  H N N 107 
GLU HB3  H N N 108 
GLU HG2  H N N 109 
GLU HG3  H N N 110 
GLU HE2  H N N 111 
GLU HXT  H N N 112 
GLY N    N N N 113 
GLY CA   C N N 114 
GLY C    C N N 115 
GLY O    O N N 116 
GLY OXT  O N N 117 
GLY H    H N N 118 
GLY H2   H N N 119 
GLY HA2  H N N 120 
GLY HA3  H N N 121 
GLY HXT  H N N 122 
HIS N    N N N 123 
HIS CA   C N S 124 
HIS C    C N N 125 
HIS O    O N N 126 
HIS CB   C N N 127 
HIS CG   C Y N 128 
HIS ND1  N Y N 129 
HIS CD2  C Y N 130 
HIS CE1  C Y N 131 
HIS NE2  N Y N 132 
HIS OXT  O N N 133 
HIS H    H N N 134 
HIS H2   H N N 135 
HIS HA   H N N 136 
HIS HB2  H N N 137 
HIS HB3  H N N 138 
HIS HD1  H N N 139 
HIS HD2  H N N 140 
HIS HE1  H N N 141 
HIS HE2  H N N 142 
HIS HXT  H N N 143 
HOH O    O N N 144 
HOH H1   H N N 145 
HOH H2   H N N 146 
ILE N    N N N 147 
ILE CA   C N S 148 
ILE C    C N N 149 
ILE O    O N N 150 
ILE CB   C N S 151 
ILE CG1  C N N 152 
ILE CG2  C N N 153 
ILE CD1  C N N 154 
ILE OXT  O N N 155 
ILE H    H N N 156 
ILE H2   H N N 157 
ILE HA   H N N 158 
ILE HB   H N N 159 
ILE HG12 H N N 160 
ILE HG13 H N N 161 
ILE HG21 H N N 162 
ILE HG22 H N N 163 
ILE HG23 H N N 164 
ILE HD11 H N N 165 
ILE HD12 H N N 166 
ILE HD13 H N N 167 
ILE HXT  H N N 168 
LEU N    N N N 169 
LEU CA   C N S 170 
LEU C    C N N 171 
LEU O    O N N 172 
LEU CB   C N N 173 
LEU CG   C N N 174 
LEU CD1  C N N 175 
LEU CD2  C N N 176 
LEU OXT  O N N 177 
LEU H    H N N 178 
LEU H2   H N N 179 
LEU HA   H N N 180 
LEU HB2  H N N 181 
LEU HB3  H N N 182 
LEU HG   H N N 183 
LEU HD11 H N N 184 
LEU HD12 H N N 185 
LEU HD13 H N N 186 
LEU HD21 H N N 187 
LEU HD22 H N N 188 
LEU HD23 H N N 189 
LEU HXT  H N N 190 
LYS N    N N N 191 
LYS CA   C N S 192 
LYS C    C N N 193 
LYS O    O N N 194 
LYS CB   C N N 195 
LYS CG   C N N 196 
LYS CD   C N N 197 
LYS CE   C N N 198 
LYS NZ   N N N 199 
LYS OXT  O N N 200 
LYS H    H N N 201 
LYS H2   H N N 202 
LYS HA   H N N 203 
LYS HB2  H N N 204 
LYS HB3  H N N 205 
LYS HG2  H N N 206 
LYS HG3  H N N 207 
LYS HD2  H N N 208 
LYS HD3  H N N 209 
LYS HE2  H N N 210 
LYS HE3  H N N 211 
LYS HZ1  H N N 212 
LYS HZ2  H N N 213 
LYS HZ3  H N N 214 
LYS HXT  H N N 215 
MET N    N N N 216 
MET CA   C N S 217 
MET C    C N N 218 
MET O    O N N 219 
MET CB   C N N 220 
MET CG   C N N 221 
MET SD   S N N 222 
MET CE   C N N 223 
MET OXT  O N N 224 
MET H    H N N 225 
MET H2   H N N 226 
MET HA   H N N 227 
MET HB2  H N N 228 
MET HB3  H N N 229 
MET HG2  H N N 230 
MET HG3  H N N 231 
MET HE1  H N N 232 
MET HE2  H N N 233 
MET HE3  H N N 234 
MET HXT  H N N 235 
PHE N    N N N 236 
PHE CA   C N S 237 
PHE C    C N N 238 
PHE O    O N N 239 
PHE CB   C N N 240 
PHE CG   C Y N 241 
PHE CD1  C Y N 242 
PHE CD2  C Y N 243 
PHE CE1  C Y N 244 
PHE CE2  C Y N 245 
PHE CZ   C Y N 246 
PHE OXT  O N N 247 
PHE H    H N N 248 
PHE H2   H N N 249 
PHE HA   H N N 250 
PHE HB2  H N N 251 
PHE HB3  H N N 252 
PHE HD1  H N N 253 
PHE HD2  H N N 254 
PHE HE1  H N N 255 
PHE HE2  H N N 256 
PHE HZ   H N N 257 
PHE HXT  H N N 258 
PRO N    N N N 259 
PRO CA   C N S 260 
PRO C    C N N 261 
PRO O    O N N 262 
PRO CB   C N N 263 
PRO CG   C N N 264 
PRO CD   C N N 265 
PRO OXT  O N N 266 
PRO H    H N N 267 
PRO HA   H N N 268 
PRO HB2  H N N 269 
PRO HB3  H N N 270 
PRO HG2  H N N 271 
PRO HG3  H N N 272 
PRO HD2  H N N 273 
PRO HD3  H N N 274 
PRO HXT  H N N 275 
SER N    N N N 276 
SER CA   C N S 277 
SER C    C N N 278 
SER O    O N N 279 
SER CB   C N N 280 
SER OG   O N N 281 
SER OXT  O N N 282 
SER H    H N N 283 
SER H2   H N N 284 
SER HA   H N N 285 
SER HB2  H N N 286 
SER HB3  H N N 287 
SER HG   H N N 288 
SER HXT  H N N 289 
THR N    N N N 290 
THR CA   C N S 291 
THR C    C N N 292 
THR O    O N N 293 
THR CB   C N R 294 
THR OG1  O N N 295 
THR CG2  C N N 296 
THR OXT  O N N 297 
THR H    H N N 298 
THR H2   H N N 299 
THR HA   H N N 300 
THR HB   H N N 301 
THR HG1  H N N 302 
THR HG21 H N N 303 
THR HG22 H N N 304 
THR HG23 H N N 305 
THR HXT  H N N 306 
TRP N    N N N 307 
TRP CA   C N S 308 
TRP C    C N N 309 
TRP O    O N N 310 
TRP CB   C N N 311 
TRP CG   C Y N 312 
TRP CD1  C Y N 313 
TRP CD2  C Y N 314 
TRP NE1  N Y N 315 
TRP CE2  C Y N 316 
TRP CE3  C Y N 317 
TRP CZ2  C Y N 318 
TRP CZ3  C Y N 319 
TRP CH2  C Y N 320 
TRP OXT  O N N 321 
TRP H    H N N 322 
TRP H2   H N N 323 
TRP HA   H N N 324 
TRP HB2  H N N 325 
TRP HB3  H N N 326 
TRP HD1  H N N 327 
TRP HE1  H N N 328 
TRP HE3  H N N 329 
TRP HZ2  H N N 330 
TRP HZ3  H N N 331 
TRP HH2  H N N 332 
TRP HXT  H N N 333 
TYR N    N N N 334 
TYR CA   C N S 335 
TYR C    C N N 336 
TYR O    O N N 337 
TYR CB   C N N 338 
TYR CG   C Y N 339 
TYR CD1  C Y N 340 
TYR CD2  C Y N 341 
TYR CE1  C Y N 342 
TYR CE2  C Y N 343 
TYR CZ   C Y N 344 
TYR OH   O N N 345 
TYR OXT  O N N 346 
TYR H    H N N 347 
TYR H2   H N N 348 
TYR HA   H N N 349 
TYR HB2  H N N 350 
TYR HB3  H N N 351 
TYR HD1  H N N 352 
TYR HD2  H N N 353 
TYR HE1  H N N 354 
TYR HE2  H N N 355 
TYR HH   H N N 356 
TYR HXT  H N N 357 
VAL N    N N N 358 
VAL CA   C N S 359 
VAL C    C N N 360 
VAL O    O N N 361 
VAL CB   C N N 362 
VAL CG1  C N N 363 
VAL CG2  C N N 364 
VAL OXT  O N N 365 
VAL H    H N N 366 
VAL H2   H N N 367 
VAL HA   H N N 368 
VAL HB   H N N 369 
VAL HG11 H N N 370 
VAL HG12 H N N 371 
VAL HG13 H N N 372 
VAL HG21 H N N 373 
VAL HG22 H N N 374 
VAL HG23 H N N 375 
VAL HXT  H N N 376 
# 
loop_
_chem_comp_bond.comp_id 
_chem_comp_bond.atom_id_1 
_chem_comp_bond.atom_id_2 
_chem_comp_bond.value_order 
_chem_comp_bond.pdbx_aromatic_flag 
_chem_comp_bond.pdbx_stereo_config 
_chem_comp_bond.pdbx_ordinal 
ALA N   CA   sing N N 1   
ALA N   H    sing N N 2   
ALA N   H2   sing N N 3   
ALA CA  C    sing N N 4   
ALA CA  CB   sing N N 5   
ALA CA  HA   sing N N 6   
ALA C   O    doub N N 7   
ALA C   OXT  sing N N 8   
ALA CB  HB1  sing N N 9   
ALA CB  HB2  sing N N 10  
ALA CB  HB3  sing N N 11  
ALA OXT HXT  sing N N 12  
ARG N   CA   sing N N 13  
ARG N   H    sing N N 14  
ARG N   H2   sing N N 15  
ARG CA  C    sing N N 16  
ARG CA  CB   sing N N 17  
ARG CA  HA   sing N N 18  
ARG C   O    doub N N 19  
ARG C   OXT  sing N N 20  
ARG CB  CG   sing N N 21  
ARG CB  HB2  sing N N 22  
ARG CB  HB3  sing N N 23  
ARG CG  CD   sing N N 24  
ARG CG  HG2  sing N N 25  
ARG CG  HG3  sing N N 26  
ARG CD  NE   sing N N 27  
ARG CD  HD2  sing N N 28  
ARG CD  HD3  sing N N 29  
ARG NE  CZ   sing N N 30  
ARG NE  HE   sing N N 31  
ARG CZ  NH1  sing N N 32  
ARG CZ  NH2  doub N N 33  
ARG NH1 HH11 sing N N 34  
ARG NH1 HH12 sing N N 35  
ARG NH2 HH21 sing N N 36  
ARG NH2 HH22 sing N N 37  
ARG OXT HXT  sing N N 38  
ASN N   CA   sing N N 39  
ASN N   H    sing N N 40  
ASN N   H2   sing N N 41  
ASN CA  C    sing N N 42  
ASN CA  CB   sing N N 43  
ASN CA  HA   sing N N 44  
ASN C   O    doub N N 45  
ASN C   OXT  sing N N 46  
ASN CB  CG   sing N N 47  
ASN CB  HB2  sing N N 48  
ASN CB  HB3  sing N N 49  
ASN CG  OD1  doub N N 50  
ASN CG  ND2  sing N N 51  
ASN ND2 HD21 sing N N 52  
ASN ND2 HD22 sing N N 53  
ASN OXT HXT  sing N N 54  
ASP N   CA   sing N N 55  
ASP N   H    sing N N 56  
ASP N   H2   sing N N 57  
ASP CA  C    sing N N 58  
ASP CA  CB   sing N N 59  
ASP CA  HA   sing N N 60  
ASP C   O    doub N N 61  
ASP C   OXT  sing N N 62  
ASP CB  CG   sing N N 63  
ASP CB  HB2  sing N N 64  
ASP CB  HB3  sing N N 65  
ASP CG  OD1  doub N N 66  
ASP CG  OD2  sing N N 67  
ASP OD2 HD2  sing N N 68  
ASP OXT HXT  sing N N 69  
GLN N   CA   sing N N 70  
GLN N   H    sing N N 71  
GLN N   H2   sing N N 72  
GLN CA  C    sing N N 73  
GLN CA  CB   sing N N 74  
GLN CA  HA   sing N N 75  
GLN C   O    doub N N 76  
GLN C   OXT  sing N N 77  
GLN CB  CG   sing N N 78  
GLN CB  HB2  sing N N 79  
GLN CB  HB3  sing N N 80  
GLN CG  CD   sing N N 81  
GLN CG  HG2  sing N N 82  
GLN CG  HG3  sing N N 83  
GLN CD  OE1  doub N N 84  
GLN CD  NE2  sing N N 85  
GLN NE2 HE21 sing N N 86  
GLN NE2 HE22 sing N N 87  
GLN OXT HXT  sing N N 88  
GLU N   CA   sing N N 89  
GLU N   H    sing N N 90  
GLU N   H2   sing N N 91  
GLU CA  C    sing N N 92  
GLU CA  CB   sing N N 93  
GLU CA  HA   sing N N 94  
GLU C   O    doub N N 95  
GLU C   OXT  sing N N 96  
GLU CB  CG   sing N N 97  
GLU CB  HB2  sing N N 98  
GLU CB  HB3  sing N N 99  
GLU CG  CD   sing N N 100 
GLU CG  HG2  sing N N 101 
GLU CG  HG3  sing N N 102 
GLU CD  OE1  doub N N 103 
GLU CD  OE2  sing N N 104 
GLU OE2 HE2  sing N N 105 
GLU OXT HXT  sing N N 106 
GLY N   CA   sing N N 107 
GLY N   H    sing N N 108 
GLY N   H2   sing N N 109 
GLY CA  C    sing N N 110 
GLY CA  HA2  sing N N 111 
GLY CA  HA3  sing N N 112 
GLY C   O    doub N N 113 
GLY C   OXT  sing N N 114 
GLY OXT HXT  sing N N 115 
HIS N   CA   sing N N 116 
HIS N   H    sing N N 117 
HIS N   H2   sing N N 118 
HIS CA  C    sing N N 119 
HIS CA  CB   sing N N 120 
HIS CA  HA   sing N N 121 
HIS C   O    doub N N 122 
HIS C   OXT  sing N N 123 
HIS CB  CG   sing N N 124 
HIS CB  HB2  sing N N 125 
HIS CB  HB3  sing N N 126 
HIS CG  ND1  sing Y N 127 
HIS CG  CD2  doub Y N 128 
HIS ND1 CE1  doub Y N 129 
HIS ND1 HD1  sing N N 130 
HIS CD2 NE2  sing Y N 131 
HIS CD2 HD2  sing N N 132 
HIS CE1 NE2  sing Y N 133 
HIS CE1 HE1  sing N N 134 
HIS NE2 HE2  sing N N 135 
HIS OXT HXT  sing N N 136 
HOH O   H1   sing N N 137 
HOH O   H2   sing N N 138 
ILE N   CA   sing N N 139 
ILE N   H    sing N N 140 
ILE N   H2   sing N N 141 
ILE CA  C    sing N N 142 
ILE CA  CB   sing N N 143 
ILE CA  HA   sing N N 144 
ILE C   O    doub N N 145 
ILE C   OXT  sing N N 146 
ILE CB  CG1  sing N N 147 
ILE CB  CG2  sing N N 148 
ILE CB  HB   sing N N 149 
ILE CG1 CD1  sing N N 150 
ILE CG1 HG12 sing N N 151 
ILE CG1 HG13 sing N N 152 
ILE CG2 HG21 sing N N 153 
ILE CG2 HG22 sing N N 154 
ILE CG2 HG23 sing N N 155 
ILE CD1 HD11 sing N N 156 
ILE CD1 HD12 sing N N 157 
ILE CD1 HD13 sing N N 158 
ILE OXT HXT  sing N N 159 
LEU N   CA   sing N N 160 
LEU N   H    sing N N 161 
LEU N   H2   sing N N 162 
LEU CA  C    sing N N 163 
LEU CA  CB   sing N N 164 
LEU CA  HA   sing N N 165 
LEU C   O    doub N N 166 
LEU C   OXT  sing N N 167 
LEU CB  CG   sing N N 168 
LEU CB  HB2  sing N N 169 
LEU CB  HB3  sing N N 170 
LEU CG  CD1  sing N N 171 
LEU CG  CD2  sing N N 172 
LEU CG  HG   sing N N 173 
LEU CD1 HD11 sing N N 174 
LEU CD1 HD12 sing N N 175 
LEU CD1 HD13 sing N N 176 
LEU CD2 HD21 sing N N 177 
LEU CD2 HD22 sing N N 178 
LEU CD2 HD23 sing N N 179 
LEU OXT HXT  sing N N 180 
LYS N   CA   sing N N 181 
LYS N   H    sing N N 182 
LYS N   H2   sing N N 183 
LYS CA  C    sing N N 184 
LYS CA  CB   sing N N 185 
LYS CA  HA   sing N N 186 
LYS C   O    doub N N 187 
LYS C   OXT  sing N N 188 
LYS CB  CG   sing N N 189 
LYS CB  HB2  sing N N 190 
LYS CB  HB3  sing N N 191 
LYS CG  CD   sing N N 192 
LYS CG  HG2  sing N N 193 
LYS CG  HG3  sing N N 194 
LYS CD  CE   sing N N 195 
LYS CD  HD2  sing N N 196 
LYS CD  HD3  sing N N 197 
LYS CE  NZ   sing N N 198 
LYS CE  HE2  sing N N 199 
LYS CE  HE3  sing N N 200 
LYS NZ  HZ1  sing N N 201 
LYS NZ  HZ2  sing N N 202 
LYS NZ  HZ3  sing N N 203 
LYS OXT HXT  sing N N 204 
MET N   CA   sing N N 205 
MET N   H    sing N N 206 
MET N   H2   sing N N 207 
MET CA  C    sing N N 208 
MET CA  CB   sing N N 209 
MET CA  HA   sing N N 210 
MET C   O    doub N N 211 
MET C   OXT  sing N N 212 
MET CB  CG   sing N N 213 
MET CB  HB2  sing N N 214 
MET CB  HB3  sing N N 215 
MET CG  SD   sing N N 216 
MET CG  HG2  sing N N 217 
MET CG  HG3  sing N N 218 
MET SD  CE   sing N N 219 
MET CE  HE1  sing N N 220 
MET CE  HE2  sing N N 221 
MET CE  HE3  sing N N 222 
MET OXT HXT  sing N N 223 
PHE N   CA   sing N N 224 
PHE N   H    sing N N 225 
PHE N   H2   sing N N 226 
PHE CA  C    sing N N 227 
PHE CA  CB   sing N N 228 
PHE CA  HA   sing N N 229 
PHE C   O    doub N N 230 
PHE C   OXT  sing N N 231 
PHE CB  CG   sing N N 232 
PHE CB  HB2  sing N N 233 
PHE CB  HB3  sing N N 234 
PHE CG  CD1  doub Y N 235 
PHE CG  CD2  sing Y N 236 
PHE CD1 CE1  sing Y N 237 
PHE CD1 HD1  sing N N 238 
PHE CD2 CE2  doub Y N 239 
PHE CD2 HD2  sing N N 240 
PHE CE1 CZ   doub Y N 241 
PHE CE1 HE1  sing N N 242 
PHE CE2 CZ   sing Y N 243 
PHE CE2 HE2  sing N N 244 
PHE CZ  HZ   sing N N 245 
PHE OXT HXT  sing N N 246 
PRO N   CA   sing N N 247 
PRO N   CD   sing N N 248 
PRO N   H    sing N N 249 
PRO CA  C    sing N N 250 
PRO CA  CB   sing N N 251 
PRO CA  HA   sing N N 252 
PRO C   O    doub N N 253 
PRO C   OXT  sing N N 254 
PRO CB  CG   sing N N 255 
PRO CB  HB2  sing N N 256 
PRO CB  HB3  sing N N 257 
PRO CG  CD   sing N N 258 
PRO CG  HG2  sing N N 259 
PRO CG  HG3  sing N N 260 
PRO CD  HD2  sing N N 261 
PRO CD  HD3  sing N N 262 
PRO OXT HXT  sing N N 263 
SER N   CA   sing N N 264 
SER N   H    sing N N 265 
SER N   H2   sing N N 266 
SER CA  C    sing N N 267 
SER CA  CB   sing N N 268 
SER CA  HA   sing N N 269 
SER C   O    doub N N 270 
SER C   OXT  sing N N 271 
SER CB  OG   sing N N 272 
SER CB  HB2  sing N N 273 
SER CB  HB3  sing N N 274 
SER OG  HG   sing N N 275 
SER OXT HXT  sing N N 276 
THR N   CA   sing N N 277 
THR N   H    sing N N 278 
THR N   H2   sing N N 279 
THR CA  C    sing N N 280 
THR CA  CB   sing N N 281 
THR CA  HA   sing N N 282 
THR C   O    doub N N 283 
THR C   OXT  sing N N 284 
THR CB  OG1  sing N N 285 
THR CB  CG2  sing N N 286 
THR CB  HB   sing N N 287 
THR OG1 HG1  sing N N 288 
THR CG2 HG21 sing N N 289 
THR CG2 HG22 sing N N 290 
THR CG2 HG23 sing N N 291 
THR OXT HXT  sing N N 292 
TRP N   CA   sing N N 293 
TRP N   H    sing N N 294 
TRP N   H2   sing N N 295 
TRP CA  C    sing N N 296 
TRP CA  CB   sing N N 297 
TRP CA  HA   sing N N 298 
TRP C   O    doub N N 299 
TRP C   OXT  sing N N 300 
TRP CB  CG   sing N N 301 
TRP CB  HB2  sing N N 302 
TRP CB  HB3  sing N N 303 
TRP CG  CD1  doub Y N 304 
TRP CG  CD2  sing Y N 305 
TRP CD1 NE1  sing Y N 306 
TRP CD1 HD1  sing N N 307 
TRP CD2 CE2  doub Y N 308 
TRP CD2 CE3  sing Y N 309 
TRP NE1 CE2  sing Y N 310 
TRP NE1 HE1  sing N N 311 
TRP CE2 CZ2  sing Y N 312 
TRP CE3 CZ3  doub Y N 313 
TRP CE3 HE3  sing N N 314 
TRP CZ2 CH2  doub Y N 315 
TRP CZ2 HZ2  sing N N 316 
TRP CZ3 CH2  sing Y N 317 
TRP CZ3 HZ3  sing N N 318 
TRP CH2 HH2  sing N N 319 
TRP OXT HXT  sing N N 320 
TYR N   CA   sing N N 321 
TYR N   H    sing N N 322 
TYR N   H2   sing N N 323 
TYR CA  C    sing N N 324 
TYR CA  CB   sing N N 325 
TYR CA  HA   sing N N 326 
TYR C   O    doub N N 327 
TYR C   OXT  sing N N 328 
TYR CB  CG   sing N N 329 
TYR CB  HB2  sing N N 330 
TYR CB  HB3  sing N N 331 
TYR CG  CD1  doub Y N 332 
TYR CG  CD2  sing Y N 333 
TYR CD1 CE1  sing Y N 334 
TYR CD1 HD1  sing N N 335 
TYR CD2 CE2  doub Y N 336 
TYR CD2 HD2  sing N N 337 
TYR CE1 CZ   doub Y N 338 
TYR CE1 HE1  sing N N 339 
TYR CE2 CZ   sing Y N 340 
TYR CE2 HE2  sing N N 341 
TYR CZ  OH   sing N N 342 
TYR OH  HH   sing N N 343 
TYR OXT HXT  sing N N 344 
VAL N   CA   sing N N 345 
VAL N   H    sing N N 346 
VAL N   H2   sing N N 347 
VAL CA  C    sing N N 348 
VAL CA  CB   sing N N 349 
VAL CA  HA   sing N N 350 
VAL C   O    doub N N 351 
VAL C   OXT  sing N N 352 
VAL CB  CG1  sing N N 353 
VAL CB  CG2  sing N N 354 
VAL CB  HB   sing N N 355 
VAL CG1 HG11 sing N N 356 
VAL CG1 HG12 sing N N 357 
VAL CG1 HG13 sing N N 358 
VAL CG2 HG21 sing N N 359 
VAL CG2 HG22 sing N N 360 
VAL CG2 HG23 sing N N 361 
VAL OXT HXT  sing N N 362 
# 
_atom_sites.entry_id                    1YA9 
_atom_sites.fract_transf_matrix[1][1]   -0.01113866 
_atom_sites.fract_transf_matrix[1][2]   -0.02786328 
_atom_sites.fract_transf_matrix[1][3]   -0.01690620 
_atom_sites.fract_transf_matrix[2][1]   -0.00750265 
_atom_sites.fract_transf_matrix[2][2]   0.01189288 
_atom_sites.fract_transf_matrix[2][3]   -0.01465766 
_atom_sites.fract_transf_matrix[3][1]   0.00776581 
_atom_sites.fract_transf_matrix[3][2]   -0.00046412 
_atom_sites.fract_transf_matrix[3][3]   -0.00435158 
_atom_sites.fract_transf_vector[1]      0.125177 
_atom_sites.fract_transf_vector[2]      0.693086 
_atom_sites.fract_transf_vector[3]      0.117016 
# 
loop_
_atom_type.symbol 
C 
N 
O 
S 
# 
loop_
_atom_site.group_PDB 
_atom_site.id 
_atom_site.type_symbol 
_atom_site.label_atom_id 
_atom_site.label_alt_id 
_atom_site.label_comp_id 
_atom_site.label_asym_id 
_atom_site.label_entity_id 
_atom_site.label_seq_id 
_atom_site.pdbx_PDB_ins_code 
_atom_site.Cartn_x 
_atom_site.Cartn_y 
_atom_site.Cartn_z 
_atom_site.occupancy 
_atom_site.B_iso_or_equiv 
_atom_site.pdbx_formal_charge 
_atom_site.auth_seq_id 
_atom_site.auth_comp_id 
_atom_site.auth_asym_id 
_atom_site.auth_atom_id 
_atom_site.pdbx_PDB_model_num 
ATOM   1    N N   . PRO A 1 3   ? -10.297 -15.573 5.321   1.00 54.24 ? 4   PRO A N   1 
ATOM   2    C CA  . PRO A 1 3   ? -10.689 -14.622 4.266   1.00 53.45 ? 4   PRO A CA  1 
ATOM   3    C C   . PRO A 1 3   ? -10.969 -15.443 3.016   1.00 51.36 ? 4   PRO A C   1 
ATOM   4    O O   . PRO A 1 3   ? -10.347 -15.207 1.983   1.00 50.90 ? 4   PRO A O   1 
ATOM   5    C CB  . PRO A 1 3   ? -9.409  -13.796 4.082   1.00 54.19 ? 4   PRO A CB  1 
ATOM   6    C CG  . PRO A 1 3   ? -8.272  -14.907 4.223   1.00 55.13 ? 4   PRO A CG  1 
ATOM   7    C CD  . PRO A 1 3   ? -8.906  -16.019 5.110   1.00 55.08 ? 4   PRO A CD  1 
ATOM   8    N N   . GLU A 1 4   ? -11.896 -16.394 3.147   1.00 48.27 ? 5   GLU A N   1 
ATOM   9    C CA  . GLU A 1 4   ? -12.183 -17.381 2.115   1.00 46.20 ? 5   GLU A CA  1 
ATOM   10   C C   . GLU A 1 4   ? -13.040 -16.770 1.024   1.00 43.72 ? 5   GLU A C   1 
ATOM   11   O O   . GLU A 1 4   ? -13.138 -17.343 -0.065  1.00 41.19 ? 5   GLU A O   1 
ATOM   12   C CB  . GLU A 1 4   ? -12.890 -18.624 2.706   1.00 46.80 ? 5   GLU A CB  1 
ATOM   13   C CG  . GLU A 1 4   ? -12.363 -19.987 2.206   1.00 48.35 ? 5   GLU A CG  1 
ATOM   14   C CD  . GLU A 1 4   ? -13.207 -21.159 2.695   1.00 50.72 ? 5   GLU A CD  1 
ATOM   15   O OE1 . GLU A 1 4   ? -13.336 -21.268 3.913   1.00 51.83 ? 5   GLU A OE1 1 
ATOM   16   O OE2 . GLU A 1 4   ? -13.777 -21.949 1.878   1.00 50.71 ? 5   GLU A OE2 1 
ATOM   17   N N   . VAL A 1 5   ? -13.675 -15.619 1.312   1.00 40.71 ? 6   VAL A N   1 
ATOM   18   C CA  . VAL A 1 5   ? -14.440 -14.924 0.260   1.00 38.62 ? 6   VAL A CA  1 
ATOM   19   C C   . VAL A 1 5   ? -14.061 -13.439 0.059   1.00 37.09 ? 6   VAL A C   1 
ATOM   20   O O   . VAL A 1 5   ? -13.643 -12.769 0.994   1.00 34.21 ? 6   VAL A O   1 
ATOM   21   C CB  . VAL A 1 5   ? -15.934 -15.059 0.470   1.00 38.08 ? 6   VAL A CB  1 
ATOM   22   C CG1 . VAL A 1 5   ? -16.394 -16.502 0.171   1.00 35.51 ? 6   VAL A CG1 1 
ATOM   23   C CG2 . VAL A 1 5   ? -16.330 -14.574 1.896   1.00 39.18 ? 6   VAL A CG2 1 
ATOM   24   N N   . THR A 1 6   ? -14.190 -12.964 -1.181  1.00 35.93 ? 7   THR A N   1 
ATOM   25   C CA  . THR A 1 6   ? -13.955 -11.552 -1.452  1.00 37.55 ? 7   THR A CA  1 
ATOM   26   C C   . THR A 1 6   ? -15.277 -10.713 -1.133  1.00 36.28 ? 7   THR A C   1 
ATOM   27   O O   . THR A 1 6   ? -16.327 -10.885 -1.755  1.00 35.72 ? 7   THR A O   1 
ATOM   28   C CB  . THR A 1 6   ? -13.377 -11.330 -2.935  1.00 38.00 ? 7   THR A CB  1 
ATOM   29   O OG1 . THR A 1 6   ? -14.379 -11.549 -3.917  1.00 41.65 ? 7   THR A OG1 1 
ATOM   30   C CG2 . THR A 1 6   ? -12.306 -12.372 -3.392  1.00 39.24 ? 7   THR A CG2 1 
ATOM   31   N N   . ASP A 1 7   ? -15.223 -9.912  -0.083  1.00 35.64 ? 8   ASP A N   1 
ATOM   32   C CA  . ASP A 1 7   ? -16.179 -8.815  0.163   1.00 35.71 ? 8   ASP A CA  1 
ATOM   33   C C   . ASP A 1 7   ? -16.481 -8.025  -1.117  1.00 33.83 ? 8   ASP A C   1 
ATOM   34   O O   . ASP A 1 7   ? -15.563 -7.655  -1.847  1.00 36.39 ? 8   ASP A O   1 
ATOM   35   C CB  . ASP A 1 7   ? -15.628 -7.908  1.298   1.00 35.20 ? 8   ASP A CB  1 
ATOM   36   C CG  . ASP A 1 7   ? -15.569 -8.670  2.606   1.00 37.65 ? 8   ASP A CG  1 
ATOM   37   O OD1 . ASP A 1 7   ? -15.479 -8.107  3.736   1.00 39.96 ? 8   ASP A OD1 1 
ATOM   38   O OD2 . ASP A 1 7   ? -15.634 -9.920  2.556   1.00 40.50 ? 8   ASP A OD2 1 
ATOM   39   N N   . GLN A 1 8   ? -17.759 -7.832  -1.393  1.00 29.28 ? 9   GLN A N   1 
ATOM   40   C CA  . GLN A 1 8   ? -18.277 -7.319  -2.656  1.00 27.72 ? 9   GLN A CA  1 
ATOM   41   C C   . GLN A 1 8   ? -19.306 -6.192  -2.445  1.00 22.67 ? 9   GLN A C   1 
ATOM   42   O O   . GLN A 1 8   ? -19.743 -5.625  -3.365  1.00 23.01 ? 9   GLN A O   1 
ATOM   43   C CB  . GLN A 1 8   ? -18.989 -8.443  -3.490  1.00 28.64 ? 9   GLN A CB  1 
ATOM   44   N N   . LEU A 1 9   ? -19.652 -5.856  -1.233  1.00 20.37 ? 10  LEU A N   1 
ATOM   45   C CA  . LEU A 1 9   ? -20.374 -4.585  -0.999  1.00 16.32 ? 10  LEU A CA  1 
ATOM   46   C C   . LEU A 1 9   ? -19.695 -3.339  -1.699  1.00 16.42 ? 10  LEU A C   1 
ATOM   47   O O   . LEU A 1 9   ? -18.483 -3.032  -1.626  1.00 13.92 ? 10  LEU A O   1 
ATOM   48   C CB  . LEU A 1 9   ? -20.721 -4.388  0.436   1.00 15.64 ? 10  LEU A CB  1 
ATOM   49   C CG  . LEU A 1 9   ? -21.467 -5.570  1.117   1.00 17.06 ? 10  LEU A CG  1 
ATOM   50   C CD1 . LEU A 1 9   ? -21.477 -5.402  2.621   1.00 16.55 ? 10  LEU A CD1 1 
ATOM   51   C CD2 . LEU A 1 9   ? -22.850 -5.811  0.583   1.00 14.29 ? 10  LEU A CD2 1 
ATOM   52   N N   . GLU A 1 10  ? -20.574 -2.575  -2.314  1.00 18.15 ? 11  GLU A N   1 
ATOM   53   C CA  . GLU A 1 10  ? -20.256 -1.483  -3.206  1.00 20.57 ? 11  GLU A CA  1 
ATOM   54   C C   . GLU A 1 10  ? -19.358 -0.480  -2.566  1.00 19.29 ? 11  GLU A C   1 
ATOM   55   O O   . GLU A 1 10  ? -18.409 -0.032  -3.208  1.00 19.46 ? 11  GLU A O   1 
ATOM   56   C CB  . GLU A 1 10  ? -21.526 -0.732  -3.603  1.00 22.25 ? 11  GLU A CB  1 
ATOM   57   C CG  . GLU A 1 10  ? -21.344 0.292   -4.763  1.00 28.37 ? 11  GLU A CG  1 
ATOM   58   C CD  . GLU A 1 10  ? -20.720 -0.351  -5.980  1.00 35.44 ? 11  GLU A CD  1 
ATOM   59   O OE1 . GLU A 1 10  ? -19.538 -0.037  -6.299  1.00 44.23 ? 11  GLU A OE1 1 
ATOM   60   O OE2 . GLU A 1 10  ? -21.390 -1.197  -6.621  1.00 40.42 ? 11  GLU A OE2 1 
ATOM   61   N N   . TRP A 1 11  ? -19.672 -0.103  -1.321  1.00 16.39 ? 12  TRP A N   1 
ATOM   62   C CA  . TRP A 1 11  ? -18.818 0.827   -0.614  1.00 15.38 ? 12  TRP A CA  1 
ATOM   63   C C   . TRP A 1 11  ? -17.482 0.222   -0.086  1.00 14.82 ? 12  TRP A C   1 
ATOM   64   O O   . TRP A 1 11  ? -16.846 0.883   0.624   1.00 15.33 ? 12  TRP A O   1 
ATOM   65   C CB  . TRP A 1 11  ? -19.547 1.509   0.563   1.00 14.58 ? 12  TRP A CB  1 
ATOM   66   C CG  . TRP A 1 11  ? -20.041 0.621   1.583   1.00 16.05 ? 12  TRP A CG  1 
ATOM   67   C CD1 . TRP A 1 11  ? -19.499 0.347   2.808   1.00 16.38 ? 12  TRP A CD1 1 
ATOM   68   C CD2 . TRP A 1 11  ? -21.258 -0.119  1.511   1.00 13.65 ? 12  TRP A CD2 1 
ATOM   69   N NE1 . TRP A 1 11  ? -20.248 -0.615  3.448   1.00 21.13 ? 12  TRP A NE1 1 
ATOM   70   C CE2 . TRP A 1 11  ? -21.351 -0.900  2.688   1.00 14.85 ? 12  TRP A CE2 1 
ATOM   71   C CE3 . TRP A 1 11  ? -22.282 -0.181  0.593   1.00 16.68 ? 12  TRP A CE3 1 
ATOM   72   C CZ2 . TRP A 1 11  ? -22.456 -1.662  2.994   1.00 14.77 ? 12  TRP A CZ2 1 
ATOM   73   C CZ3 . TRP A 1 11  ? -23.401 -1.062  0.893   1.00 17.14 ? 12  TRP A CZ3 1 
ATOM   74   C CH2 . TRP A 1 11  ? -23.428 -1.768  2.063   1.00 14.63 ? 12  TRP A CH2 1 
ATOM   75   N N   . GLN A 1 12  ? -17.169 -1.056  -0.291  1.00 14.57 ? 13  GLN A N   1 
ATOM   76   C CA  . GLN A 1 12  ? -16.033 -1.771  0.353   1.00 12.91 ? 13  GLN A CA  1 
ATOM   77   C C   . GLN A 1 12  ? -15.017 -2.107  -0.741  1.00 13.39 ? 13  GLN A C   1 
ATOM   78   O O   . GLN A 1 12  ? -14.027 -2.831  -0.503  1.00 14.34 ? 13  GLN A O   1 
ATOM   79   C CB  . GLN A 1 12  ? -16.449 -3.150  0.944   1.00 15.05 ? 13  GLN A CB  1 
ATOM   80   C CG  . GLN A 1 12  ? -17.431 -3.146  2.088   1.00 14.20 ? 13  GLN A CG  1 
ATOM   81   C CD  . GLN A 1 12  ? -17.755 -4.553  2.583   1.00 13.89 ? 13  GLN A CD  1 
ATOM   82   O OE1 . GLN A 1 12  ? -17.759 -4.754  3.835   1.00 21.60 ? 13  GLN A OE1 1 
ATOM   83   N NE2 . GLN A 1 12  ? -18.005 -5.446  1.757   1.00 16.10 ? 13  GLN A NE2 1 
ATOM   84   N N   . SER A 1 13  ? -15.198 -1.547  -1.939  1.00 13.09 ? 14  SER A N   1 
ATOM   85   C CA  . SER A 1 13  ? -14.332 -1.908  -3.064  1.00 15.12 ? 14  SER A CA  1 
ATOM   86   C C   . SER A 1 13  ? -12.831 -1.541  -2.822  1.00 14.79 ? 14  SER A C   1 
ATOM   87   O O   . SER A 1 13  ? -11.952 -2.200  -3.385  1.00 14.83 ? 14  SER A O   1 
ATOM   88   C CB  . SER A 1 13  ? -14.852 -1.273  -4.400  1.00 15.32 ? 14  SER A CB  1 
ATOM   89   O OG  . SER A 1 13  ? -14.944 0.200   -4.234  1.00 17.63 ? 14  SER A OG  1 
ATOM   90   N N   . ASN A 1 14  ? -12.554 -0.524  -2.010  1.00 12.78 ? 15  ASN A N   1 
ATOM   91   C CA  . ASN A 1 14  ? -11.161 -0.091  -1.681  1.00 14.69 ? 15  ASN A CA  1 
ATOM   92   C C   . ASN A 1 14  ? -10.606 -0.765  -0.439  1.00 14.52 ? 15  ASN A C   1 
ATOM   93   O O   . ASN A 1 14  ? -9.495  -0.537  -0.074  1.00 14.54 ? 15  ASN A O   1 
ATOM   94   C CB  . ASN A 1 14  ? -11.080 1.421   -1.425  1.00 14.88 ? 15  ASN A CB  1 
ATOM   95   C CG  . ASN A 1 14  ? -12.053 1.896   -0.273  1.00 18.36 ? 15  ASN A CG  1 
ATOM   96   O OD1 . ASN A 1 14  ? -13.196 1.420   -0.179  1.00 19.26 ? 15  ASN A OD1 1 
ATOM   97   N ND2 . ASN A 1 14  ? -11.584 2.809   0.566   1.00 14.18 ? 15  ASN A ND2 1 
ATOM   98   N N   . GLN A 1 15  ? -11.386 -1.667  0.164   1.00 15.56 ? 16  GLN A N   1 
ATOM   99   C CA  . GLN A 1 15  ? -11.073 -2.227  1.455   1.00 15.02 ? 16  GLN A CA  1 
ATOM   100  C C   . GLN A 1 15  ? -9.921  -3.183  1.424   1.00 12.59 ? 16  GLN A C   1 
ATOM   101  O O   . GLN A 1 15  ? -9.078  -3.112  2.298   1.00 10.82 ? 16  GLN A O   1 
ATOM   102  C CB  . GLN A 1 15  ? -12.256 -2.949  2.133   1.00 15.29 ? 16  GLN A CB  1 
ATOM   103  C CG  . GLN A 1 15  ? -13.224 -2.088  2.781   1.00 22.30 ? 16  GLN A CG  1 
ATOM   104  C CD  . GLN A 1 15  ? -14.065 -2.794  3.904   1.00 28.03 ? 16  GLN A CD  1 
ATOM   105  O OE1 . GLN A 1 15  ? -14.640 -2.065  4.751   1.00 33.62 ? 16  GLN A OE1 1 
ATOM   106  N NE2 . GLN A 1 15  ? -14.090 -4.160  3.949   1.00 24.43 ? 16  GLN A NE2 1 
ATOM   107  N N   . PRO A 1 16  ? -9.900  -4.065  0.440   1.00 14.09 ? 17  PRO A N   1 
ATOM   108  C CA  . PRO A 1 16  ? -8.778  -4.981  0.314   1.00 12.23 ? 17  PRO A CA  1 
ATOM   109  C C   . PRO A 1 16  ? -7.379  -4.309  0.184   1.00 13.80 ? 17  PRO A C   1 
ATOM   110  O O   . PRO A 1 16  ? -6.539  -4.782  0.955   1.00 12.63 ? 17  PRO A O   1 
ATOM   111  C CB  . PRO A 1 16  ? -9.115  -5.882  -0.876  1.00 14.74 ? 17  PRO A CB  1 
ATOM   112  C CG  . PRO A 1 16  ? -10.689 -5.717  -1.149  1.00 16.83 ? 17  PRO A CG  1 
ATOM   113  C CD  . PRO A 1 16  ? -10.980 -4.316  -0.562  1.00 13.95 ? 17  PRO A CD  1 
ATOM   114  N N   . TRP A 1 17  ? -7.129  -3.337  -0.700  1.00 10.30 ? 18  TRP A N   1 
ATOM   115  C CA  . TRP A 1 17  ? -5.885  -2.680  -0.677  1.00 10.61 ? 18  TRP A CA  1 
ATOM   116  C C   . TRP A 1 17  ? -5.604  -1.907  0.563   1.00 10.11 ? 18  TRP A C   1 
ATOM   117  O O   . TRP A 1 17  ? -4.492  -1.974  1.102   1.00 8.44  ? 18  TRP A O   1 
ATOM   118  C CB  . TRP A 1 17  ? -5.690  -1.883  -1.899  1.00 11.91 ? 18  TRP A CB  1 
ATOM   119  C CG  . TRP A 1 17  ? -6.075  -0.469  -1.858  1.00 9.78  ? 18  TRP A CG  1 
ATOM   120  C CD1 . TRP A 1 17  ? -7.239  0.097   -2.401  1.00 12.32 ? 18  TRP A CD1 1 
ATOM   121  C CD2 . TRP A 1 17  ? -5.271  0.595   -1.430  1.00 8.66  ? 18  TRP A CD2 1 
ATOM   122  N NE1 . TRP A 1 17  ? -7.240  1.462   -2.218  1.00 13.69 ? 18  TRP A NE1 1 
ATOM   123  C CE2 . TRP A 1 17  ? -6.018  1.801   -1.636  1.00 11.86 ? 18  TRP A CE2 1 
ATOM   124  C CE3 . TRP A 1 17  ? -4.002  0.682   -0.836  1.00 6.86  ? 18  TRP A CE3 1 
ATOM   125  C CZ2 . TRP A 1 17  ? -5.513  3.027   -1.295  1.00 12.76 ? 18  TRP A CZ2 1 
ATOM   126  C CZ3 . TRP A 1 17  ? -3.497  1.983   -0.528  1.00 9.86  ? 18  TRP A CZ3 1 
ATOM   127  C CH2 . TRP A 1 17  ? -4.237  3.076   -0.758  1.00 7.31  ? 18  TRP A CH2 1 
ATOM   128  N N   . GLU A 1 18  ? -6.606  -1.219  1.097   1.00 10.24 ? 19  GLU A N   1 
ATOM   129  C CA  . GLU A 1 18  ? -6.351  -0.406  2.245   1.00 9.77  ? 19  GLU A CA  1 
ATOM   130  C C   . GLU A 1 18  ? -6.031  -1.252  3.499   1.00 9.97  ? 19  GLU A C   1 
ATOM   131  O O   . GLU A 1 18  ? -5.210  -0.845  4.313   1.00 8.41  ? 19  GLU A O   1 
ATOM   132  C CB  . GLU A 1 18  ? -7.468  0.595   2.523   1.00 10.57 ? 19  GLU A CB  1 
ATOM   133  C CG  . GLU A 1 18  ? -7.585  1.670   1.474   1.00 10.04 ? 19  GLU A CG  1 
ATOM   134  C CD  . GLU A 1 18  ? -8.695  2.705   1.787   1.00 14.25 ? 19  GLU A CD  1 
ATOM   135  O OE1 . GLU A 1 18  ? -9.227  2.793   2.907   1.00 14.40 ? 19  GLU A OE1 1 
ATOM   136  O OE2 . GLU A 1 18  ? -9.005  3.480   0.927   1.00 12.61 ? 19  GLU A OE2 1 
ATOM   137  N N   . GLN A 1 19  ? -6.691  -2.373  3.659   1.00 9.68  ? 20  GLN A N   1 
ATOM   138  C CA  . GLN A 1 19  ? -6.386  -3.328  4.739   1.00 10.43 ? 20  GLN A CA  1 
ATOM   139  C C   . GLN A 1 19  ? -5.020  -3.967  4.610   1.00 8.17  ? 20  GLN A C   1 
ATOM   140  O O   . GLN A 1 19  ? -4.442  -4.266  5.588   1.00 8.79  ? 20  GLN A O   1 
ATOM   141  C CB  . GLN A 1 19  ? -7.419  -4.442  4.830   1.00 11.95 ? 20  GLN A CB  1 
ATOM   142  C CG  . GLN A 1 19  ? -8.747  -3.770  5.136   1.00 18.08 ? 20  GLN A CG  1 
ATOM   143  C CD  . GLN A 1 19  ? -9.895  -4.767  5.453   1.00 26.49 ? 20  GLN A CD  1 
ATOM   144  O OE1 . GLN A 1 19  ? -10.758 -4.445  6.286   1.00 35.72 ? 20  GLN A OE1 1 
ATOM   145  N NE2 . GLN A 1 19  ? -9.906  -5.916  4.804   1.00 19.25 ? 20  GLN A NE2 1 
ATOM   146  N N   . ALA A 1 20  ? -4.600  -4.235  3.404   1.00 7.69  ? 21  ALA A N   1 
ATOM   147  C CA  . ALA A 1 20  ? -3.242  -4.778  3.130   1.00 11.63 ? 21  ALA A CA  1 
ATOM   148  C C   . ALA A 1 20  ? -2.243  -3.717  3.598   1.00 11.11 ? 21  ALA A C   1 
ATOM   149  O O   . ALA A 1 20  ? -1.335  -4.025  4.383   1.00 11.22 ? 21  ALA A O   1 
ATOM   150  C CB  . ALA A 1 20  ? -3.064  -5.082  1.661   1.00 10.41 ? 21  ALA A CB  1 
ATOM   151  N N   . LEU A 1 21  ? -2.476  -2.472  3.145   1.00 11.15 ? 22  LEU A N   1 
ATOM   152  C CA  . LEU A 1 21  ? -1.699  -1.313  3.616   1.00 11.38 ? 22  LEU A CA  1 
ATOM   153  C C   . LEU A 1 21  ? -1.621  -1.142  5.105   1.00 10.97 ? 22  LEU A C   1 
ATOM   154  O O   . LEU A 1 21  ? -0.538  -0.836  5.651   1.00 10.55 ? 22  LEU A O   1 
ATOM   155  C CB  . LEU A 1 21  ? -2.191  -0.050  2.943   1.00 12.43 ? 22  LEU A CB  1 
ATOM   156  C CG  . LEU A 1 21  ? -1.198  1.132   3.166   1.00 14.41 ? 22  LEU A CG  1 
ATOM   157  C CD1 . LEU A 1 21  ? 0.237   0.847   2.666   1.00 13.13 ? 22  LEU A CD1 1 
ATOM   158  C CD2 . LEU A 1 21  ? -1.790  2.150   2.432   1.00 19.34 ? 22  LEU A CD2 1 
ATOM   159  N N   . ASN A 1 22  ? -2.751  -1.328  5.792   1.00 10.30 ? 23  ASN A N   1 
ATOM   160  C CA  . ASN A 1 22  ? -2.825  -1.324  7.232   1.00 9.88  ? 23  ASN A CA  1 
ATOM   161  C C   . ASN A 1 22  ? -2.042  -2.394  7.898   1.00 11.02 ? 23  ASN A C   1 
ATOM   162  O O   . ASN A 1 22  ? -1.475  -2.109  8.940   1.00 11.49 ? 23  ASN A O   1 
ATOM   163  C CB  . ASN A 1 22  ? -4.217  -1.403  7.811   1.00 8.58  ? 23  ASN A CB  1 
ATOM   164  C CG  . ASN A 1 22  ? -5.083  -0.207  7.394   1.00 10.64 ? 23  ASN A CG  1 
ATOM   165  O OD1 . ASN A 1 22  ? -4.579  0.832   7.020   1.00 8.01  ? 23  ASN A OD1 1 
ATOM   166  N ND2 . ASN A 1 22  ? -6.397  -0.379  7.473   1.00 13.36 ? 23  ASN A ND2 1 
ATOM   167  N N   . ARG A 1 23  ? -2.078  -3.632  7.415   1.00 11.33 ? 24  ARG A N   1 
ATOM   168  C CA  . ARG A 1 23  ? -1.161  -4.661  7.986   1.00 12.87 ? 24  ARG A CA  1 
ATOM   169  C C   . ARG A 1 23  ? 0.306   -4.189  7.894   1.00 13.36 ? 24  ARG A C   1 
ATOM   170  O O   . ARG A 1 23  ? 1.091   -4.308  8.904   1.00 12.77 ? 24  ARG A O   1 
ATOM   171  C CB  . ARG A 1 23  ? -1.347  -5.998  7.268   1.00 13.08 ? 24  ARG A CB  1 
ATOM   172  C CG  . ARG A 1 23  ? -2.756  -6.513  7.557   1.00 17.31 ? 24  ARG A CG  1 
ATOM   173  C CD  . ARG A 1 23  ? -2.948  -7.978  7.133   1.00 19.59 ? 24  ARG A CD  1 
ATOM   174  N NE  . ARG A 1 23  ? -3.212  -8.003  5.765   1.00 25.10 ? 24  ARG A NE  1 
ATOM   175  C CZ  . ARG A 1 23  ? -4.442  -7.978  5.260   1.00 22.00 ? 24  ARG A CZ  1 
ATOM   176  N NH1 . ARG A 1 23  ? -4.580  -7.966  3.978   1.00 16.32 ? 24  ARG A NH1 1 
ATOM   177  N NH2 . ARG A 1 23  ? -5.498  -8.078  6.046   1.00 23.03 ? 24  ARG A NH2 1 
ATOM   178  N N   . PHE A 1 24  ? 0.685   -3.671  6.704   1.00 13.30 ? 25  PHE A N   1 
ATOM   179  C CA  . PHE A 1 24  ? 2.031   -3.079  6.549   1.00 12.12 ? 25  PHE A CA  1 
ATOM   180  C C   . PHE A 1 24  ? 2.325   -2.030  7.572   1.00 11.64 ? 25  PHE A C   1 
ATOM   181  O O   . PHE A 1 24  ? 3.376   -2.020  8.272   1.00 9.18  ? 25  PHE A O   1 
ATOM   182  C CB  . PHE A 1 24  ? 2.199   -2.530  5.140   1.00 14.10 ? 25  PHE A CB  1 
ATOM   183  C CG  . PHE A 1 24  ? 3.545   -1.985  4.870   1.00 15.26 ? 25  PHE A CG  1 
ATOM   184  C CD1 . PHE A 1 24  ? 4.593   -2.819  4.624   1.00 18.12 ? 25  PHE A CD1 1 
ATOM   185  C CD2 . PHE A 1 24  ? 3.767   -0.622  4.876   1.00 18.98 ? 25  PHE A CD2 1 
ATOM   186  C CE1 . PHE A 1 24  ? 5.891   -2.281  4.361   1.00 20.69 ? 25  PHE A CE1 1 
ATOM   187  C CE2 . PHE A 1 24  ? 5.051   -0.101  4.599   1.00 20.73 ? 25  PHE A CE2 1 
ATOM   188  C CZ  . PHE A 1 24  ? 6.091   -0.934  4.348   1.00 19.58 ? 25  PHE A CZ  1 
ATOM   189  N N   . TRP A 1 25  ? 1.389   -1.115  7.763   1.00 10.36 ? 26  TRP A N   1 
ATOM   190  C CA  . TRP A 1 25  ? 1.604   -0.039  8.695   1.00 9.87  ? 26  TRP A CA  1 
ATOM   191  C C   . TRP A 1 25  ? 1.691   -0.501  10.196  1.00 12.15 ? 26  TRP A C   1 
ATOM   192  O O   . TRP A 1 25  ? 2.505   0.026   10.982  1.00 10.59 ? 26  TRP A O   1 
ATOM   193  C CB  . TRP A 1 25  ? 0.491   0.952   8.491   1.00 11.53 ? 26  TRP A CB  1 
ATOM   194  C CG  . TRP A 1 25  ? 0.696   2.273   9.030   1.00 14.34 ? 26  TRP A CG  1 
ATOM   195  C CD1 . TRP A 1 25  ? 1.444   3.283   8.528   1.00 15.94 ? 26  TRP A CD1 1 
ATOM   196  C CD2 . TRP A 1 25  ? 0.033   2.756   10.138  1.00 18.14 ? 26  TRP A CD2 1 
ATOM   197  N NE1 . TRP A 1 25  ? 1.298   4.368   9.324   1.00 23.95 ? 26  TRP A NE1 1 
ATOM   198  C CE2 . TRP A 1 25  ? 0.446   4.039   10.340  1.00 14.94 ? 26  TRP A CE2 1 
ATOM   199  C CE3 . TRP A 1 25  ? -0.883  2.183   11.011  1.00 19.39 ? 26  TRP A CE3 1 
ATOM   200  C CZ2 . TRP A 1 25  ? -0.032  4.809   11.315  1.00 27.02 ? 26  TRP A CZ2 1 
ATOM   201  C CZ3 . TRP A 1 25  ? -1.339  2.933   12.062  1.00 33.16 ? 26  TRP A CZ3 1 
ATOM   202  C CH2 . TRP A 1 25  ? -0.925  4.250   12.210  1.00 30.55 ? 26  TRP A CH2 1 
ATOM   203  N N   . ASP A 1 26  ? 0.814   -1.397  10.610  1.00 12.71 ? 27  ASP A N   1 
ATOM   204  C CA  . ASP A 1 26  ? 0.915   -2.000  11.919  1.00 14.58 ? 27  ASP A CA  1 
ATOM   205  C C   . ASP A 1 26  ? 2.260   -2.678  12.169  1.00 15.26 ? 27  ASP A C   1 
ATOM   206  O O   . ASP A 1 26  ? 2.845   -2.413  13.190  1.00 14.69 ? 27  ASP A O   1 
ATOM   207  C CB  . ASP A 1 26  ? -0.213  -2.988  12.189  1.00 15.36 ? 27  ASP A CB  1 
ATOM   208  C CG  . ASP A 1 26  ? -1.513  -2.322  12.331  1.00 19.27 ? 27  ASP A CG  1 
ATOM   209  O OD1 . ASP A 1 26  ? -1.578  -1.122  12.717  1.00 20.32 ? 27  ASP A OD1 1 
ATOM   210  O OD2 . ASP A 1 26  ? -2.555  -2.873  12.044  1.00 20.10 ? 27  ASP A OD2 1 
ATOM   211  N N   . TYR A 1 27  ? 2.738   -3.498  11.215  1.00 15.04 ? 28  TYR A N   1 
ATOM   212  C CA  . TYR A 1 27  ? 4.006   -4.202  11.352  1.00 16.43 ? 28  TYR A CA  1 
ATOM   213  C C   . TYR A 1 27  ? 5.111   -3.096  11.580  1.00 15.42 ? 28  TYR A C   1 
ATOM   214  O O   . TYR A 1 27  ? 5.872   -3.155  12.513  1.00 12.93 ? 28  TYR A O   1 
ATOM   215  C CB  . TYR A 1 27  ? 4.249   -5.054  10.110  1.00 17.26 ? 28  TYR A CB  1 
ATOM   216  C CG  . TYR A 1 27  ? 5.322   -6.069  10.311  1.00 18.06 ? 28  TYR A CG  1 
ATOM   217  C CD1 . TYR A 1 27  ? 6.643   -5.713  10.219  1.00 21.97 ? 28  TYR A CD1 1 
ATOM   218  C CD2 . TYR A 1 27  ? 5.021   -7.401  10.607  1.00 19.19 ? 28  TYR A CD2 1 
ATOM   219  C CE1 . TYR A 1 27  ? 7.681   -6.655  10.498  1.00 21.19 ? 28  TYR A CE1 1 
ATOM   220  C CE2 . TYR A 1 27  ? 6.076   -8.342  10.869  1.00 21.64 ? 28  TYR A CE2 1 
ATOM   221  C CZ  . TYR A 1 27  ? 7.393   -7.928  10.787  1.00 20.98 ? 28  TYR A CZ  1 
ATOM   222  O OH  . TYR A 1 27  ? 8.446   -8.785  10.993  1.00 24.99 ? 28  TYR A OH  1 
ATOM   223  N N   . LEU A 1 28  ? 5.093   -2.065  10.728  1.00 14.90 ? 29  LEU A N   1 
ATOM   224  C CA  . LEU A 1 28  ? 5.997   -0.970  10.822  1.00 15.93 ? 29  LEU A CA  1 
ATOM   225  C C   . LEU A 1 28  ? 5.988   -0.207  12.142  1.00 16.00 ? 29  LEU A C   1 
ATOM   226  O O   . LEU A 1 28  ? 7.050   0.269   12.543  1.00 14.19 ? 29  LEU A O   1 
ATOM   227  C CB  . LEU A 1 28  ? 5.699   0.047   9.779   1.00 17.61 ? 29  LEU A CB  1 
ATOM   228  C CG  . LEU A 1 28  ? 6.843   0.617   9.037   1.00 23.89 ? 29  LEU A CG  1 
ATOM   229  C CD1 . LEU A 1 28  ? 7.420   -0.581  8.287   1.00 28.67 ? 29  LEU A CD1 1 
ATOM   230  C CD2 . LEU A 1 28  ? 6.284   1.632   8.070   1.00 27.63 ? 29  LEU A CD2 1 
ATOM   231  N N   . ARG A 1 29  ? 4.832   0.024   12.752  1.00 15.21 ? 30  ARG A N   1 
ATOM   232  C CA  . ARG A 1 29  ? 4.776   0.700   14.043  1.00 18.62 ? 30  ARG A CA  1 
ATOM   233  C C   . ARG A 1 29  ? 5.419   -0.136  15.182  1.00 17.60 ? 30  ARG A C   1 
ATOM   234  O O   . ARG A 1 29  ? 5.935   0.375   16.153  1.00 17.89 ? 30  ARG A O   1 
ATOM   235  C CB  . ARG A 1 29  ? 3.351   0.883   14.531  1.00 21.20 ? 30  ARG A CB  1 
ATOM   236  C CG  . ARG A 1 29  ? 2.454   1.561   13.683  1.00 28.57 ? 30  ARG A CG  1 
ATOM   237  C CD  . ARG A 1 29  ? 1.603   2.572   14.452  1.00 40.10 ? 30  ARG A CD  1 
ATOM   238  N NE  . ARG A 1 29  ? 0.257   1.998   14.472  1.00 47.66 ? 30  ARG A NE  1 
ATOM   239  C CZ  . ARG A 1 29  ? -0.118  1.000   15.245  1.00 47.50 ? 30  ARG A CZ  1 
ATOM   240  N NH1 . ARG A 1 29  ? 0.705   0.486   16.150  1.00 48.17 ? 30  ARG A NH1 1 
ATOM   241  N NH2 . ARG A 1 29  ? -1.359  0.528   15.123  1.00 49.61 ? 30  ARG A NH2 1 
ATOM   242  N N   . TRP A 1 30  ? 5.267   -1.417  15.070  1.00 16.74 ? 31  TRP A N   1 
ATOM   243  C CA  . TRP A 1 30  ? 6.017   -2.355  15.888  1.00 17.23 ? 31  TRP A CA  1 
ATOM   244  C C   . TRP A 1 30  ? 7.541   -2.187  15.676  1.00 18.19 ? 31  TRP A C   1 
ATOM   245  O O   . TRP A 1 30  ? 8.265   -1.946  16.626  1.00 19.44 ? 31  TRP A O   1 
ATOM   246  C CB  . TRP A 1 30  ? 5.592   -3.774  15.579  1.00 16.59 ? 31  TRP A CB  1 
ATOM   247  C CG  . TRP A 1 30  ? 6.406   -4.684  16.330  1.00 20.72 ? 31  TRP A CG  1 
ATOM   248  C CD1 . TRP A 1 30  ? 6.517   -4.740  17.723  1.00 25.57 ? 31  TRP A CD1 1 
ATOM   249  C CD2 . TRP A 1 30  ? 7.305   -5.675  15.819  1.00 19.73 ? 31  TRP A CD2 1 
ATOM   250  N NE1 . TRP A 1 30  ? 7.403   -5.737  18.070  1.00 24.46 ? 31  TRP A NE1 1 
ATOM   251  C CE2 . TRP A 1 30  ? 7.882   -6.335  16.934  1.00 23.03 ? 31  TRP A CE2 1 
ATOM   252  C CE3 . TRP A 1 30  ? 7.645   -6.112  14.536  1.00 18.97 ? 31  TRP A CE3 1 
ATOM   253  C CZ2 . TRP A 1 30  ? 8.811   -7.334  16.789  1.00 26.48 ? 31  TRP A CZ2 1 
ATOM   254  C CZ3 . TRP A 1 30  ? 8.534   -7.154  14.395  1.00 20.71 ? 31  TRP A CZ3 1 
ATOM   255  C CH2 . TRP A 1 30  ? 9.128   -7.730  15.495  1.00 25.51 ? 31  TRP A CH2 1 
ATOM   256  N N   . VAL A 1 31  ? 7.998   -2.261  14.417  1.00 16.38 ? 32  VAL A N   1 
ATOM   257  C CA  . VAL A 1 31  ? 9.398   -2.122  14.089  1.00 15.08 ? 32  VAL A CA  1 
ATOM   258  C C   . VAL A 1 31  ? 9.941   -0.778  14.653  1.00 15.36 ? 32  VAL A C   1 
ATOM   259  O O   . VAL A 1 31  ? 11.044  -0.747  15.239  1.00 17.96 ? 32  VAL A O   1 
ATOM   260  C CB  . VAL A 1 31  ? 9.580   -2.285  12.604  1.00 11.87 ? 32  VAL A CB  1 
ATOM   261  C CG1 . VAL A 1 31  ? 10.916  -1.890  12.109  1.00 14.66 ? 32  VAL A CG1 1 
ATOM   262  C CG2 . VAL A 1 31  ? 9.300   -3.712  12.239  1.00 16.37 ? 32  VAL A CG2 1 
ATOM   263  N N   . GLN A 1 32  ? 9.174   0.285   14.521  1.00 13.29 ? 33  GLN A N   1 
ATOM   264  C CA  . GLN A 1 32  ? 9.577   1.614   14.899  1.00 15.53 ? 33  GLN A CA  1 
ATOM   265  C C   . GLN A 1 32  ? 10.069  1.743   16.401  1.00 16.80 ? 33  GLN A C   1 
ATOM   266  O O   . GLN A 1 32  ? 10.832  2.660   16.706  1.00 17.26 ? 33  GLN A O   1 
ATOM   267  C CB  . GLN A 1 32  ? 8.479   2.571   14.644  1.00 14.72 ? 33  GLN A CB  1 
ATOM   268  C CG  . GLN A 1 32  ? 8.623   4.051   15.262  1.00 19.23 ? 33  GLN A CG  1 
ATOM   269  C CD  . GLN A 1 32  ? 9.448   4.974   14.343  1.00 23.46 ? 33  GLN A CD  1 
ATOM   270  O OE1 . GLN A 1 32  ? 8.912   5.512   13.342  1.00 23.02 ? 33  GLN A OE1 1 
ATOM   271  N NE2 . GLN A 1 32  ? 10.738  5.160   14.686  1.00 17.39 ? 33  GLN A NE2 1 
ATOM   272  N N   . THR A 1 33  ? 9.584   0.874   17.273  1.00 17.16 ? 34  THR A N   1 
ATOM   273  C CA  . THR A 1 33  ? 9.991   0.835   18.683  1.00 18.89 ? 34  THR A CA  1 
ATOM   274  C C   . THR A 1 33  ? 11.447  0.442   18.828  1.00 19.48 ? 34  THR A C   1 
ATOM   275  O O   . THR A 1 33  ? 12.111  0.940   19.757  1.00 19.07 ? 34  THR A O   1 
ATOM   276  C CB  . THR A 1 33  ? 9.093   -0.139  19.538  1.00 18.78 ? 34  THR A CB  1 
ATOM   277  O OG1 . THR A 1 33  ? 9.199   -1.500  19.074  1.00 22.13 ? 34  THR A OG1 1 
ATOM   278  C CG2 . THR A 1 33  ? 7.655   0.166   19.391  1.00 20.78 ? 34  THR A CG2 1 
ATOM   279  N N   . LEU A 1 34  ? 11.919  -0.457  17.950  1.00 19.36 ? 35  LEU A N   1 
ATOM   280  C CA  . LEU A 1 34  ? 13.313  -0.911  17.901  1.00 19.49 ? 35  LEU A CA  1 
ATOM   281  C C   . LEU A 1 34  ? 13.695  -1.504  19.267  1.00 23.34 ? 35  LEU A C   1 
ATOM   282  O O   . LEU A 1 34  ? 14.817  -1.328  19.767  1.00 23.24 ? 35  LEU A O   1 
ATOM   283  C CB  . LEU A 1 34  ? 14.258  0.242   17.554  1.00 19.62 ? 35  LEU A CB  1 
ATOM   284  C CG  . LEU A 1 34  ? 14.186  0.838   16.161  1.00 21.68 ? 35  LEU A CG  1 
ATOM   285  C CD1 . LEU A 1 34  ? 15.148  1.928   15.927  1.00 25.07 ? 35  LEU A CD1 1 
ATOM   286  C CD2 . LEU A 1 34  ? 14.456  -0.255  15.202  1.00 26.16 ? 35  LEU A CD2 1 
ATOM   287  N N   . SER A 1 35  ? 12.711  -2.168  19.853  1.00 24.81 ? 36  SER A N   1 
ATOM   288  C CA  . SER A 1 35  ? 12.835  -2.858  21.068  1.00 26.78 ? 36  SER A CA  1 
ATOM   289  C C   . SER A 1 35  ? 13.920  -3.909  20.948  1.00 28.72 ? 36  SER A C   1 
ATOM   290  O O   . SER A 1 35  ? 14.454  -4.137  19.911  1.00 31.21 ? 36  SER A O   1 
ATOM   291  C CB  . SER A 1 35  ? 11.467  -3.497  21.430  1.00 25.74 ? 36  SER A CB  1 
ATOM   292  O OG  . SER A 1 35  ? 11.332  -4.706  20.693  1.00 25.04 ? 36  SER A OG  1 
ATOM   293  N N   . ASP A 1 36  ? 14.207  -4.596  22.043  1.00 31.28 ? 37  ASP A N   1 
ATOM   294  C CA  . ASP A 1 36  ? 15.226  -5.642  22.033  1.00 31.22 ? 37  ASP A CA  1 
ATOM   295  C C   . ASP A 1 36  ? 14.804  -6.754  21.125  1.00 31.00 ? 37  ASP A C   1 
ATOM   296  O O   . ASP A 1 36  ? 15.634  -7.326  20.415  1.00 33.05 ? 37  ASP A O   1 
ATOM   297  C CB  . ASP A 1 36  ? 15.453  -6.206  23.463  0.65 31.48 ? 37  ASP A CB  1 
ATOM   298  C CG  . ASP A 1 36  ? 16.100  -5.211  24.389  0.65 30.26 ? 37  ASP A CG  1 
ATOM   299  O OD1 . ASP A 1 36  ? 17.035  -4.515  23.977  0.65 27.37 ? 37  ASP A OD1 1 
ATOM   300  O OD2 . ASP A 1 36  ? 15.716  -5.038  25.556  0.65 31.59 ? 37  ASP A OD2 1 
ATOM   301  N N   . GLN A 1 37  ? 13.521  -7.109  21.117  1.00 30.83 ? 38  GLN A N   1 
ATOM   302  C CA  . GLN A 1 37  ? 13.093  -8.177  20.171  1.00 29.75 ? 38  GLN A CA  1 
ATOM   303  C C   . GLN A 1 37  ? 13.085  -7.692  18.715  1.00 27.38 ? 38  GLN A C   1 
ATOM   304  O O   . GLN A 1 37  ? 13.445  -8.414  17.781  1.00 25.69 ? 38  GLN A O   1 
ATOM   305  C CB  . GLN A 1 37  ? 11.723  -8.745  20.594  1.00 32.37 ? 38  GLN A CB  1 
ATOM   306  C CG  . GLN A 1 37  ? 11.388  -10.202 20.020  1.00 37.30 ? 38  GLN A CG  1 
ATOM   307  C CD  . GLN A 1 37  ? 9.895   -10.474 19.958  1.00 42.04 ? 38  GLN A CD  1 
ATOM   308  O OE1 . GLN A 1 37  ? 9.184   -10.056 20.877  1.00 48.20 ? 38  GLN A OE1 1 
ATOM   309  N NE2 . GLN A 1 37  ? 9.401   -11.142 18.874  1.00 44.44 ? 38  GLN A NE2 1 
ATOM   310  N N   . VAL A 1 38  ? 12.719  -6.438  18.455  1.00 26.86 ? 39  VAL A N   1 
ATOM   311  C CA  . VAL A 1 38  ? 12.789  -5.980  17.025  1.00 25.86 ? 39  VAL A CA  1 
ATOM   312  C C   . VAL A 1 38  ? 14.242  -6.127  16.488  1.00 26.22 ? 39  VAL A C   1 
ATOM   313  O O   . VAL A 1 38  ? 14.478  -6.583  15.374  1.00 24.70 ? 39  VAL A O   1 
ATOM   314  C CB  . VAL A 1 38  ? 12.324  -4.532  16.850  1.00 23.28 ? 39  VAL A CB  1 
ATOM   315  C CG1 . VAL A 1 38  ? 12.810  -3.963  15.503  1.00 20.87 ? 39  VAL A CG1 1 
ATOM   316  C CG2 . VAL A 1 38  ? 10.802  -4.452  16.977  1.00 23.65 ? 39  VAL A CG2 1 
ATOM   317  N N   . GLN A 1 39  ? 15.187  -5.674  17.296  1.00 28.70 ? 40  GLN A N   1 
ATOM   318  C CA  . GLN A 1 39  ? 16.604  -5.666  16.878  1.00 31.72 ? 40  GLN A CA  1 
ATOM   319  C C   . GLN A 1 39  ? 17.118  -7.040  16.475  1.00 33.81 ? 40  GLN A C   1 
ATOM   320  O O   . GLN A 1 39  ? 17.776  -7.231  15.403  1.00 35.61 ? 40  GLN A O   1 
ATOM   321  C CB  . GLN A 1 39  ? 17.395  -5.182  18.045  1.00 32.23 ? 40  GLN A CB  1 
ATOM   322  C CG  . GLN A 1 39  ? 17.059  -3.746  18.375  1.00 32.69 ? 40  GLN A CG  1 
ATOM   323  C CD  . GLN A 1 39  ? 18.006  -3.173  19.368  1.00 31.05 ? 40  GLN A CD  1 
ATOM   324  O OE1 . GLN A 1 39  ? 19.208  -3.093  19.127  1.00 39.30 ? 40  GLN A OE1 1 
ATOM   325  N NE2 . GLN A 1 39  ? 17.490  -2.750  20.447  1.00 29.72 ? 40  GLN A NE2 1 
ATOM   326  N N   . GLU A 1 40  ? 16.795  -8.023  17.297  1.00 35.71 ? 41  GLU A N   1 
ATOM   327  C CA  . GLU A 1 40  ? 17.257  -9.339  16.969  1.00 38.59 ? 41  GLU A CA  1 
ATOM   328  C C   . GLU A 1 40  ? 16.637  -9.778  15.679  1.00 39.73 ? 41  GLU A C   1 
ATOM   329  O O   . GLU A 1 40  ? 17.301  -10.204 14.743  1.00 39.90 ? 41  GLU A O   1 
ATOM   330  C CB  . GLU A 1 40  ? 16.959  -10.304 18.111  1.00 39.49 ? 41  GLU A CB  1 
ATOM   331  C CG  . GLU A 1 40  ? 17.832  -10.029 19.345  1.00 43.69 ? 41  GLU A CG  1 
ATOM   332  C CD  . GLU A 1 40  ? 19.366  -10.246 19.190  1.00 48.21 ? 41  GLU A CD  1 
ATOM   333  O OE1 . GLU A 1 40  ? 20.039  -9.953  18.154  1.00 49.26 ? 41  GLU A OE1 1 
ATOM   334  O OE2 . GLU A 1 40  ? 19.946  -10.706 20.181  1.00 54.00 ? 41  GLU A OE2 1 
ATOM   335  N N   . GLU A 1 41  ? 15.325  -9.609  15.590  1.00 41.40 ? 42  GLU A N   1 
ATOM   336  C CA  . GLU A 1 41  ? 14.626  -10.148 14.442  1.00 41.93 ? 42  GLU A CA  1 
ATOM   337  C C   . GLU A 1 41  ? 14.975  -9.483  13.159  1.00 42.12 ? 42  GLU A C   1 
ATOM   338  O O   . GLU A 1 41  ? 14.737  -10.031 12.115  1.00 44.33 ? 42  GLU A O   1 
ATOM   339  C CB  . GLU A 1 41  ? 13.153  -10.110 14.691  1.00 41.42 ? 42  GLU A CB  1 
ATOM   340  C CG  . GLU A 1 41  ? 12.786  -10.968 15.900  1.00 40.42 ? 42  GLU A CG  1 
ATOM   341  C CD  . GLU A 1 41  ? 11.303  -11.192 15.930  1.00 38.89 ? 42  GLU A CD  1 
ATOM   342  O OE1 . GLU A 1 41  ? 10.615  -11.400 16.947  1.00 36.37 ? 42  GLU A OE1 1 
ATOM   343  O OE2 . GLU A 1 41  ? 10.833  -11.113 14.844  1.00 38.98 ? 42  GLU A OE2 1 
ATOM   344  N N   . LEU A 1 42  ? 15.551  -8.297  13.229  1.00 42.94 ? 43  LEU A N   1 
ATOM   345  C CA  . LEU A 1 42  ? 16.022  -7.618  12.039  1.00 42.16 ? 43  LEU A CA  1 
ATOM   346  C C   . LEU A 1 42  ? 17.340  -8.228  11.540  1.00 44.02 ? 43  LEU A C   1 
ATOM   347  O O   . LEU A 1 42  ? 17.535  -8.354  10.332  1.00 45.74 ? 43  LEU A O   1 
ATOM   348  C CB  . LEU A 1 42  ? 16.238  -6.147  12.332  1.00 42.11 ? 43  LEU A CB  1 
ATOM   349  C CG  . LEU A 1 42  ? 15.020  -5.258  12.308  1.00 38.44 ? 43  LEU A CG  1 
ATOM   350  C CD1 . LEU A 1 42  ? 15.237  -4.085  13.165  1.00 35.68 ? 43  LEU A CD1 1 
ATOM   351  C CD2 . LEU A 1 42  ? 14.828  -4.850  10.872  1.00 38.02 ? 43  LEU A CD2 1 
ATOM   352  N N   . GLN A 1 43  ? 18.251  -8.597  12.432  1.00 43.90 ? 44  GLN A N   1 
ATOM   353  C CA  . GLN A 1 43  ? 19.426  -9.345  11.970  1.00 45.62 ? 44  GLN A CA  1 
ATOM   354  C C   . GLN A 1 43  ? 19.025  -10.693 11.366  1.00 44.89 ? 44  GLN A C   1 
ATOM   355  O O   . GLN A 1 43  ? 19.630  -11.103 10.416  1.00 46.57 ? 44  GLN A O   1 
ATOM   356  C CB  . GLN A 1 43  ? 20.558  -9.493  13.044  1.00 45.86 ? 44  GLN A CB  1 
ATOM   357  C CG  . GLN A 1 43  ? 20.224  -10.140 14.407  1.00 47.16 ? 44  GLN A CG  1 
ATOM   358  C CD  . GLN A 1 43  ? 20.085  -11.700 14.426  1.00 50.48 ? 44  GLN A CD  1 
ATOM   359  O OE1 . GLN A 1 43  ? 20.251  -12.374 13.388  1.00 51.68 ? 44  GLN A OE1 1 
ATOM   360  N NE2 . GLN A 1 43  ? 19.788  -12.259 15.606  1.00 50.03 ? 44  GLN A NE2 1 
ATOM   361  N N   . SER A 1 44  ? 17.977  -11.325 11.908  1.00 44.92 ? 45  SER A N   1 
ATOM   362  C CA  . SER A 1 44  ? 17.480  -12.648 11.505  1.00 43.27 ? 45  SER A CA  1 
ATOM   363  C C   . SER A 1 44  ? 16.698  -12.686 10.178  1.00 42.22 ? 45  SER A C   1 
ATOM   364  O O   . SER A 1 44  ? 16.253  -13.765 9.767   1.00 43.16 ? 45  SER A O   1 
ATOM   365  C CB  . SER A 1 44  ? 16.613  -13.251 12.639  1.00 43.55 ? 45  SER A CB  1 
ATOM   366  O OG  . SER A 1 44  ? 15.228  -13.507 12.255  1.00 44.41 ? 45  SER A OG  1 
ATOM   367  N N   . SER A 1 45  ? 16.563  -11.531 9.513   1.00 41.20 ? 46  SER A N   1 
ATOM   368  C CA  . SER A 1 45  ? 15.957  -11.367 8.144   1.00 38.57 ? 46  SER A CA  1 
ATOM   369  C C   . SER A 1 45  ? 14.452  -11.663 8.047   1.00 36.08 ? 46  SER A C   1 
ATOM   370  O O   . SER A 1 45  ? 13.880  -11.526 6.963   1.00 37.37 ? 46  SER A O   1 
ATOM   371  C CB  . SER A 1 45  ? 16.743  -12.112 7.056   0.65 39.05 ? 46  SER A CB  1 
ATOM   372  O OG  . SER A 1 45  ? 17.256  -13.326 7.551   0.65 39.41 ? 46  SER A OG  1 
ATOM   373  N N   . GLN A 1 46  ? 13.834  -12.021 9.173   1.00 33.04 ? 47  GLN A N   1 
ATOM   374  C CA  . GLN A 1 46  ? 12.407  -12.238 9.285   1.00 32.18 ? 47  GLN A CA  1 
ATOM   375  C C   . GLN A 1 46  ? 11.626  -10.892 8.996   1.00 30.56 ? 47  GLN A C   1 
ATOM   376  O O   . GLN A 1 46  ? 10.504  -10.929 8.492   1.00 27.53 ? 47  GLN A O   1 
ATOM   377  C CB  . GLN A 1 46  ? 12.089  -12.733 10.704  1.00 32.59 ? 47  GLN A CB  1 
ATOM   378  C CG  . GLN A 1 46  ? 10.608  -12.956 11.173  1.00 36.43 ? 47  GLN A CG  1 
ATOM   379  C CD  . GLN A 1 46  ? 10.490  -13.680 12.545  1.00 40.22 ? 47  GLN A CD  1 
ATOM   380  O OE1 . GLN A 1 46  ? 9.389   -13.872 13.064  1.00 46.59 ? 47  GLN A OE1 1 
ATOM   381  N NE2 . GLN A 1 46  ? 11.612  -14.079 13.113  1.00 45.05 ? 47  GLN A NE2 1 
ATOM   382  N N   . VAL A 1 47  ? 12.228  -9.741  9.327   1.00 27.61 ? 48  VAL A N   1 
ATOM   383  C CA  . VAL A 1 47  ? 11.488  -8.521  9.363   1.00 24.79 ? 48  VAL A CA  1 
ATOM   384  C C   . VAL A 1 47  ? 11.348  -8.051  7.959   1.00 23.33 ? 48  VAL A C   1 
ATOM   385  O O   . VAL A 1 47  ? 10.194  -7.711  7.507   1.00 21.25 ? 48  VAL A O   1 
ATOM   386  C CB  . VAL A 1 47  ? 12.084  -7.452  10.286  1.00 24.53 ? 48  VAL A CB  1 
ATOM   387  C CG1 . VAL A 1 47  ? 11.477  -6.097  9.975   1.00 24.54 ? 48  VAL A CG1 1 
ATOM   388  C CG2 . VAL A 1 47  ? 11.810  -7.820  11.762  1.00 23.87 ? 48  VAL A CG2 1 
ATOM   389  N N   . THR A 1 48  ? 12.451  -8.038  7.248   1.00 20.16 ? 49  THR A N   1 
ATOM   390  C CA  . THR A 1 48  ? 12.391  -7.590  5.925   1.00 22.46 ? 49  THR A CA  1 
ATOM   391  C C   . THR A 1 48  ? 11.651  -8.566  4.980   1.00 21.29 ? 49  THR A C   1 
ATOM   392  O O   . THR A 1 48  ? 11.170  -8.137  3.925   1.00 20.48 ? 49  THR A O   1 
ATOM   393  C CB  . THR A 1 48  ? 13.795  -7.303  5.360   1.00 24.22 ? 49  THR A CB  1 
ATOM   394  O OG1 . THR A 1 48  ? 14.580  -8.509  5.425   1.00 27.07 ? 49  THR A OG1 1 
ATOM   395  C CG2 . THR A 1 48  ? 14.511  -6.110  6.195   1.00 23.11 ? 49  THR A CG2 1 
ATOM   396  N N   . GLN A 1 49  ? 11.633  -9.866  5.339   1.00 18.98 ? 50  GLN A N   1 
ATOM   397  C CA  . GLN A 1 49  ? 11.023  -10.911 4.498   1.00 18.57 ? 50  GLN A CA  1 
ATOM   398  C C   . GLN A 1 49  ? 9.511   -10.700 4.646   1.00 16.26 ? 50  GLN A C   1 
ATOM   399  O O   . GLN A 1 49  ? 8.809   -10.733 3.654   1.00 17.36 ? 50  GLN A O   1 
ATOM   400  C CB  . GLN A 1 49  ? 11.343  -12.335 5.024   1.00 18.89 ? 50  GLN A CB  1 
ATOM   401  C CG  . GLN A 1 49  ? 12.602  -13.013 4.447   1.00 23.27 ? 50  GLN A CG  1 
ATOM   402  C CD  . GLN A 1 49  ? 13.127  -14.177 5.343   1.00 27.33 ? 50  GLN A CD  1 
ATOM   403  O OE1 . GLN A 1 49  ? 14.271  -14.640 5.150   1.00 32.28 ? 50  GLN A OE1 1 
ATOM   404  N NE2 . GLN A 1 49  ? 12.337  -14.594 6.338   1.00 25.32 ? 50  GLN A NE2 1 
ATOM   405  N N   . GLU A 1 50  ? 9.072   -10.491 5.875   1.00 16.55 ? 51  GLU A N   1 
ATOM   406  C CA  . GLU A 1 50  ? 7.674   -10.284 6.239   1.00 18.51 ? 51  GLU A CA  1 
ATOM   407  C C   . GLU A 1 50  ? 7.170   -8.934  5.739   1.00 18.79 ? 51  GLU A C   1 
ATOM   408  O O   . GLU A 1 50  ? 6.087   -8.831  5.101   1.00 17.68 ? 51  GLU A O   1 
ATOM   409  C CB  . GLU A 1 50  ? 7.452   -10.522 7.733   1.00 18.78 ? 51  GLU A CB  1 
ATOM   410  C CG  . GLU A 1 50  ? 7.669   -12.014 8.091   1.00 22.93 ? 51  GLU A CG  1 
ATOM   411  C CD  . GLU A 1 50  ? 7.455   -12.290 9.590   1.00 25.01 ? 51  GLU A CD  1 
ATOM   412  O OE1 . GLU A 1 50  ? 7.272   -13.467 9.942   1.00 26.56 ? 51  GLU A OE1 1 
ATOM   413  O OE2 . GLU A 1 50  ? 7.391   -11.344 10.431  1.00 26.51 ? 51  GLU A OE2 1 
ATOM   414  N N   . LEU A 1 51  ? 8.031   -7.937  5.812   1.00 15.71 ? 52  LEU A N   1 
ATOM   415  C CA  . LEU A 1 51  ? 7.658   -6.631  5.297   1.00 17.41 ? 52  LEU A CA  1 
ATOM   416  C C   . LEU A 1 51  ? 7.487   -6.739  3.859   1.00 16.62 ? 52  LEU A C   1 
ATOM   417  O O   . LEU A 1 51  ? 6.604   -6.108  3.225   1.00 16.78 ? 52  LEU A O   1 
ATOM   418  C CB  . LEU A 1 51  ? 8.780   -5.592  5.560   1.00 18.81 ? 52  LEU A CB  1 
ATOM   419  C CG  . LEU A 1 51  ? 8.287   -4.194  5.873   1.00 27.35 ? 52  LEU A CG  1 
ATOM   420  C CD1 . LEU A 1 51  ? 7.450   -4.121  7.122   1.00 27.19 ? 52  LEU A CD1 1 
ATOM   421  C CD2 . LEU A 1 51  ? 9.500   -3.165  5.910   1.00 28.05 ? 52  LEU A CD2 1 
ATOM   422  N N   . THR A 1 52  ? 8.373   -7.514  3.246   1.00 15.63 ? 53  THR A N   1 
ATOM   423  C CA  . THR A 1 52  ? 8.289   -7.663  1.827   1.00 15.03 ? 53  THR A CA  1 
ATOM   424  C C   . THR A 1 52  ? 7.005   -8.385  1.392   1.00 13.69 ? 53  THR A C   1 
ATOM   425  O O   . THR A 1 52  ? 6.377   -7.965  0.435   1.00 13.65 ? 53  THR A O   1 
ATOM   426  C CB  . THR A 1 52  ? 9.525   -8.370  1.231   1.00 17.67 ? 53  THR A CB  1 
ATOM   427  O OG1 . THR A 1 52  ? 10.655  -7.476  1.240   1.00 18.75 ? 53  THR A OG1 1 
ATOM   428  C CG2 . THR A 1 52  ? 9.244   -8.762  -0.292  1.00 17.13 ? 53  THR A CG2 1 
ATOM   429  N N   . ALA A 1 53  ? 6.577   -9.391  2.120   1.00 13.37 ? 54  ALA A N   1 
ATOM   430  C CA  . ALA A 1 53  ? 5.306   -10.084 1.823   1.00 13.52 ? 54  ALA A CA  1 
ATOM   431  C C   . ALA A 1 53  ? 4.117   -9.070  1.905   1.00 13.01 ? 54  ALA A C   1 
ATOM   432  O O   . ALA A 1 53  ? 3.247   -9.011  1.088   1.00 13.80 ? 54  ALA A O   1 
ATOM   433  C CB  . ALA A 1 53  ? 5.126   -11.193 2.817   1.00 15.47 ? 54  ALA A CB  1 
ATOM   434  N N   . LEU A 1 54  ? 4.165   -8.174  2.864   1.00 11.67 ? 55  LEU A N   1 
ATOM   435  C CA  . LEU A 1 54  ? 3.112   -7.205  3.108   1.00 10.91 ? 55  LEU A CA  1 
ATOM   436  C C   . LEU A 1 54  ? 3.050   -6.108  2.116   1.00 9.41  ? 55  LEU A C   1 
ATOM   437  O O   . LEU A 1 54  ? 1.967   -5.650  1.708   1.00 8.91  ? 55  LEU A O   1 
ATOM   438  C CB  . LEU A 1 54  ? 3.201   -6.557  4.534   1.00 10.34 ? 55  LEU A CB  1 
ATOM   439  C CG  . LEU A 1 54  ? 3.109   -7.588  5.573   1.00 14.08 ? 55  LEU A CG  1 
ATOM   440  C CD1 . LEU A 1 54  ? 3.523   -7.057  6.921   1.00 13.01 ? 55  LEU A CD1 1 
ATOM   441  C CD2 . LEU A 1 54  ? 1.645   -8.183  5.582   1.00 15.11 ? 55  LEU A CD2 1 
ATOM   442  N N   . MET A 1 55  ? 4.173   -5.675  1.679   1.00 10.43 ? 56  MET A N   1 
ATOM   443  C CA  . MET A 1 55  ? 4.230   -4.713  0.625   1.00 11.22 ? 56  MET A CA  1 
ATOM   444  C C   . MET A 1 55  ? 3.715   -5.271  -0.668  1.00 13.26 ? 56  MET A C   1 
ATOM   445  O O   . MET A 1 55  ? 2.979   -4.593  -1.433  1.00 14.69 ? 56  MET A O   1 
ATOM   446  C CB  . MET A 1 55  ? 5.686   -4.203  0.434   1.00 11.97 ? 56  MET A CB  1 
ATOM   447  C CG  . MET A 1 55  ? 6.225   -3.465  1.627   1.00 19.45 ? 56  MET A CG  1 
ATOM   448  S SD  . MET A 1 55  ? 8.139   -3.629  1.601   1.00 22.14 ? 56  MET A SD  1 
ATOM   449  C CE  . MET A 1 55  ? 8.366   -3.416  0.042   1.00 13.17 ? 56  MET A CE  1 
ATOM   450  N N   . GLU A 1 56  ? 4.182   -6.455  -1.025  1.00 12.06 ? 57  GLU A N   1 
ATOM   451  C CA  . GLU A 1 56  ? 3.729   -7.068  -2.216  1.00 12.46 ? 57  GLU A CA  1 
ATOM   452  C C   . GLU A 1 56  ? 2.220   -7.266  -2.281  1.00 12.48 ? 57  GLU A C   1 
ATOM   453  O O   . GLU A 1 56  ? 1.576   -7.026  -3.279  1.00 13.83 ? 57  GLU A O   1 
ATOM   454  C CB  . GLU A 1 56  ? 4.381   -8.443  -2.296  1.00 14.22 ? 57  GLU A CB  1 
ATOM   455  C CG  . GLU A 1 56  ? 5.787   -8.341  -2.739  1.00 22.32 ? 57  GLU A CG  1 
ATOM   456  C CD  . GLU A 1 56  ? 6.149   -9.332  -3.785  1.00 31.91 ? 57  GLU A CD  1 
ATOM   457  O OE1 . GLU A 1 56  ? 5.315   -10.198 -4.188  1.00 41.82 ? 57  GLU A OE1 1 
ATOM   458  O OE2 . GLU A 1 56  ? 7.315   -9.286  -4.110  1.00 39.04 ? 57  GLU A OE2 1 
ATOM   459  N N   . ASP A 1 57  ? 1.665   -7.762  -1.212  1.00 11.23 ? 58  ASP A N   1 
ATOM   460  C CA  . ASP A 1 57  ? 0.213   -7.974  -1.143  1.00 11.69 ? 58  ASP A CA  1 
ATOM   461  C C   . ASP A 1 57  ? -0.563  -6.668  -1.249  1.00 11.75 ? 58  ASP A C   1 
ATOM   462  O O   . ASP A 1 57  ? -1.526  -6.596  -1.981  1.00 10.89 ? 58  ASP A O   1 
ATOM   463  C CB  . ASP A 1 57  ? -0.157  -8.684  0.071   1.00 10.64 ? 58  ASP A CB  1 
ATOM   464  C CG  . ASP A 1 57  ? -1.394  -9.441  -0.092  1.00 16.74 ? 58  ASP A CG  1 
ATOM   465  O OD1 . ASP A 1 57  ? -2.098  -9.526  0.913   1.00 17.71 ? 58  ASP A OD1 1 
ATOM   466  O OD2 . ASP A 1 57  ? -1.725  -9.951  -1.197  1.00 15.46 ? 58  ASP A OD2 1 
ATOM   467  N N   . THR A 1 58  ? -0.021  -5.596  -0.696  1.00 10.94 ? 59  THR A N   1 
ATOM   468  C CA  . THR A 1 58  ? -0.606  -4.284  -0.935  1.00 10.77 ? 59  THR A CA  1 
ATOM   469  C C   . THR A 1 58  ? -0.652  -3.947  -2.418  1.00 9.00  ? 59  THR A C   1 
ATOM   470  O O   . THR A 1 58  ? -1.680  -3.566  -2.929  1.00 8.00  ? 59  THR A O   1 
ATOM   471  C CB  . THR A 1 58  ? 0.140   -3.215  -0.194  1.00 10.15 ? 59  THR A CB  1 
ATOM   472  O OG1 . THR A 1 58  ? 0.166   -3.546  1.170   1.00 9.15  ? 59  THR A OG1 1 
ATOM   473  C CG2 . THR A 1 58  ? -0.615  -1.881  -0.316  1.00 12.53 ? 59  THR A CG2 1 
ATOM   474  N N   . MET A 1 59  ? 0.480   -4.013  -3.098  1.00 10.50 ? 60  MET A N   1 
ATOM   475  C CA  . MET A 1 59  ? 0.553   -3.781  -4.520  1.00 10.04 ? 60  MET A CA  1 
ATOM   476  C C   . MET A 1 59  ? -0.359  -4.649  -5.351  1.00 10.37 ? 60  MET A C   1 
ATOM   477  O O   . MET A 1 59  ? -0.905  -4.199  -6.335  1.00 11.55 ? 60  MET A O   1 
ATOM   478  C CB  . MET A 1 59  ? 2.050   -3.873  -5.000  1.00 9.89  ? 60  MET A CB  1 
ATOM   479  C CG  . MET A 1 59  ? 2.900   -2.739  -4.384  1.00 13.62 ? 60  MET A CG  1 
ATOM   480  S SD  . MET A 1 59  ? 2.527   -1.038  -5.115  1.00 22.74 ? 60  MET A SD  1 
ATOM   481  C CE  . MET A 1 59  ? 1.889   -0.444  -3.957  1.00 22.64 ? 60  MET A CE  1 
ATOM   482  N N   . THR A 1 60  ? -0.464  -5.928  -5.031  1.00 12.67 ? 61  THR A N   1 
ATOM   483  C CA  . THR A 1 60  ? -1.371  -6.809  -5.747  1.00 13.24 ? 61  THR A CA  1 
ATOM   484  C C   . THR A 1 60  ? -2.825  -6.330  -5.582  1.00 14.01 ? 61  THR A C   1 
ATOM   485  O O   . THR A 1 60  ? -3.631  -6.406  -6.506  1.00 12.07 ? 61  THR A O   1 
ATOM   486  C CB  . THR A 1 60  ? -1.213  -8.149  -5.097  1.00 15.94 ? 61  THR A CB  1 
ATOM   487  O OG1 . THR A 1 60  ? 0.110   -8.671  -5.373  1.00 13.19 ? 61  THR A OG1 1 
ATOM   488  C CG2 . THR A 1 60  ? -2.208  -9.163  -5.579  1.00 17.51 ? 61  THR A CG2 1 
ATOM   489  N N   . GLU A 1 61  ? -3.211  -5.933  -4.373  1.00 12.32 ? 62  GLU A N   1 
ATOM   490  C CA  . GLU A 1 61  ? -4.603  -5.427  -4.177  1.00 13.03 ? 62  GLU A CA  1 
ATOM   491  C C   . GLU A 1 61  ? -4.808  -4.034  -4.817  1.00 13.34 ? 62  GLU A C   1 
ATOM   492  O O   . GLU A 1 61  ? -5.882  -3.787  -5.411  1.00 13.65 ? 62  GLU A O   1 
ATOM   493  C CB  . GLU A 1 61  ? -4.983  -5.352  -2.698  1.00 12.43 ? 62  GLU A CB  1 
ATOM   494  C CG  . GLU A 1 61  ? -4.917  -6.673  -2.007  1.00 11.59 ? 62  GLU A CG  1 
ATOM   495  C CD  . GLU A 1 61  ? -6.038  -7.601  -2.507  1.00 14.64 ? 62  GLU A CD  1 
ATOM   496  O OE1 . GLU A 1 61  ? -6.873  -7.140  -3.275  1.00 14.98 ? 62  GLU A OE1 1 
ATOM   497  O OE2 . GLU A 1 61  ? -6.018  -8.788  -2.214  1.00 16.11 ? 62  GLU A OE2 1 
ATOM   498  N N   . VAL A 1 62  ? -3.788  -3.164  -4.854  1.00 12.47 ? 63  VAL A N   1 
ATOM   499  C CA  . VAL A 1 62  ? -3.946  -1.910  -5.587  1.00 11.73 ? 63  VAL A CA  1 
ATOM   500  C C   . VAL A 1 62  ? -4.202  -2.155  -7.127  1.00 13.75 ? 63  VAL A C   1 
ATOM   501  O O   . VAL A 1 62  ? -5.043  -1.572  -7.729  1.00 12.85 ? 63  VAL A O   1 
ATOM   502  C CB  . VAL A 1 62  ? -2.706  -0.993  -5.415  1.00 12.12 ? 63  VAL A CB  1 
ATOM   503  C CG1 . VAL A 1 62  ? -2.836  0.225   -6.287  1.00 10.54 ? 63  VAL A CG1 1 
ATOM   504  C CG2 . VAL A 1 62  ? -2.600  -0.541  -4.005  1.00 9.18  ? 63  VAL A CG2 1 
ATOM   505  N N   . LYS A 1 63  ? -3.420  -3.035  -7.715  1.00 15.83 ? 64  LYS A N   1 
ATOM   506  C CA  . LYS A 1 63  ? -3.538  -3.452  -9.110  1.00 17.25 ? 64  LYS A CA  1 
ATOM   507  C C   . LYS A 1 63  ? -4.895  -4.138  -9.398  1.00 16.32 ? 64  LYS A C   1 
ATOM   508  O O   . LYS A 1 63  ? -5.542  -3.821  -10.374 1.00 12.31 ? 64  LYS A O   1 
ATOM   509  C CB  . LYS A 1 63  ? -2.334  -4.363  -9.442  1.00 19.85 ? 64  LYS A CB  1 
ATOM   510  C CG  . LYS A 1 63  ? -0.987  -3.503  -9.213  1.00 24.99 ? 64  LYS A CG  1 
ATOM   511  C CD  . LYS A 1 63  ? -0.006  -3.540  -10.324 1.00 29.04 ? 64  LYS A CD  1 
ATOM   512  C CE  . LYS A 1 63  ? 1.436   -3.199  -9.824  1.00 30.13 ? 64  LYS A CE  1 
ATOM   513  N NZ  . LYS A 1 63  ? 1.950   -4.047  -8.730  1.00 29.89 ? 64  LYS A NZ  1 
ATOM   514  N N   . ALA A 1 64  ? -5.339  -5.062  -8.561  1.00 15.31 ? 65  ALA A N   1 
ATOM   515  C CA  . ALA A 1 64  ? -6.647  -5.619  -8.784  1.00 16.14 ? 65  ALA A CA  1 
ATOM   516  C C   . ALA A 1 64  ? -7.736  -4.531  -8.740  1.00 15.52 ? 65  ALA A C   1 
ATOM   517  O O   . ALA A 1 64  ? -8.748  -4.611  -9.472  1.00 17.53 ? 65  ALA A O   1 
ATOM   518  C CB  . ALA A 1 64  ? -6.960  -6.729  -7.768  1.00 16.15 ? 65  ALA A CB  1 
ATOM   519  N N   . TYR A 1 65  ? -7.598  -3.565  -7.817  1.00 13.10 ? 66  TYR A N   1 
ATOM   520  C CA  . TYR A 1 65  ? -8.570  -2.521  -7.673  1.00 12.23 ? 66  TYR A CA  1 
ATOM   521  C C   . TYR A 1 65  ? -8.625  -1.492  -8.858  1.00 15.94 ? 66  TYR A C   1 
ATOM   522  O O   . TYR A 1 65  ? -9.682  -1.167  -9.372  1.00 13.56 ? 66  TYR A O   1 
ATOM   523  C CB  . TYR A 1 65  ? -8.358  -1.785  -6.392  1.00 12.95 ? 66  TYR A CB  1 
ATOM   524  C CG  . TYR A 1 65  ? -9.455  -0.834  -6.035  1.00 14.82 ? 66  TYR A CG  1 
ATOM   525  C CD1 . TYR A 1 65  ? -10.835 -1.123  -6.319  1.00 14.18 ? 66  TYR A CD1 1 
ATOM   526  C CD2 . TYR A 1 65  ? -9.164  0.362   -5.367  1.00 14.91 ? 66  TYR A CD2 1 
ATOM   527  C CE1 . TYR A 1 65  ? -11.834 -0.180  -5.974  1.00 12.94 ? 66  TYR A CE1 1 
ATOM   528  C CE2 . TYR A 1 65  ? -10.202 1.300   -5.110  1.00 14.61 ? 66  TYR A CE2 1 
ATOM   529  C CZ  . TYR A 1 65  ? -11.531 0.960   -5.356  1.00 12.44 ? 66  TYR A CZ  1 
ATOM   530  O OH  . TYR A 1 65  ? -12.528 1.895   -4.950  1.00 18.46 ? 66  TYR A OH  1 
ATOM   531  N N   . LYS A 1 66  ? -7.474  -1.071  -9.354  1.00 16.32 ? 67  LYS A N   1 
ATOM   532  C CA  . LYS A 1 66  ? -7.389  -0.243  -10.517 1.00 20.07 ? 67  LYS A CA  1 
ATOM   533  C C   . LYS A 1 66  ? -7.999  -0.940  -11.739 1.00 21.19 ? 67  LYS A C   1 
ATOM   534  O O   . LYS A 1 66  ? -8.700  -0.312  -12.465 1.00 21.80 ? 67  LYS A O   1 
ATOM   535  C CB  . LYS A 1 66  ? -5.922  0.096   -10.780 1.00 21.55 ? 67  LYS A CB  1 
ATOM   536  C CG  . LYS A 1 66  ? -5.701  0.815   -12.104 1.00 29.49 ? 67  LYS A CG  1 
ATOM   537  C CD  . LYS A 1 66  ? -5.054  -0.134  -13.190 1.00 37.25 ? 67  LYS A CD  1 
ATOM   538  C CE  . LYS A 1 66  ? -5.146  0.448   -14.639 1.00 41.46 ? 67  LYS A CE  1 
ATOM   539  N NZ  . LYS A 1 66  ? -5.040  -0.616  -15.683 1.00 43.69 ? 67  LYS A NZ  1 
ATOM   540  N N   . LYS A 1 67  ? -7.742  -2.212  -11.957 1.00 22.18 ? 68  LYS A N   1 
ATOM   541  C CA  . LYS A 1 67  ? -8.318  -2.906  -13.080 1.00 23.99 ? 68  LYS A CA  1 
ATOM   542  C C   . LYS A 1 67  ? -9.838  -3.059  -12.889 1.00 24.01 ? 68  LYS A C   1 
ATOM   543  O O   . LYS A 1 67  ? -10.650 -2.895  -13.829 1.00 23.48 ? 68  LYS A O   1 
ATOM   544  C CB  . LYS A 1 67  ? -7.728  -4.286  -13.266 1.00 25.70 ? 68  LYS A CB  1 
ATOM   545  C CG  . LYS A 1 67  ? -6.397  -4.294  -13.958 1.00 31.48 ? 68  LYS A CG  1 
ATOM   546  C CD  . LYS A 1 67  ? -5.596  -5.580  -13.693 1.00 34.13 ? 68  LYS A CD  1 
ATOM   547  C CE  . LYS A 1 67  ? -4.180  -5.527  -14.279 1.00 38.18 ? 68  LYS A CE  1 
ATOM   548  N NZ  . LYS A 1 67  ? -3.925  -4.465  -15.366 1.00 40.36 ? 68  LYS A NZ  1 
ATOM   549  N N   . GLU A 1 68  ? -10.254 -3.252  -11.666 1.00 23.24 ? 69  GLU A N   1 
ATOM   550  C CA  . GLU A 1 68  ? -11.667 -3.310  -11.436 1.00 23.75 ? 69  GLU A CA  1 
ATOM   551  C C   . GLU A 1 68  ? -12.356 -1.941  -11.741 1.00 24.14 ? 69  GLU A C   1 
ATOM   552  O O   . GLU A 1 68  ? -13.382 -1.922  -12.455 1.00 21.98 ? 69  GLU A O   1 
ATOM   553  C CB  . GLU A 1 68  ? -11.953 -3.860  -10.089 1.00 23.97 ? 69  GLU A CB  1 
ATOM   554  C CG  . GLU A 1 68  ? -13.361 -3.783  -9.591  1.00 27.91 ? 69  GLU A CG  1 
ATOM   555  C CD  . GLU A 1 68  ? -13.392 -3.949  -8.069  1.00 31.90 ? 69  GLU A CD  1 
ATOM   556  O OE1 . GLU A 1 68  ? -14.307 -3.478  -7.425  1.00 27.66 ? 69  GLU A OE1 1 
ATOM   557  O OE2 . GLU A 1 68  ? -12.424 -4.479  -7.492  1.00 42.39 ? 69  GLU A OE2 1 
ATOM   558  N N   . LEU A 1 69  ? -11.839 -0.838  -11.227 1.00 23.03 ? 70  LEU A N   1 
ATOM   559  C CA  . LEU A 1 69  ? -12.375 0.486   -11.579 1.00 24.60 ? 70  LEU A CA  1 
ATOM   560  C C   . LEU A 1 69  ? -12.393 0.798   -13.071 1.00 27.97 ? 70  LEU A C   1 
ATOM   561  O O   . LEU A 1 69  ? -13.315 1.454   -13.555 1.00 28.52 ? 70  LEU A O   1 
ATOM   562  C CB  . LEU A 1 69  ? -11.609 1.604   -10.929 1.00 21.76 ? 70  LEU A CB  1 
ATOM   563  C CG  . LEU A 1 69  ? -11.664 1.528   -9.382  1.00 21.57 ? 70  LEU A CG  1 
ATOM   564  C CD1 . LEU A 1 69  ? -10.723 2.558   -8.764  1.00 21.14 ? 70  LEU A CD1 1 
ATOM   565  C CD2 . LEU A 1 69  ? -13.179 1.773   -8.977  1.00 23.00 ? 70  LEU A CD2 1 
ATOM   566  N N   . GLU A 1 70  ? -11.342 0.385   -13.775 1.00 29.69 ? 71  GLU A N   1 
ATOM   567  C CA  . GLU A 1 70  ? -11.242 0.683   -15.161 1.00 32.00 ? 71  GLU A CA  1 
ATOM   568  C C   . GLU A 1 70  ? -12.301 -0.123  -15.943 1.00 33.17 ? 71  GLU A C   1 
ATOM   569  O O   . GLU A 1 70  ? -13.005 0.429   -16.773 1.00 31.25 ? 71  GLU A O   1 
ATOM   570  C CB  . GLU A 1 70  ? -9.802  0.553   -15.630 1.00 33.24 ? 71  GLU A CB  1 
ATOM   571  C CG  . GLU A 1 70  ? -9.456  -0.666  -16.381 1.00 40.06 ? 71  GLU A CG  1 
ATOM   572  C CD  . GLU A 1 70  ? -8.140  -0.495  -17.175 1.00 44.54 ? 71  GLU A CD  1 
ATOM   573  O OE1 . GLU A 1 70  ? -7.129  -0.043  -16.583 1.00 48.58 ? 71  GLU A OE1 1 
ATOM   574  O OE2 . GLU A 1 70  ? -8.129  -0.856  -18.364 1.00 44.25 ? 71  GLU A OE2 1 
ATOM   575  N N   . GLU A 1 71  ? -12.532 -1.351  -15.546 1.00 34.00 ? 72  GLU A N   1 
ATOM   576  C CA  . GLU A 1 71  ? -13.597 -2.149  -16.118 1.00 37.04 ? 72  GLU A CA  1 
ATOM   577  C C   . GLU A 1 71  ? -15.007 -1.653  -15.796 1.00 37.40 ? 72  GLU A C   1 
ATOM   578  O O   . GLU A 1 71  ? -15.884 -1.878  -16.579 1.00 37.36 ? 72  GLU A O   1 
ATOM   579  C CB  . GLU A 1 71  ? -13.495 -3.619  -15.696 1.00 36.86 ? 72  GLU A CB  1 
ATOM   580  C CG  . GLU A 1 71  ? -12.250 -4.311  -16.226 1.00 42.33 ? 72  GLU A CG  1 
ATOM   581  C CD  . GLU A 1 71  ? -11.922 -5.581  -15.438 1.00 46.99 ? 72  GLU A CD  1 
ATOM   582  O OE1 . GLU A 1 71  ? -11.093 -6.388  -15.923 1.00 47.73 ? 72  GLU A OE1 1 
ATOM   583  O OE2 . GLU A 1 71  ? -12.518 -5.758  -14.322 1.00 53.11 ? 72  GLU A OE2 1 
ATOM   584  N N   . GLN A 1 72  ? -15.228 -0.962  -14.697 1.00 38.36 ? 73  GLN A N   1 
ATOM   585  C CA  . GLN A 1 72  ? -16.578 -0.496  -14.397 1.00 39.71 ? 73  GLN A CA  1 
ATOM   586  C C   . GLN A 1 72  ? -16.763 0.956   -14.749 1.00 40.22 ? 73  GLN A C   1 
ATOM   587  O O   . GLN A 1 72  ? -17.684 1.559   -14.252 1.00 38.60 ? 73  GLN A O   1 
ATOM   588  C CB  . GLN A 1 72  ? -16.896 -0.638  -12.920 1.00 39.45 ? 73  GLN A CB  1 
ATOM   589  C CG  . GLN A 1 72  ? -16.742 -2.032  -12.312 1.00 41.46 ? 73  GLN A CG  1 
ATOM   590  C CD  . GLN A 1 72  ? -16.683 -1.982  -10.729 1.00 45.47 ? 73  GLN A CD  1 
ATOM   591  O OE1 . GLN A 1 72  ? -16.885 -3.005  -10.061 1.00 44.63 ? 73  GLN A OE1 1 
ATOM   592  N NE2 . GLN A 1 72  ? -16.428 -0.767  -10.158 1.00 40.88 ? 73  GLN A NE2 1 
ATOM   593  N N   . LEU A 1 73  ? -15.868 1.512   -15.561 1.00 41.87 ? 74  LEU A N   1 
ATOM   594  C CA  . LEU A 1 73  ? -15.837 2.947   -15.861 1.00 43.58 ? 74  LEU A CA  1 
ATOM   595  C C   . LEU A 1 73  ? -16.668 3.138   -17.114 1.00 45.51 ? 74  LEU A C   1 
ATOM   596  O O   . LEU A 1 73  ? -17.026 2.171   -17.776 1.00 46.13 ? 74  LEU A O   1 
ATOM   597  C CB  . LEU A 1 73  ? -14.416 3.441   -16.159 1.00 43.31 ? 74  LEU A CB  1 
ATOM   598  C CG  . LEU A 1 73  ? -14.130 4.951   -16.204 1.00 43.02 ? 74  LEU A CG  1 
ATOM   599  C CD1 . LEU A 1 73  ? -14.675 5.666   -14.983 1.00 43.67 ? 74  LEU A CD1 1 
ATOM   600  C CD2 . LEU A 1 73  ? -12.676 5.289   -16.383 1.00 43.55 ? 74  LEU A CD2 1 
ATOM   601  N N   . GLY A 1 74  ? -16.969 4.396   -17.421 1.00 47.51 ? 75  GLY A N   1 
ATOM   602  C CA  . GLY A 1 74  ? -17.530 4.792   -18.701 1.00 48.17 ? 75  GLY A CA  1 
ATOM   603  C C   . GLY A 1 74  ? -19.030 4.570   -18.770 1.00 49.05 ? 75  GLY A C   1 
ATOM   604  O O   . GLY A 1 74  ? -19.586 3.772   -17.986 1.00 50.54 ? 75  GLY A O   1 
ATOM   605  N N   . PRO A 1 75  ? -19.699 5.219   -19.724 1.00 48.17 ? 76  PRO A N   1 
ATOM   606  C CA  . PRO A 1 75  ? -19.058 5.941   -20.843 1.00 46.67 ? 76  PRO A CA  1 
ATOM   607  C C   . PRO A 1 75  ? -18.267 7.189   -20.468 1.00 43.97 ? 76  PRO A C   1 
ATOM   608  O O   . PRO A 1 75  ? -18.622 8.020   -19.627 1.00 44.03 ? 76  PRO A O   1 
ATOM   609  C CB  . PRO A 1 75  ? -20.232 6.283   -21.791 1.00 47.58 ? 76  PRO A CB  1 
ATOM   610  C CG  . PRO A 1 75  ? -21.470 5.712   -21.194 1.00 47.51 ? 76  PRO A CG  1 
ATOM   611  C CD  . PRO A 1 75  ? -21.170 5.266   -19.775 1.00 48.77 ? 76  PRO A CD  1 
ATOM   612  N N   . VAL A 1 76  ? -17.111 7.281   -21.088 1.00 41.47 ? 77  VAL A N   1 
ATOM   613  C CA  . VAL A 1 76  ? -16.157 8.293   -20.740 1.00 39.78 ? 77  VAL A CA  1 
ATOM   614  C C   . VAL A 1 76  ? -15.240 8.503   -21.962 1.00 38.22 ? 77  VAL A C   1 
ATOM   615  O O   . VAL A 1 76  ? -14.995 7.587   -22.733 1.00 39.19 ? 77  VAL A O   1 
ATOM   616  C CB  . VAL A 1 76  ? -15.377 7.814   -19.451 1.00 39.97 ? 77  VAL A CB  1 
ATOM   617  C CG1 . VAL A 1 76  ? -14.042 7.100   -19.794 1.00 39.90 ? 77  VAL A CG1 1 
ATOM   618  C CG2 . VAL A 1 76  ? -15.198 8.893   -18.439 1.00 40.07 ? 77  VAL A CG2 1 
ATOM   619  N N   . ALA A 1 77  ? -14.718 9.695   -22.128 1.00 35.25 ? 78  ALA A N   1 
ATOM   620  C CA  . ALA A 1 77  ? -13.711 9.925   -23.128 1.00 34.85 ? 78  ALA A CA  1 
ATOM   621  C C   . ALA A 1 77  ? -12.328 9.184   -22.873 1.00 34.94 ? 78  ALA A C   1 
ATOM   622  O O   . ALA A 1 77  ? -11.768 9.177   -21.764 1.00 34.76 ? 78  ALA A O   1 
ATOM   623  C CB  . ALA A 1 77  ? -13.489 11.376  -23.270 1.00 34.20 ? 78  ALA A CB  1 
ATOM   624  N N   . GLU A 1 78  ? -11.816 8.577   -23.934 1.00 32.11 ? 79  GLU A N   1 
ATOM   625  C CA  . GLU A 1 78  ? -10.630 7.769   -23.909 1.00 32.03 ? 79  GLU A CA  1 
ATOM   626  C C   . GLU A 1 78  ? -9.492  8.513   -23.207 1.00 31.21 ? 79  GLU A C   1 
ATOM   627  O O   . GLU A 1 78  ? -8.747  7.924   -22.406 1.00 27.66 ? 79  GLU A O   1 
ATOM   628  C CB  . GLU A 1 78  ? -10.258 7.480   -25.352 1.00 31.48 ? 79  GLU A CB  1 
ATOM   629  C CG  . GLU A 1 78  ? -9.134  6.526   -25.633 1.00 36.36 ? 79  GLU A CG  1 
ATOM   630  C CD  . GLU A 1 78  ? -9.214  6.044   -27.143 1.00 41.48 ? 79  GLU A CD  1 
ATOM   631  O OE1 . GLU A 1 78  ? -9.326  4.806   -27.351 1.00 38.21 ? 79  GLU A OE1 1 
ATOM   632  O OE2 . GLU A 1 78  ? -9.182  6.919   -28.117 1.00 37.51 ? 79  GLU A OE2 1 
ATOM   633  N N   . GLU A 1 79  ? -9.366  9.774   -23.621 1.00 29.95 ? 80  GLU A N   1 
ATOM   634  C CA  . GLU A 1 79  ? -8.403  10.740  -23.148 1.00 32.89 ? 80  GLU A CA  1 
ATOM   635  C C   . GLU A 1 79  ? -8.381  10.870  -21.639 1.00 30.44 ? 80  GLU A C   1 
ATOM   636  O O   . GLU A 1 79  ? -7.348  11.018  -21.069 1.00 27.11 ? 80  GLU A O   1 
ATOM   637  C CB  . GLU A 1 79  ? -8.780  12.152  -23.674 1.00 34.51 ? 80  GLU A CB  1 
ATOM   638  C CG  . GLU A 1 79  ? -8.834  12.320  -25.207 1.00 42.78 ? 80  GLU A CG  1 
ATOM   639  C CD  . GLU A 1 79  ? -7.457  12.109  -25.824 1.00 47.55 ? 80  GLU A CD  1 
ATOM   640  O OE1 . GLU A 1 79  ? -6.875  11.037  -25.555 1.00 47.62 ? 80  GLU A OE1 1 
ATOM   641  O OE2 . GLU A 1 79  ? -6.958  13.009  -26.554 1.00 52.43 ? 80  GLU A OE2 1 
ATOM   642  N N   . THR A 1 80  ? -9.557  10.935  -21.053 1.00 30.99 ? 81  THR A N   1 
ATOM   643  C CA  . THR A 1 80  ? -9.706  11.066  -19.602 1.00 32.79 ? 81  THR A CA  1 
ATOM   644  C C   . THR A 1 80  ? -9.474  9.762   -18.834 1.00 32.19 ? 81  THR A C   1 
ATOM   645  O O   . THR A 1 80  ? -9.153  9.823   -17.711 1.00 33.97 ? 81  THR A O   1 
ATOM   646  C CB  . THR A 1 80  ? -11.141 11.561  -19.201 1.00 33.10 ? 81  THR A CB  1 
ATOM   647  O OG1 . THR A 1 80  ? -11.162 11.927  -17.817 1.00 35.44 ? 81  THR A OG1 1 
ATOM   648  C CG2 . THR A 1 80  ? -12.119 10.459  -19.182 1.00 32.53 ? 81  THR A CG2 1 
ATOM   649  N N   . ARG A 1 81  ? -9.780  8.618   -19.408 1.00 31.08 ? 82  ARG A N   1 
ATOM   650  C CA  . ARG A 1 81  ? -9.504  7.335   -18.769 1.00 30.84 ? 82  ARG A CA  1 
ATOM   651  C C   . ARG A 1 81  ? -8.015  7.131   -18.715 1.00 29.08 ? 82  ARG A C   1 
ATOM   652  O O   . ARG A 1 81  ? -7.495  6.611   -17.729 1.00 28.82 ? 82  ARG A O   1 
ATOM   653  C CB  . ARG A 1 81  ? -10.100 6.210   -19.595 1.00 31.09 ? 82  ARG A CB  1 
ATOM   654  C CG  . ARG A 1 81  ? -9.838  4.860   -19.061 1.00 34.16 ? 82  ARG A CG  1 
ATOM   655  C CD  . ARG A 1 81  ? -10.485 3.837   -19.833 1.00 37.04 ? 82  ARG A CD  1 
ATOM   656  N NE  . ARG A 1 81  ? -9.717  3.538   -21.029 1.00 40.53 ? 82  ARG A NE  1 
ATOM   657  C CZ  . ARG A 1 81  ? -10.159 2.742   -21.998 1.00 39.40 ? 82  ARG A CZ  1 
ATOM   658  N NH1 . ARG A 1 81  ? -11.346 2.154   -21.878 1.00 42.05 ? 82  ARG A NH1 1 
ATOM   659  N NH2 . ARG A 1 81  ? -9.413  2.512   -23.053 1.00 38.49 ? 82  ARG A NH2 1 
ATOM   660  N N   . ALA A 1 82  ? -7.370  7.472   -19.837 1.00 26.72 ? 83  ALA A N   1 
ATOM   661  C CA  . ALA A 1 82  ? -5.961  7.482   -19.984 1.00 26.36 ? 83  ALA A CA  1 
ATOM   662  C C   . ALA A 1 82  ? -5.254  8.316   -18.885 1.00 26.07 ? 83  ALA A C   1 
ATOM   663  O O   . ALA A 1 82  ? -4.286  7.821   -18.251 1.00 24.89 ? 83  ALA A O   1 
ATOM   664  C CB  . ALA A 1 82  ? -5.603  8.039   -21.376 1.00 27.60 ? 83  ALA A CB  1 
ATOM   665  N N   . ARG A 1 83  ? -5.710  9.550   -18.697 1.00 25.59 ? 84  ARG A N   1 
ATOM   666  C CA  . ARG A 1 83  ? -5.208  10.447  -17.617 1.00 27.49 ? 84  ARG A CA  1 
ATOM   667  C C   . ARG A 1 83  ? -5.506  10.055  -16.177 1.00 26.24 ? 84  ARG A C   1 
ATOM   668  O O   . ARG A 1 83  ? -4.656  10.154  -15.321 1.00 25.28 ? 84  ARG A O   1 
ATOM   669  C CB  . ARG A 1 83  ? -5.808  11.847  -17.766 1.00 29.56 ? 84  ARG A CB  1 
ATOM   670  C CG  . ARG A 1 83  ? -5.021  12.957  -17.024 1.00 32.54 ? 84  ARG A CG  1 
ATOM   671  C CD  . ARG A 1 83  ? -5.713  14.251  -17.170 1.00 36.46 ? 84  ARG A CD  1 
ATOM   672  N NE  . ARG A 1 83  ? -6.792  14.306  -16.187 1.00 41.95 ? 84  ARG A NE  1 
ATOM   673  C CZ  . ARG A 1 83  ? -8.100  14.417  -16.468 1.00 43.75 ? 84  ARG A CZ  1 
ATOM   674  N NH1 . ARG A 1 83  ? -8.594  14.482  -17.723 1.00 47.31 ? 84  ARG A NH1 1 
ATOM   675  N NH2 . ARG A 1 83  ? -8.927  14.447  -15.458 1.00 48.18 ? 84  ARG A NH2 1 
ATOM   676  N N   . LEU A 1 84  ? -6.751  9.707   -15.909 1.00 25.56 ? 85  LEU A N   1 
ATOM   677  C CA  . LEU A 1 84  ? -7.086  9.159   -14.634 1.00 26.92 ? 85  LEU A CA  1 
ATOM   678  C C   . LEU A 1 84  ? -6.255  7.900   -14.300 1.00 26.80 ? 85  LEU A C   1 
ATOM   679  O O   . LEU A 1 84  ? -5.868  7.746   -13.112 1.00 26.55 ? 85  LEU A O   1 
ATOM   680  C CB  . LEU A 1 84  ? -8.551  8.849   -14.588 1.00 28.13 ? 85  LEU A CB  1 
ATOM   681  C CG  . LEU A 1 84  ? -9.386  10.146  -14.665 1.00 28.82 ? 85  LEU A CG  1 
ATOM   682  C CD1 . LEU A 1 84  ? -10.835 9.763   -14.696 1.00 30.47 ? 85  LEU A CD1 1 
ATOM   683  C CD2 . LEU A 1 84  ? -9.106  11.002  -13.461 1.00 29.91 ? 85  LEU A CD2 1 
ATOM   684  N N   . GLY A 1 85  ? -5.912  7.075   -15.325 1.00 24.07 ? 86  GLY A N   1 
ATOM   685  C CA  . GLY A 1 85  ? -5.126  5.847   -15.122 1.00 23.68 ? 86  GLY A CA  1 
ATOM   686  C C   . GLY A 1 85  ? -3.715  6.269   -14.786 1.00 21.57 ? 86  GLY A C   1 
ATOM   687  O O   . GLY A 1 85  ? -3.167  5.619   -13.890 1.00 21.58 ? 86  GLY A O   1 
ATOM   688  N N   . LYS A 1 86  ? -3.162  7.296   -15.510 1.00 19.63 ? 87  LYS A N   1 
ATOM   689  C CA  . LYS A 1 86  ? -1.801  7.922   -15.565 1.00 20.51 ? 87  LYS A CA  1 
ATOM   690  C C   . LYS A 1 86  ? -1.538  8.249   -14.039 1.00 18.37 ? 87  LYS A C   1 
ATOM   691  O O   . LYS A 1 86  ? -0.497  7.891   -13.495 1.00 18.86 ? 87  LYS A O   1 
ATOM   692  C CB  . LYS A 1 86  ? -1.725  9.264   -16.379 1.00 22.14 ? 87  LYS A CB  1 
ATOM   693  C CG  . LYS A 1 86  ? -1.609  9.288   -17.970 1.00 30.30 ? 87  LYS A CG  1 
ATOM   694  C CD  . LYS A 1 86  ? -0.354  8.506   -18.481 1.00 31.50 ? 87  LYS A CD  1 
ATOM   695  C CE  . LYS A 1 86  ? -0.178  8.726   -20.023 1.00 32.98 ? 87  LYS A CE  1 
ATOM   696  N NZ  . LYS A 1 86  ? -1.444  8.531   -20.717 1.00 29.84 ? 87  LYS A NZ  1 
ATOM   697  N N   . GLU A 1 87  ? -2.509  8.894   -13.464 1.00 18.71 ? 88  GLU A N   1 
ATOM   698  C CA  . GLU A 1 87  ? -2.447  9.449   -12.159 1.00 19.97 ? 88  GLU A CA  1 
ATOM   699  C C   . GLU A 1 87  ? -2.498  8.416   -11.059 1.00 18.85 ? 88  GLU A C   1 
ATOM   700  O O   . GLU A 1 87  ? -1.738  8.440   -10.073 1.00 16.44 ? 88  GLU A O   1 
ATOM   701  C CB  . GLU A 1 87  ? -3.562  10.492  -12.030 1.00 19.69 ? 88  GLU A CB  1 
ATOM   702  C CG  . GLU A 1 87  ? -3.143  11.822  -12.655 1.00 24.29 ? 88  GLU A CG  1 
ATOM   703  C CD  . GLU A 1 87  ? -4.184  12.931  -12.656 1.00 36.98 ? 88  GLU A CD  1 
ATOM   704  O OE1 . GLU A 1 87  ? -3.899  13.998  -13.357 1.00 44.29 ? 88  GLU A OE1 1 
ATOM   705  O OE2 . GLU A 1 87  ? -5.268  12.780  -12.008 1.00 38.08 ? 88  GLU A OE2 1 
ATOM   706  N N   . VAL A 1 88  ? -3.427  7.497   -11.199 1.00 19.56 ? 89  VAL A N   1 
ATOM   707  C CA  . VAL A 1 88  ? -3.419  6.342   -10.274 1.00 17.69 ? 89  VAL A CA  1 
ATOM   708  C C   . VAL A 1 88  ? -2.018  5.714   -10.270 1.00 18.10 ? 89  VAL A C   1 
ATOM   709  O O   . VAL A 1 88  ? -1.476  5.394   -9.209  1.00 13.34 ? 89  VAL A O   1 
ATOM   710  C CB  . VAL A 1 88  ? -4.531  5.424   -10.621 1.00 16.92 ? 89  VAL A CB  1 
ATOM   711  C CG1 . VAL A 1 88  ? -4.402  4.106   -9.852  1.00 17.90 ? 89  VAL A CG1 1 
ATOM   712  C CG2 . VAL A 1 88  ? -5.865  6.114   -10.223 1.00 19.78 ? 89  VAL A CG2 1 
ATOM   713  N N   . GLN A 1 89  ? -1.459  5.496   -11.487 1.00 19.16 ? 90  GLN A N   1 
ATOM   714  C CA  . GLN A 1 89  ? -0.222  4.705   -11.685 1.00 19.62 ? 90  GLN A CA  1 
ATOM   715  C C   . GLN A 1 89  ? 0.890   5.396   -10.998 1.00 17.86 ? 90  GLN A C   1 
ATOM   716  O O   . GLN A 1 89  ? 1.643   4.784   -10.246 1.00 16.18 ? 90  GLN A O   1 
ATOM   717  C CB  . GLN A 1 89  ? 0.039   4.432   -13.197 1.00 21.62 ? 90  GLN A CB  1 
ATOM   718  C CG  . GLN A 1 89  ? 1.490   4.272   -13.606 1.00 27.46 ? 90  GLN A CG  1 
ATOM   719  C CD  . GLN A 1 89  ? 2.162   3.031   -13.113 1.00 33.29 ? 90  GLN A CD  1 
ATOM   720  O OE1 . GLN A 1 89  ? 3.242   3.095   -12.576 1.00 43.24 ? 90  GLN A OE1 1 
ATOM   721  N NE2 . GLN A 1 89  ? 1.529   1.907   -13.302 1.00 40.39 ? 90  GLN A NE2 1 
ATOM   722  N N   . ALA A 1 90  ? 0.937   6.706   -11.184 1.00 17.32 ? 91  ALA A N   1 
ATOM   723  C CA  . ALA A 1 90  ? 1.935   7.584   -10.568 1.00 16.32 ? 91  ALA A CA  1 
ATOM   724  C C   . ALA A 1 90  ? 1.827   7.560   -9.017  1.00 14.40 ? 91  ALA A C   1 
ATOM   725  O O   . ALA A 1 90  ? 2.790   7.461   -8.301  1.00 13.37 ? 91  ALA A O   1 
ATOM   726  C CB  . ALA A 1 90  ? 1.783   9.067   -11.141 1.00 17.62 ? 91  ALA A CB  1 
ATOM   727  N N   . ALA A 1 91  ? 0.626   7.581   -8.522  1.00 12.73 ? 92  ALA A N   1 
ATOM   728  C CA  . ALA A 1 91  ? 0.432   7.572   -7.092  1.00 12.26 ? 92  ALA A CA  1 
ATOM   729  C C   . ALA A 1 91  ? 0.793   6.245   -6.513  1.00 11.00 ? 92  ALA A C   1 
ATOM   730  O O   . ALA A 1 91  ? 1.354   6.191   -5.431  1.00 9.94  ? 92  ALA A O   1 
ATOM   731  C CB  . ALA A 1 91  ? -0.924  7.979   -6.754  1.00 13.25 ? 92  ALA A CB  1 
ATOM   732  N N   . GLN A 1 92  ? 0.479   5.165   -7.230  1.00 11.60 ? 93  GLN A N   1 
ATOM   733  C CA  . GLN A 1 92  ? 0.823   3.799   -6.838  1.00 10.93 ? 93  GLN A CA  1 
ATOM   734  C C   . GLN A 1 92  ? 2.331   3.572   -6.711  1.00 13.07 ? 93  GLN A C   1 
ATOM   735  O O   . GLN A 1 92  ? 2.875   2.936   -5.748  1.00 10.59 ? 93  GLN A O   1 
ATOM   736  C CB  . GLN A 1 92  ? 0.202   2.828   -7.794  1.00 11.43 ? 93  GLN A CB  1 
ATOM   737  C CG  . GLN A 1 92  ? 0.296   1.450   -7.283  1.00 13.83 ? 93  GLN A CG  1 
ATOM   738  C CD  . GLN A 1 92  ? -0.131  0.405   -8.253  1.00 17.61 ? 93  GLN A CD  1 
ATOM   739  O OE1 . GLN A 1 92  ? -0.700  0.685   -9.319  1.00 20.70 ? 93  GLN A OE1 1 
ATOM   740  N NE2 . GLN A 1 92  ? 0.122   -0.821  -7.884  1.00 19.63 ? 93  GLN A NE2 1 
ATOM   741  N N   . ALA A 1 93  ? 3.008   4.193   -7.675  1.00 13.73 ? 94  ALA A N   1 
ATOM   742  C CA  . ALA A 1 93  ? 4.401   4.085   -7.811  1.00 13.53 ? 94  ALA A CA  1 
ATOM   743  C C   . ALA A 1 93  ? 5.020   4.796   -6.662  1.00 12.73 ? 94  ALA A C   1 
ATOM   744  O O   . ALA A 1 93  ? 5.961   4.349   -6.125  1.00 12.11 ? 94  ALA A O   1 
ATOM   745  C CB  . ALA A 1 93  ? 4.870   4.692   -9.178  1.00 12.91 ? 94  ALA A CB  1 
ATOM   746  N N   . ARG A 1 94  ? 4.503   5.941   -6.289  1.00 14.98 ? 95  ARG A N   1 
ATOM   747  C CA  . ARG A 1 94  ? 5.069   6.652   -5.163  1.00 15.75 ? 95  ARG A CA  1 
ATOM   748  C C   . ARG A 1 94  ? 4.944   5.854   -3.935  1.00 13.37 ? 95  ARG A C   1 
ATOM   749  O O   . ARG A 1 94  ? 5.852   5.781   -3.184  1.00 11.58 ? 95  ARG A O   1 
ATOM   750  C CB  . ARG A 1 94  ? 4.405   7.989   -4.994  1.00 18.01 ? 95  ARG A CB  1 
ATOM   751  C CG  . ARG A 1 94  ? 5.161   9.068   -5.866  1.00 24.36 ? 95  ARG A CG  1 
ATOM   752  C CD  . ARG A 1 94  ? 4.602   10.546  -5.837  1.00 29.84 ? 95  ARG A CD  1 
ATOM   753  N NE  . ARG A 1 94  ? 3.228   10.555  -5.316  1.00 35.44 ? 95  ARG A NE  1 
ATOM   754  C CZ  . ARG A 1 94  ? 2.090   10.711  -6.029  1.00 37.04 ? 95  ARG A CZ  1 
ATOM   755  N NH1 . ARG A 1 94  ? 0.923   10.639  -5.379  1.00 32.74 ? 95  ARG A NH1 1 
ATOM   756  N NH2 . ARG A 1 94  ? 2.106   10.958  -7.353  1.00 35.37 ? 95  ARG A NH2 1 
ATOM   757  N N   . LEU A 1 95  ? 3.812   5.198   -3.791  1.00 12.16 ? 96  LEU A N   1 
ATOM   758  C CA  . LEU A 1 95  ? 3.610   4.349   -2.635  1.00 12.74 ? 96  LEU A CA  1 
ATOM   759  C C   . LEU A 1 95  ? 4.587   3.166   -2.570  1.00 11.17 ? 96  LEU A C   1 
ATOM   760  O O   . LEU A 1 95  ? 5.174   2.879   -1.524  1.00 12.51 ? 96  LEU A O   1 
ATOM   761  C CB  . LEU A 1 95  ? 2.170   3.936   -2.533  1.00 9.19  ? 96  LEU A CB  1 
ATOM   762  C CG  . LEU A 1 95  ? 1.807   3.145   -1.261  1.00 12.47 ? 96  LEU A CG  1 
ATOM   763  C CD1 . LEU A 1 95  ? 1.861   4.007   -0.013  1.00 16.64 ? 96  LEU A CD1 1 
ATOM   764  C CD2 . LEU A 1 95  ? 0.508   2.397   -1.339  1.00 15.27 ? 96  LEU A CD2 1 
ATOM   765  N N   . GLY A 1 96  ? 4.827   2.507   -3.701  1.00 11.32 ? 97  GLY A N   1 
ATOM   766  C CA  . GLY A 1 96  ? 5.742   1.422   -3.735  1.00 8.76  ? 97  GLY A CA  1 
ATOM   767  C C   . GLY A 1 96  ? 7.123   1.915   -3.445  1.00 11.34 ? 97  GLY A C   1 
ATOM   768  O O   . GLY A 1 96  ? 7.878   1.176   -2.757  1.00 11.57 ? 97  GLY A O   1 
ATOM   769  N N   . ALA A 1 97  ? 7.483   3.086   -3.995  1.00 11.66 ? 98  ALA A N   1 
ATOM   770  C CA  . ALA A 1 97  ? 8.803   3.654   -3.771  1.00 12.55 ? 98  ALA A CA  1 
ATOM   771  C C   . ALA A 1 97  ? 9.073   3.879   -2.292  1.00 13.39 ? 98  ALA A C   1 
ATOM   772  O O   . ALA A 1 97  ? 10.210  3.743   -1.793  1.00 13.14 ? 98  ALA A O   1 
ATOM   773  C CB  . ALA A 1 97  ? 8.912   4.976   -4.519  1.00 12.55 ? 98  ALA A CB  1 
ATOM   774  N N   . ASP A 1 98  ? 8.023   4.358   -1.595  1.00 11.71 ? 99  ASP A N   1 
ATOM   775  C CA  . ASP A 1 98  ? 8.124   4.685   -0.179  1.00 12.15 ? 99  ASP A CA  1 
ATOM   776  C C   . ASP A 1 98  ? 8.325   3.372   0.660   1.00 10.93 ? 99  ASP A C   1 
ATOM   777  O O   . ASP A 1 98  ? 9.083   3.303   1.599   1.00 10.14 ? 99  ASP A O   1 
ATOM   778  C CB  . ASP A 1 98  ? 6.773   5.279   0.362   1.00 12.95 ? 99  ASP A CB  1 
ATOM   779  C CG  . ASP A 1 98  ? 6.430   6.603   -0.139  1.00 11.84 ? 99  ASP A CG  1 
ATOM   780  O OD1 . ASP A 1 98  ? 7.329   7.356   -0.563  1.00 13.23 ? 99  ASP A OD1 1 
ATOM   781  O OD2 . ASP A 1 98  ? 5.210   7.005   -0.013  1.00 13.89 ? 99  ASP A OD2 1 
ATOM   782  N N   . MET A 1 99  ? 7.549   2.355   0.348   1.00 10.39 ? 100 MET A N   1 
ATOM   783  C CA  . MET A 1 99  ? 7.705   0.981   0.932   1.00 12.66 ? 100 MET A CA  1 
ATOM   784  C C   . MET A 1 99  ? 9.116   0.336   0.683   1.00 14.08 ? 100 MET A C   1 
ATOM   785  O O   . MET A 1 99  ? 9.761   -0.217  1.615   1.00 13.66 ? 100 MET A O   1 
ATOM   786  C CB  . MET A 1 99  ? 6.647   0.071   0.343   1.00 13.22 ? 100 MET A CB  1 
ATOM   787  C CG  . MET A 1 99  ? 5.291   0.252   0.856   1.00 13.80 ? 100 MET A CG  1 
ATOM   788  S SD  . MET A 1 99  ? 4.169   -0.698  -0.128  1.00 18.40 ? 100 MET A SD  1 
ATOM   789  C CE  . MET A 1 99  ? 3.068   -0.851  0.988   1.00 10.69 ? 100 MET A CE  1 
ATOM   790  N N   . GLU A 1 100 ? 9.610   0.498   -0.526  1.00 13.45 ? 101 GLU A N   1 
ATOM   791  C CA  . GLU A 1 100 ? 10.940  0.105   -0.826  1.00 16.85 ? 101 GLU A CA  1 
ATOM   792  C C   . GLU A 1 100 ? 12.024  0.797   -0.030  1.00 17.61 ? 101 GLU A C   1 
ATOM   793  O O   . GLU A 1 100 ? 13.016  0.201   0.347   1.00 17.50 ? 101 GLU A O   1 
ATOM   794  C CB  . GLU A 1 100 ? 11.264  0.421   -2.298  1.00 17.50 ? 101 GLU A CB  1 
ATOM   795  C CG  . GLU A 1 100 ? 10.715  -0.561  -3.294  1.00 20.27 ? 101 GLU A CG  1 
ATOM   796  C CD  . GLU A 1 100 ? 11.150  -0.113  -4.711  1.00 22.65 ? 101 GLU A CD  1 
ATOM   797  O OE1 . GLU A 1 100 ? 12.175  -0.572  -5.177  1.00 29.27 ? 101 GLU A OE1 1 
ATOM   798  O OE2 . GLU A 1 100 ? 10.531  0.746   -5.309  1.00 23.14 ? 101 GLU A OE2 1 
ATOM   799  N N   . ASP A 1 101 ? 11.843  2.103   0.137   1.00 19.21 ? 102 ASP A N   1 
ATOM   800  C CA  . ASP A 1 101 ? 12.730  2.888   0.931   1.00 18.64 ? 102 ASP A CA  1 
ATOM   801  C C   . ASP A 1 101 ? 12.730  2.408   2.343   1.00 16.28 ? 102 ASP A C   1 
ATOM   802  O O   . ASP A 1 101 ? 13.741  2.282   2.924   1.00 16.18 ? 102 ASP A O   1 
ATOM   803  C CB  . ASP A 1 101 ? 12.234  4.277   0.936   1.00 21.63 ? 102 ASP A CB  1 
ATOM   804  C CG  . ASP A 1 101 ? 13.193  5.202   0.342   1.00 31.95 ? 102 ASP A CG  1 
ATOM   805  O OD1 . ASP A 1 101 ? 13.364  5.057   -0.911  1.00 38.15 ? 102 ASP A OD1 1 
ATOM   806  O OD2 . ASP A 1 101 ? 13.783  6.080   1.062   1.00 38.28 ? 102 ASP A OD2 1 
ATOM   807  N N   . LEU A 1 102 ? 11.573  2.206   2.935   1.00 14.59 ? 103 LEU A N   1 
ATOM   808  C CA  . LEU A 1 102 ? 11.482  1.551   4.263   1.00 16.11 ? 103 LEU A CA  1 
ATOM   809  C C   . LEU A 1 102 ? 12.239  0.234   4.392   1.00 15.91 ? 103 LEU A C   1 
ATOM   810  O O   . LEU A 1 102 ? 13.111  0.105   5.235   1.00 14.92 ? 103 LEU A O   1 
ATOM   811  C CB  . LEU A 1 102 ? 9.991   1.312   4.789   1.00 14.65 ? 103 LEU A CB  1 
ATOM   812  C CG  . LEU A 1 102 ? 9.296   2.688   5.019   1.00 17.42 ? 103 LEU A CG  1 
ATOM   813  C CD1 . LEU A 1 102 ? 7.831   2.694   5.076   1.00 16.03 ? 103 LEU A CD1 1 
ATOM   814  C CD2 . LEU A 1 102 ? 9.760   3.264   6.276   1.00 20.82 ? 103 LEU A CD2 1 
ATOM   815  N N   . ARG A 1 103 ? 11.828  -0.773  3.616   1.00 18.09 ? 104 ARG A N   1 
ATOM   816  C CA  . ARG A 1 103 ? 12.517  -2.052  3.568   1.00 19.52 ? 104 ARG A CA  1 
ATOM   817  C C   . ARG A 1 103 ? 14.023  -1.925  3.340   1.00 19.32 ? 104 ARG A C   1 
ATOM   818  O O   . ARG A 1 103 ? 14.769  -2.660  3.940   1.00 21.14 ? 104 ARG A O   1 
ATOM   819  C CB  . ARG A 1 103 ? 11.892  -2.928  2.540   1.00 21.37 ? 104 ARG A CB  1 
ATOM   820  C CG  . ARG A 1 103 ? 12.292  -4.454  2.538   1.00 24.25 ? 104 ARG A CG  1 
ATOM   821  C CD  . ARG A 1 103 ? 13.092  -4.876  1.395   1.00 25.66 ? 104 ARG A CD  1 
ATOM   822  N NE  . ARG A 1 103 ? 12.748  -4.418  0.027   1.00 29.33 ? 104 ARG A NE  1 
ATOM   823  C CZ  . ARG A 1 103 ? 12.039  -5.096  -0.873  1.00 30.03 ? 104 ARG A CZ  1 
ATOM   824  N NH1 . ARG A 1 103 ? 11.805  -4.612  -2.053  1.00 30.07 ? 104 ARG A NH1 1 
ATOM   825  N NH2 . ARG A 1 103 ? 11.481  -6.237  -0.589  1.00 34.06 ? 104 ARG A NH2 1 
ATOM   826  N N   . ASN A 1 104 ? 14.422  -1.036  2.460   1.00 18.70 ? 105 ASN A N   1 
ATOM   827  C CA  . ASN A 1 104 ? 15.792  -0.866  2.121   1.00 20.52 ? 105 ASN A CA  1 
ATOM   828  C C   . ASN A 1 104 ? 16.606  -0.202  3.261   1.00 20.75 ? 105 ASN A C   1 
ATOM   829  O O   . ASN A 1 104 ? 17.745  -0.637  3.523   1.00 22.05 ? 105 ASN A O   1 
ATOM   830  C CB  . ASN A 1 104 ? 15.931  -0.092  0.841   1.00 21.06 ? 105 ASN A CB  1 
ATOM   831  C CG  . ASN A 1 104 ? 15.462  -0.935  -0.462  1.00 23.57 ? 105 ASN A CG  1 
ATOM   832  O OD1 . ASN A 1 104 ? 15.165  -2.139  -0.415  1.00 26.99 ? 105 ASN A OD1 1 
ATOM   833  N ND2 . ASN A 1 104 ? 15.424  -0.267  -1.582  1.00 22.96 ? 105 ASN A ND2 1 
ATOM   834  N N   . ARG A 1 105 ? 16.028  0.812   3.930   1.00 18.83 ? 106 ARG A N   1 
ATOM   835  C CA  . ARG A 1 105 ? 16.626  1.421   5.104   1.00 19.41 ? 106 ARG A CA  1 
ATOM   836  C C   . ARG A 1 105 ? 16.882  0.387   6.287   1.00 19.46 ? 106 ARG A C   1 
ATOM   837  O O   . ARG A 1 105 ? 17.940  0.374   7.025   1.00 18.38 ? 106 ARG A O   1 
ATOM   838  C CB  . ARG A 1 105 ? 15.726  2.527   5.625   1.00 19.75 ? 106 ARG A CB  1 
ATOM   839  C CG  . ARG A 1 105 ? 16.425  3.306   6.782   1.00 22.00 ? 106 ARG A CG  1 
ATOM   840  C CD  . ARG A 1 105 ? 17.565  4.113   6.276   1.00 24.88 ? 106 ARG A CD  1 
ATOM   841  N NE  . ARG A 1 105 ? 18.348  4.743   7.314   1.00 25.62 ? 106 ARG A NE  1 
ATOM   842  C CZ  . ARG A 1 105 ? 19.090  4.087   8.178   1.00 26.72 ? 106 ARG A CZ  1 
ATOM   843  N NH1 . ARG A 1 105 ? 19.144  2.748   8.155   1.00 24.18 ? 106 ARG A NH1 1 
ATOM   844  N NH2 . ARG A 1 105 ? 19.771  4.783   9.084   1.00 24.16 ? 106 ARG A NH2 1 
ATOM   845  N N   . LEU A 1 106 ? 15.926  -0.513  6.401   1.00 16.34 ? 107 LEU A N   1 
ATOM   846  C CA  . LEU A 1 106 ? 16.037  -1.617  7.287   1.00 16.51 ? 107 LEU A CA  1 
ATOM   847  C C   . LEU A 1 106 ? 17.063  -2.653  6.889   1.00 18.95 ? 107 LEU A C   1 
ATOM   848  O O   . LEU A 1 106 ? 17.652  -3.240  7.785   1.00 20.97 ? 107 LEU A O   1 
ATOM   849  C CB  . LEU A 1 106 ? 14.691  -2.302  7.511   1.00 16.68 ? 107 LEU A CB  1 
ATOM   850  C CG  . LEU A 1 106 ? 13.666  -1.424  8.293   1.00 13.03 ? 107 LEU A CG  1 
ATOM   851  C CD1 . LEU A 1 106 ? 12.276  -2.109  8.187   1.00 15.64 ? 107 LEU A CD1 1 
ATOM   852  C CD2 . LEU A 1 106 ? 14.013  -1.363  9.699   1.00 18.23 ? 107 LEU A CD2 1 
ATOM   853  N N   . GLY A 1 107 ? 17.298  -2.851  5.586   1.00 20.64 ? 108 GLY A N   1 
ATOM   854  C CA  . GLY A 1 107 ? 18.400  -3.662  5.082   1.00 20.62 ? 108 GLY A CA  1 
ATOM   855  C C   . GLY A 1 107 ? 19.762  -3.000  5.296   1.00 20.63 ? 108 GLY A C   1 
ATOM   856  O O   . GLY A 1 107 ? 20.771  -3.691  5.635   1.00 20.00 ? 108 GLY A O   1 
ATOM   857  N N   . GLN A 1 108 ? 19.808  -1.684  5.143   1.00 19.90 ? 109 GLN A N   1 
ATOM   858  C CA  . GLN A 1 108 ? 21.031  -0.902  5.392   0.65 18.96 ? 109 GLN A CA  1 
ATOM   859  C C   . GLN A 1 108 ? 21.418  -0.990  6.822   0.65 18.62 ? 109 GLN A C   1 
ATOM   860  O O   . GLN A 1 108 ? 22.590  -1.086  7.122   0.65 18.76 ? 109 GLN A O   1 
ATOM   861  C CB  . GLN A 1 108 ? 20.846  0.526   4.998   0.65 19.04 ? 109 GLN A CB  1 
ATOM   862  C CG  . GLN A 1 108 ? 21.904  1.638   5.463   0.65 21.28 ? 109 GLN A CG  1 
ATOM   863  C CD  . GLN A 1 108 ? 21.324  3.057   5.158   0.65 20.93 ? 109 GLN A CD  1 
ATOM   864  O OE1 . GLN A 1 108 ? 20.484  3.192   4.292   0.65 24.43 ? 109 GLN A OE1 1 
ATOM   865  N NE2 . GLN A 1 108 ? 21.737  4.039   5.866   0.65 19.95 ? 109 GLN A NE2 1 
ATOM   866  N N   . TYR A 1 109 ? 20.432  -1.004  7.701   1.00 17.14 ? 110 TYR A N   1 
ATOM   867  C CA  . TYR A 1 109 ? 20.668  -1.071  9.122   1.00 18.56 ? 110 TYR A CA  1 
ATOM   868  C C   . TYR A 1 109 ? 21.196  -2.451  9.452   1.00 19.17 ? 110 TYR A C   1 
ATOM   869  O O   . TYR A 1 109 ? 22.141  -2.517  10.176  1.00 18.39 ? 110 TYR A O   1 
ATOM   870  C CB  . TYR A 1 109 ? 19.418  -0.871  9.964   1.00 19.34 ? 110 TYR A CB  1 
ATOM   871  C CG  . TYR A 1 109 ? 19.635  -1.237  11.444  1.00 18.83 ? 110 TYR A CG  1 
ATOM   872  C CD1 . TYR A 1 109 ? 20.193  -0.351  12.321  1.00 18.62 ? 110 TYR A CD1 1 
ATOM   873  C CD2 . TYR A 1 109 ? 19.269  -2.437  11.924  1.00 18.87 ? 110 TYR A CD2 1 
ATOM   874  C CE1 . TYR A 1 109 ? 20.385  -0.698  13.619  1.00 19.27 ? 110 TYR A CE1 1 
ATOM   875  C CE2 . TYR A 1 109 ? 19.450  -2.750  13.212  1.00 19.81 ? 110 TYR A CE2 1 
ATOM   876  C CZ  . TYR A 1 109 ? 20.013  -1.882  14.039  1.00 17.80 ? 110 TYR A CZ  1 
ATOM   877  O OH  . TYR A 1 109 ? 20.192  -2.230  15.353  1.00 23.01 ? 110 TYR A OH  1 
ATOM   878  N N   . ARG A 1 110 ? 20.564  -3.512  8.899   1.00 19.94 ? 111 ARG A N   1 
ATOM   879  C CA  . ARG A 1 110 ? 21.047  -4.875  9.091   1.00 21.86 ? 111 ARG A CA  1 
ATOM   880  C C   . ARG A 1 110 ? 22.454  -4.984  8.580   1.00 19.65 ? 111 ARG A C   1 
ATOM   881  O O   . ARG A 1 110 ? 23.271  -5.588  9.234   1.00 19.30 ? 111 ARG A O   1 
ATOM   882  C CB  . ARG A 1 110 ? 20.194  -5.911  8.368   1.00 22.99 ? 111 ARG A CB  1 
ATOM   883  C CG  . ARG A 1 110 ? 20.766  -7.321  8.378   1.00 27.67 ? 111 ARG A CG  1 
ATOM   884  C CD  . ARG A 1 110 ? 19.738  -8.366  7.791   1.00 32.78 ? 111 ARG A CD  1 
ATOM   885  N NE  . ARG A 1 110 ? 19.506  -7.921  6.421   1.00 33.96 ? 111 ARG A NE  1 
ATOM   886  C CZ  . ARG A 1 110 ? 18.381  -8.116  5.732   1.00 39.17 ? 111 ARG A CZ  1 
ATOM   887  N NH1 . ARG A 1 110 ? 17.400  -8.860  6.257   1.00 44.25 ? 111 ARG A NH1 1 
ATOM   888  N NH2 . ARG A 1 110 ? 18.250  -7.609  4.519   1.00 31.82 ? 111 ARG A NH2 1 
ATOM   889  N N   . ASN A 1 111 ? 22.727  -4.447  7.419   1.00 18.75 ? 112 ASN A N   1 
ATOM   890  C CA  . ASN A 1 111 ? 24.124  -4.492  6.895   1.00 19.40 ? 112 ASN A CA  1 
ATOM   891  C C   . ASN A 1 111 ? 25.183  -3.737  7.749   1.00 20.78 ? 112 ASN A C   1 
ATOM   892  O O   . ASN A 1 111 ? 26.305  -4.263  7.943   1.00 17.87 ? 112 ASN A O   1 
ATOM   893  C CB  . ASN A 1 111 ? 24.185  -3.900  5.568   1.00 19.28 ? 112 ASN A CB  1 
ATOM   894  C CG  . ASN A 1 111 ? 23.695  -4.799  4.466   1.00 22.26 ? 112 ASN A CG  1 
ATOM   895  O OD1 . ASN A 1 111 ? 23.625  -4.335  3.328   1.00 25.20 ? 112 ASN A OD1 1 
ATOM   896  N ND2 . ASN A 1 111 ? 23.493  -6.069  4.739   1.00 25.02 ? 112 ASN A ND2 1 
ATOM   897  N N   . GLU A 1 112 ? 24.845  -2.524  8.246   1.00 19.98 ? 113 GLU A N   1 
ATOM   898  C CA  . GLU A 1 112 ? 25.721  -1.819  9.192   1.00 21.77 ? 113 GLU A CA  1 
ATOM   899  C C   . GLU A 1 112 ? 25.967  -2.674  10.467  1.00 19.78 ? 113 GLU A C   1 
ATOM   900  O O   . GLU A 1 112 ? 27.064  -2.730  11.025  1.00 20.28 ? 113 GLU A O   1 
ATOM   901  C CB  . GLU A 1 112 ? 25.087  -0.461  9.677   1.00 23.77 ? 113 GLU A CB  1 
ATOM   902  C CG  . GLU A 1 112 ? 25.216  0.820   8.859   1.00 30.35 ? 113 GLU A CG  1 
ATOM   903  C CD  . GLU A 1 112 ? 24.039  1.823   9.175   1.00 35.38 ? 113 GLU A CD  1 
ATOM   904  O OE1 . GLU A 1 112 ? 23.469  1.744   10.262  1.00 37.10 ? 113 GLU A OE1 1 
ATOM   905  O OE2 . GLU A 1 112 ? 23.561  2.575   8.313   1.00 40.54 ? 113 GLU A OE2 1 
ATOM   906  N N   . VAL A 1 113 ? 24.936  -3.359  10.971  1.00 17.84 ? 114 VAL A N   1 
ATOM   907  C CA  . VAL A 1 113 ? 25.162  -4.220  12.117  1.00 17.99 ? 114 VAL A CA  1 
ATOM   908  C C   . VAL A 1 113 ? 26.092  -5.422  11.801  1.00 16.29 ? 114 VAL A C   1 
ATOM   909  O O   . VAL A 1 113 ? 26.906  -5.807  12.612  1.00 15.61 ? 114 VAL A O   1 
ATOM   910  C CB  . VAL A 1 113 ? 23.835  -4.715  12.715  1.00 19.21 ? 114 VAL A CB  1 
ATOM   911  C CG1 . VAL A 1 113 ? 24.029  -5.846  13.756  1.00 18.07 ? 114 VAL A CG1 1 
ATOM   912  C CG2 . VAL A 1 113 ? 23.089  -3.575  13.386  1.00 23.08 ? 114 VAL A CG2 1 
ATOM   913  N N   . HIS A 1 114 ? 25.922  -6.028  10.627  1.00 16.16 ? 115 HIS A N   1 
ATOM   914  C CA  . HIS A 1 114 ? 26.825  -7.119  10.162  1.00 16.33 ? 115 HIS A CA  1 
ATOM   915  C C   . HIS A 1 114 ? 28.274  -6.631  10.107  1.00 15.17 ? 115 HIS A C   1 
ATOM   916  O O   . HIS A 1 114 ? 29.141  -7.345  10.526  1.00 16.72 ? 115 HIS A O   1 
ATOM   917  C CB  . HIS A 1 114 ? 26.426  -7.604  8.766   1.00 16.88 ? 115 HIS A CB  1 
ATOM   918  C CG  . HIS A 1 114 ? 25.283  -8.514  8.768   1.00 10.15 ? 115 HIS A CG  1 
ATOM   919  N ND1 . HIS A 1 114 ? 25.030  -9.409  9.805   1.00 18.66 ? 115 HIS A ND1 1 
ATOM   920  C CD2 . HIS A 1 114 ? 24.259  -8.632  7.901   1.00 9.18  ? 115 HIS A CD2 1 
ATOM   921  C CE1 . HIS A 1 114 ? 23.941  -10.093 9.511   1.00 15.51 ? 115 HIS A CE1 1 
ATOM   922  N NE2 . HIS A 1 114 ? 23.449  -9.627  8.371   1.00 14.58 ? 115 HIS A NE2 1 
ATOM   923  N N   . THR A 1 115 ? 28.526  -5.428  9.561   1.00 17.09 ? 116 THR A N   1 
ATOM   924  C CA  . THR A 1 115 ? 29.827  -4.825  9.618   1.00 17.18 ? 116 THR A CA  1 
ATOM   925  C C   . THR A 1 115 ? 30.441  -4.667  11.002  1.00 18.87 ? 116 THR A C   1 
ATOM   926  O O   . THR A 1 115 ? 31.681  -4.677  11.147  1.00 17.70 ? 116 THR A O   1 
ATOM   927  C CB  . THR A 1 115 ? 29.967  -3.446  8.824   1.00 20.09 ? 116 THR A CB  1 
ATOM   928  O OG1 . THR A 1 115 ? 29.360  -2.354  9.529   1.00 16.14 ? 116 THR A OG1 1 
ATOM   929  C CG2 . THR A 1 115 ? 29.464  -3.519  7.434   1.00 21.65 ? 116 THR A CG2 1 
ATOM   930  N N   . MET A 1 116 ? 29.588  -4.638  12.031  1.00 20.52 ? 117 MET A N   1 
ATOM   931  C CA  . MET A 1 116 ? 29.987  -4.596  13.447  1.00 19.94 ? 117 MET A CA  1 
ATOM   932  C C   . MET A 1 116 ? 29.760  -5.920  14.124  1.00 17.23 ? 117 MET A C   1 
ATOM   933  O O   . MET A 1 116 ? 29.748  -5.992  15.347  1.00 14.75 ? 117 MET A O   1 
ATOM   934  C CB  . MET A 1 116 ? 29.196  -3.485  14.182  1.00 21.91 ? 117 MET A CB  1 
ATOM   935  C CG  . MET A 1 116 ? 29.263  -2.167  13.517  1.00 24.01 ? 117 MET A CG  1 
ATOM   936  S SD  . MET A 1 116 ? 27.966  -0.970  14.326  1.00 39.30 ? 117 MET A SD  1 
ATOM   937  C CE  . MET A 1 116 ? 29.058  0.121   14.821  1.00 39.77 ? 117 MET A CE  1 
ATOM   938  N N   . LEU A 1 117 ? 29.535  -6.965  13.337  1.00 17.58 ? 118 LEU A N   1 
ATOM   939  C CA  . LEU A 1 117 ? 29.601  -8.373  13.773  1.00 18.72 ? 118 LEU A CA  1 
ATOM   940  C C   . LEU A 1 117 ? 28.549  -8.622  14.791  1.00 21.01 ? 118 LEU A C   1 
ATOM   941  O O   . LEU A 1 117 ? 28.790  -9.348  15.747  1.00 18.63 ? 118 LEU A O   1 
ATOM   942  C CB  . LEU A 1 117 ? 31.039  -8.742  14.389  1.00 19.22 ? 118 LEU A CB  1 
ATOM   943  C CG  . LEU A 1 117 ? 32.130  -8.520  13.310  1.00 18.43 ? 118 LEU A CG  1 
ATOM   944  C CD1 . LEU A 1 117 ? 33.474  -8.492  13.896  1.00 23.20 ? 118 LEU A CD1 1 
ATOM   945  C CD2 . LEU A 1 117 ? 32.013  -9.500  12.256  1.00 16.70 ? 118 LEU A CD2 1 
ATOM   946  N N   . GLY A 1 118 ? 27.402  -7.955  14.565  1.00 23.82 ? 119 GLY A N   1 
ATOM   947  C CA  . GLY A 1 118 ? 26.174  -8.198  15.244  1.00 24.75 ? 119 GLY A CA  1 
ATOM   948  C C   . GLY A 1 118 ? 25.979  -7.247  16.402  1.00 26.90 ? 119 GLY A C   1 
ATOM   949  O O   . GLY A 1 118 ? 25.018  -7.428  17.178  1.00 26.19 ? 119 GLY A O   1 
ATOM   950  N N   . GLN A 1 119 ? 26.863  -6.245  16.521  1.00 28.90 ? 120 GLN A N   1 
ATOM   951  C CA  . GLN A 1 119 ? 26.735  -5.203  17.556  1.00 30.80 ? 120 GLN A CA  1 
ATOM   952  C C   . GLN A 1 119 ? 25.966  -4.022  16.924  1.00 31.30 ? 120 GLN A C   1 
ATOM   953  O O   . GLN A 1 119 ? 26.119  -3.750  15.742  1.00 32.67 ? 120 GLN A O   1 
ATOM   954  C CB  . GLN A 1 119 ? 28.088  -4.711  18.098  0.65 30.58 ? 120 GLN A CB  1 
ATOM   955  C CG  . GLN A 1 119 ? 28.323  -5.198  19.508  0.65 34.38 ? 120 GLN A CG  1 
ATOM   956  C CD  . GLN A 1 119 ? 28.587  -6.662  19.559  0.65 34.60 ? 120 GLN A CD  1 
ATOM   957  O OE1 . GLN A 1 119 ? 29.536  -7.142  18.939  0.65 37.84 ? 120 GLN A OE1 1 
ATOM   958  N NE2 . GLN A 1 119 ? 27.751  -7.396  20.287  0.65 35.87 ? 120 GLN A NE2 1 
ATOM   959  N N   . SER A 1 120 ? 25.085  -3.435  17.705  1.00 31.70 ? 121 SER A N   1 
ATOM   960  C CA  . SER A 1 120 ? 24.323  -2.217  17.349  1.00 32.65 ? 121 SER A CA  1 
ATOM   961  C C   . SER A 1 120 ? 24.775  -1.159  18.335  1.00 33.01 ? 121 SER A C   1 
ATOM   962  O O   . SER A 1 120 ? 25.298  -1.482  19.405  1.00 32.59 ? 121 SER A O   1 
ATOM   963  C CB  . SER A 1 120 ? 22.799  -2.461  17.499  1.00 32.00 ? 121 SER A CB  1 
ATOM   964  N N   . THR A 1 121 ? 24.653  0.082   17.928  1.00 33.21 ? 122 THR A N   1 
ATOM   965  C CA  . THR A 1 121 ? 24.900  1.186   18.809  1.00 33.35 ? 122 THR A CA  1 
ATOM   966  C C   . THR A 1 121 ? 23.682  2.111   18.886  1.00 32.47 ? 122 THR A C   1 
ATOM   967  O O   . THR A 1 121 ? 22.748  2.077   18.088  1.00 29.80 ? 122 THR A O   1 
ATOM   968  C CB  . THR A 1 121 ? 26.084  2.020   18.352  1.00 32.90 ? 122 THR A CB  1 
ATOM   969  O OG1 . THR A 1 121 ? 25.785  2.605   17.089  1.00 33.52 ? 122 THR A OG1 1 
ATOM   970  C CG2 . THR A 1 121 ? 27.389  1.150   18.139  1.00 34.67 ? 122 THR A CG2 1 
ATOM   971  N N   . GLU A 1 122 ? 23.780  3.009   19.836  1.00 31.47 ? 123 GLU A N   1 
ATOM   972  C CA  . GLU A 1 122 ? 22.767  4.003   20.048  1.00 31.99 ? 123 GLU A CA  1 
ATOM   973  C C   . GLU A 1 122 ? 22.719  4.980   18.951  1.00 30.82 ? 123 GLU A C   1 
ATOM   974  O O   . GLU A 1 122 ? 21.625  5.413   18.557  1.00 31.65 ? 123 GLU A O   1 
ATOM   975  C CB  . GLU A 1 122 ? 23.004  4.679   21.382  1.00 33.24 ? 123 GLU A CB  1 
ATOM   976  C CG  . GLU A 1 122 ? 22.508  3.776   22.526  1.00 38.39 ? 123 GLU A CG  1 
ATOM   977  C CD  . GLU A 1 122 ? 23.081  4.181   23.878  1.00 45.26 ? 123 GLU A CD  1 
ATOM   978  O OE1 . GLU A 1 122 ? 24.185  4.766   23.930  1.00 48.69 ? 123 GLU A OE1 1 
ATOM   979  O OE2 . GLU A 1 122 ? 22.394  3.929   24.887  1.00 50.99 ? 123 GLU A OE2 1 
ATOM   980  N N   . GLU A 1 123 ? 23.873  5.297   18.390  1.00 28.11 ? 124 GLU A N   1 
ATOM   981  C CA  . GLU A 1 123 ? 23.911  6.183   17.316  1.00 27.97 ? 124 GLU A CA  1 
ATOM   982  C C   . GLU A 1 123 ? 23.157  5.632   16.143  1.00 27.13 ? 124 GLU A C   1 
ATOM   983  O O   . GLU A 1 123 ? 22.415  6.403   15.547  1.00 26.58 ? 124 GLU A O   1 
ATOM   984  C CB  . GLU A 1 123 ? 25.354  6.555   16.825  1.00 30.38 ? 124 GLU A CB  1 
ATOM   985  C CG  . GLU A 1 123 ? 25.288  7.534   15.638  1.00 35.60 ? 124 GLU A CG  1 
ATOM   986  C CD  . GLU A 1 123 ? 26.569  7.652   14.818  1.00 46.88 ? 124 GLU A CD  1 
ATOM   987  O OE1 . GLU A 1 123 ? 27.673  7.535   15.393  1.00 49.35 ? 124 GLU A OE1 1 
ATOM   988  O OE2 . GLU A 1 123 ? 26.461  7.885   13.578  1.00 52.33 ? 124 GLU A OE2 1 
ATOM   989  N N   . ILE A 1 124 ? 23.443  4.380   15.688  1.00 23.94 ? 125 ILE A N   1 
ATOM   990  C CA  . ILE A 1 124 ? 22.841  3.969   14.430  1.00 23.49 ? 125 ILE A CA  1 
ATOM   991  C C   . ILE A 1 124 ? 21.319  3.633   14.605  1.00 20.77 ? 125 ILE A C   1 
ATOM   992  O O   . ILE A 1 124 ? 20.619  3.677   13.685  1.00 20.78 ? 125 ILE A O   1 
ATOM   993  C CB  . ILE A 1 124 ? 23.600  2.824   13.718  1.00 22.72 ? 125 ILE A CB  1 
ATOM   994  C CG1 . ILE A 1 124 ? 23.641  1.590   14.589  1.00 22.65 ? 125 ILE A CG1 1 
ATOM   995  C CG2 . ILE A 1 124 ? 24.995  3.358   13.246  1.00 28.44 ? 125 ILE A CG2 1 
ATOM   996  C CD1 . ILE A 1 124 ? 24.142  0.332   13.889  1.00 25.64 ? 125 ILE A CD1 1 
ATOM   997  N N   . ARG A 1 125 ? 20.929  3.180   15.775  1.00 20.59 ? 126 ARG A N   1 
ATOM   998  C CA  . ARG A 1 125 ? 19.555  2.947   16.150  1.00 20.84 ? 126 ARG A CA  1 
ATOM   999  C C   . ARG A 1 125 ? 18.768  4.236   16.155  1.00 20.92 ? 126 ARG A C   1 
ATOM   1000 O O   . ARG A 1 125 ? 17.657  4.319   15.617  1.00 19.41 ? 126 ARG A O   1 
ATOM   1001 C CB  . ARG A 1 125 ? 19.510  2.310   17.498  1.00 20.81 ? 126 ARG A CB  1 
ATOM   1002 C CG  . ARG A 1 125 ? 20.093  0.900   17.421  1.00 24.85 ? 126 ARG A CG  1 
ATOM   1003 C CD  . ARG A 1 125 ? 19.594  -0.027  18.468  1.00 26.56 ? 126 ARG A CD  1 
ATOM   1004 N NE  . ARG A 1 125 ? 19.902  0.385   19.830  1.00 30.22 ? 126 ARG A NE  1 
ATOM   1005 C CZ  . ARG A 1 125 ? 21.020  0.042   20.518  1.00 39.27 ? 126 ARG A CZ  1 
ATOM   1006 N NH1 . ARG A 1 125 ? 21.184  0.404   21.821  1.00 36.51 ? 126 ARG A NH1 1 
ATOM   1007 N NH2 . ARG A 1 125 ? 22.014  -0.609  19.908  1.00 36.78 ? 126 ARG A NH2 1 
ATOM   1008 N N   . ALA A 1 126 ? 19.369  5.279   16.682  1.00 21.46 ? 127 ALA A N   1 
ATOM   1009 C CA  . ALA A 1 126 ? 18.718  6.564   16.640  1.00 21.69 ? 127 ALA A CA  1 
ATOM   1010 C C   . ALA A 1 126 ? 18.586  7.093   15.243  1.00 21.19 ? 127 ALA A C   1 
ATOM   1011 O O   . ALA A 1 126 ? 17.550  7.658   14.978  1.00 22.42 ? 127 ALA A O   1 
ATOM   1012 C CB  . ALA A 1 126 ? 19.369  7.609   17.610  1.00 20.54 ? 127 ALA A CB  1 
ATOM   1013 N N   . ARG A 1 127 ? 19.570  7.000   14.353  1.00 20.14 ? 128 ARG A N   1 
ATOM   1014 C CA  . ARG A 1 127 ? 19.346  7.402   12.999  1.00 20.69 ? 128 ARG A CA  1 
ATOM   1015 C C   . ARG A 1 127 ? 18.272  6.547   12.327  1.00 19.90 ? 128 ARG A C   1 
ATOM   1016 O O   . ARG A 1 127 ? 17.483  7.122   11.562  1.00 19.87 ? 128 ARG A O   1 
ATOM   1017 C CB  . ARG A 1 127 ? 20.576  7.287   12.060  1.00 23.97 ? 128 ARG A CB  1 
ATOM   1018 C CG  . ARG A 1 127 ? 21.605  8.425   12.168  1.00 29.84 ? 128 ARG A CG  1 
ATOM   1019 C CD  . ARG A 1 127 ? 22.992  8.024   11.494  1.00 37.73 ? 128 ARG A CD  1 
ATOM   1020 N NE  . ARG A 1 127 ? 22.772  7.757   10.068  1.00 43.18 ? 128 ARG A NE  1 
ATOM   1021 C CZ  . ARG A 1 127 ? 22.948  6.562   9.434   1.00 48.00 ? 128 ARG A CZ  1 
ATOM   1022 N NH1 . ARG A 1 127 ? 22.686  6.507   8.118   1.00 49.33 ? 128 ARG A NH1 1 
ATOM   1023 N NH2 . ARG A 1 127 ? 23.331  5.433   10.087  1.00 45.03 ? 128 ARG A NH2 1 
ATOM   1024 N N   . LEU A 1 128 ? 18.296  5.215   12.521  1.00 15.28 ? 129 LEU A N   1 
ATOM   1025 C CA  . LEU A 1 128 ? 17.253  4.379   11.948  1.00 14.35 ? 129 LEU A CA  1 
ATOM   1026 C C   . LEU A 1 128 ? 15.915  4.894   12.486  1.00 13.54 ? 129 LEU A C   1 
ATOM   1027 O O   . LEU A 1 128 ? 15.103  5.171   11.714  1.00 13.80 ? 129 LEU A O   1 
ATOM   1028 C CB  . LEU A 1 128 ? 17.360  2.912   12.319  1.00 9.86  ? 129 LEU A CB  1 
ATOM   1029 C CG  . LEU A 1 128 ? 16.389  2.044   11.671  1.00 11.55 ? 129 LEU A CG  1 
ATOM   1030 C CD1 . LEU A 1 128 ? 16.441  2.141   10.154  1.00 10.91 ? 129 LEU A CD1 1 
ATOM   1031 C CD2 . LEU A 1 128 ? 16.685  0.595   12.287  1.00 13.46 ? 129 LEU A CD2 1 
ATOM   1032 N N   . SER A 1 129 ? 15.746  5.010   13.789  1.00 12.53 ? 130 SER A N   1 
ATOM   1033 C CA  . SER A 1 129 ? 14.498  5.423   14.393  1.00 15.21 ? 130 SER A CA  1 
ATOM   1034 C C   . SER A 1 129 ? 13.955  6.667   13.740  1.00 15.54 ? 130 SER A C   1 
ATOM   1035 O O   . SER A 1 129 ? 12.783  6.733   13.263  1.00 12.85 ? 130 SER A O   1 
ATOM   1036 C CB  . SER A 1 129 ? 14.678  5.689   15.868  1.00 15.01 ? 130 SER A CB  1 
ATOM   1037 O OG  . SER A 1 129 ? 13.450  5.983   16.429  1.00 16.49 ? 130 SER A OG  1 
ATOM   1038 N N   . THR A 1 130 ? 14.848  7.643   13.622  1.00 15.98 ? 131 THR A N   1 
ATOM   1039 C CA  . THR A 1 130 ? 14.451  8.942   13.049  1.00 16.73 ? 131 THR A CA  1 
ATOM   1040 C C   . THR A 1 130 ? 14.052  8.805   11.593  1.00 18.91 ? 131 THR A C   1 
ATOM   1041 O O   . THR A 1 130 ? 13.004  9.363   11.175  1.00 15.63 ? 131 THR A O   1 
ATOM   1042 C CB  . THR A 1 130 ? 15.536  9.914   13.312  1.00 15.98 ? 131 THR A CB  1 
ATOM   1043 O OG1 . THR A 1 130 ? 15.551  10.084  14.728  1.00 19.02 ? 131 THR A OG1 1 
ATOM   1044 C CG2 . THR A 1 130 ? 15.286  11.277  12.800  1.00 16.25 ? 131 THR A CG2 1 
ATOM   1045 N N   . HIS A 1 131 ? 14.828  8.027   10.835  1.00 16.22 ? 132 HIS A N   1 
ATOM   1046 C CA  . HIS A 1 131 ? 14.521  7.895   9.448   1.00 17.95 ? 132 HIS A CA  1 
ATOM   1047 C C   . HIS A 1 131 ? 13.205  7.094   9.240   1.00 14.92 ? 132 HIS A C   1 
ATOM   1048 O O   . HIS A 1 131 ? 12.442  7.382   8.382   1.00 16.45 ? 132 HIS A O   1 
ATOM   1049 C CB  . HIS A 1 131 ? 15.722  7.272   8.670   1.00 19.19 ? 132 HIS A CB  1 
ATOM   1050 C CG  . HIS A 1 131 ? 15.794  7.705   7.241   1.00 30.73 ? 132 HIS A CG  1 
ATOM   1051 N ND1 . HIS A 1 131 ? 16.990  7.799   6.551   1.00 39.66 ? 132 HIS A ND1 1 
ATOM   1052 C CD2 . HIS A 1 131 ? 14.826  8.086   6.367   1.00 37.50 ? 132 HIS A CD2 1 
ATOM   1053 C CE1 . HIS A 1 131 ? 16.752  8.235   5.320   1.00 42.18 ? 132 HIS A CE1 1 
ATOM   1054 N NE2 . HIS A 1 131 ? 15.442  8.387   5.174   1.00 41.40 ? 132 HIS A NE2 1 
ATOM   1055 N N   . LEU A 1 132 ? 12.961  6.062   9.976   1.00 13.31 ? 133 LEU A N   1 
ATOM   1056 C CA  . LEU A 1 132 ? 11.711  5.316   9.839   1.00 14.44 ? 133 LEU A CA  1 
ATOM   1057 C C   . LEU A 1 132 ? 10.507  6.190   10.067  1.00 13.45 ? 133 LEU A C   1 
ATOM   1058 O O   . LEU A 1 132 ? 9.452   6.083   9.406   1.00 11.37 ? 133 LEU A O   1 
ATOM   1059 C CB  . LEU A 1 132 ? 11.680  4.220   10.864  1.00 12.85 ? 133 LEU A CB  1 
ATOM   1060 C CG  . LEU A 1 132 ? 12.596  3.028   10.697  1.00 15.17 ? 133 LEU A CG  1 
ATOM   1061 C CD1 . LEU A 1 132 ? 12.335  2.015   11.761  1.00 14.68 ? 133 LEU A CD1 1 
ATOM   1062 C CD2 . LEU A 1 132 ? 12.440  2.361   9.353   1.00 17.94 ? 133 LEU A CD2 1 
ATOM   1063 N N   . ARG A 1 133 ? 10.640  7.125   11.015  1.00 12.36 ? 134 ARG A N   1 
ATOM   1064 C CA  . ARG A 1 133 ? 9.441   7.901   11.356  1.00 13.02 ? 134 ARG A CA  1 
ATOM   1065 C C   . ARG A 1 133 ? 9.127   8.779   10.230  1.00 12.89 ? 134 ARG A C   1 
ATOM   1066 O O   . ARG A 1 133 ? 7.947   8.966   9.864   1.00 10.66 ? 134 ARG A O   1 
ATOM   1067 C CB  . ARG A 1 133 ? 9.615   8.774   12.618  1.00 13.48 ? 134 ARG A CB  1 
ATOM   1068 C CG  . ARG A 1 133 ? 8.311   9.511   12.905  1.00 16.10 ? 134 ARG A CG  1 
ATOM   1069 C CD  . ARG A 1 133 ? 8.116   9.838   14.403  1.00 24.04 ? 134 ARG A CD  1 
ATOM   1070 N NE  . ARG A 1 133 ? 9.383   10.069  14.848  1.00 24.44 ? 134 ARG A NE  1 
ATOM   1071 C CZ  . ARG A 1 133 ? 10.182  9.328   15.626  1.00 25.98 ? 134 ARG A CZ  1 
ATOM   1072 N NH1 . ARG A 1 133 ? 9.804   8.319   16.439  1.00 28.97 ? 134 ARG A NH1 1 
ATOM   1073 N NH2 . ARG A 1 133 ? 11.426  9.783   15.665  1.00 21.11 ? 134 ARG A NH2 1 
ATOM   1074 N N   . LYS A 1 134 ? 10.156  9.375   9.660   1.00 11.95 ? 135 LYS A N   1 
ATOM   1075 C CA  . LYS A 1 134 ? 9.931   10.284  8.552   1.00 14.12 ? 135 LYS A CA  1 
ATOM   1076 C C   . LYS A 1 134 ? 9.351   9.578   7.280   1.00 13.56 ? 135 LYS A C   1 
ATOM   1077 O O   . LYS A 1 134 ? 8.383   10.096  6.635   1.00 11.76 ? 135 LYS A O   1 
ATOM   1078 C CB  . LYS A 1 134 ? 11.230  10.947  8.199   1.00 16.68 ? 135 LYS A CB  1 
ATOM   1079 C CG  . LYS A 1 134 ? 11.171  11.817  6.974   1.00 23.61 ? 135 LYS A CG  1 
ATOM   1080 C CD  . LYS A 1 134 ? 12.425  11.588  6.172   1.00 31.34 ? 135 LYS A CD  1 
ATOM   1081 C CE  . LYS A 1 134 ? 13.601  12.374  6.710   1.00 37.16 ? 135 LYS A CE  1 
ATOM   1082 N NZ  . LYS A 1 134 ? 14.535  12.657  5.563   1.00 40.58 ? 135 LYS A NZ  1 
ATOM   1083 N N   . MET A 1 135 ? 9.837   8.381   7.026   1.00 12.52 ? 136 MET A N   1 
ATOM   1084 C CA  . MET A 1 135 ? 9.343   7.621   5.886   1.00 13.48 ? 136 MET A CA  1 
ATOM   1085 C C   . MET A 1 135 ? 7.914   7.102   6.145   1.00 13.82 ? 136 MET A C   1 
ATOM   1086 O O   . MET A 1 135 ? 7.152   6.948   5.242   1.00 13.02 ? 136 MET A O   1 
ATOM   1087 C CB  . MET A 1 135 ? 10.282  6.441   5.597   1.00 15.50 ? 136 MET A CB  1 
ATOM   1088 C CG  . MET A 1 135 ? 11.639  6.891   4.865   1.00 21.76 ? 136 MET A CG  1 
ATOM   1089 S SD  . MET A 1 135 ? 12.898  5.460   4.559   1.00 35.58 ? 136 MET A SD  1 
ATOM   1090 C CE  . MET A 1 135 ? 13.116  4.890   5.978   1.00 35.52 ? 136 MET A CE  1 
ATOM   1091 N N   . ARG A 1 136 ? 7.596   6.775   7.382   1.00 14.03 ? 137 ARG A N   1 
ATOM   1092 C CA  . ARG A 1 136 ? 6.264   6.322   7.748   1.00 14.48 ? 137 ARG A CA  1 
ATOM   1093 C C   . ARG A 1 136 ? 5.243   7.438   7.482   1.00 16.04 ? 137 ARG A C   1 
ATOM   1094 O O   . ARG A 1 136 ? 4.142   7.194   6.950   1.00 14.10 ? 137 ARG A O   1 
ATOM   1095 C CB  . ARG A 1 136 ? 6.180   5.897   9.189   1.00 13.83 ? 137 ARG A CB  1 
ATOM   1096 C CG  . ARG A 1 136 ? 7.020   4.611   9.516   1.00 22.94 ? 137 ARG A CG  1 
ATOM   1097 C CD  . ARG A 1 136 ? 6.413   3.740   10.642  1.00 31.80 ? 137 ARG A CD  1 
ATOM   1098 N NE  . ARG A 1 136 ? 6.432   4.429   11.876  1.00 38.67 ? 137 ARG A NE  1 
ATOM   1099 C CZ  . ARG A 1 136 ? 5.431   5.013   12.468  1.00 39.44 ? 137 ARG A CZ  1 
ATOM   1100 N NH1 . ARG A 1 136 ? 5.730   5.728   13.527  1.00 41.75 ? 137 ARG A NH1 1 
ATOM   1101 N NH2 . ARG A 1 136 ? 4.177   4.907   12.042  1.00 41.87 ? 137 ARG A NH2 1 
ATOM   1102 N N   . LYS A 1 137 ? 5.620   8.665   7.825   1.00 15.55 ? 138 LYS A N   1 
ATOM   1103 C CA  . LYS A 1 137 ? 4.774   9.818   7.599   1.00 14.87 ? 138 LYS A CA  1 
ATOM   1104 C C   . LYS A 1 137 ? 4.607   10.118  6.082   1.00 16.09 ? 138 LYS A C   1 
ATOM   1105 O O   . LYS A 1 137 ? 3.473   10.421  5.614   1.00 13.91 ? 138 LYS A O   1 
ATOM   1106 C CB  . LYS A 1 137 ? 5.308   10.977  8.384   1.00 14.57 ? 138 LYS A CB  1 
ATOM   1107 C CG  . LYS A 1 137 ? 5.156   10.693  9.906   1.00 16.67 ? 138 LYS A CG  1 
ATOM   1108 C CD  . LYS A 1 137 ? 5.282   11.880  10.720  1.00 21.77 ? 138 LYS A CD  1 
ATOM   1109 C CE  . LYS A 1 137 ? 4.840   11.620  12.167  1.00 24.90 ? 138 LYS A CE  1 
ATOM   1110 N NZ  . LYS A 1 137 ? 5.153   12.755  12.936  1.00 22.44 ? 138 LYS A NZ  1 
ATOM   1111 N N   . ARG A 1 138 ? 5.725   10.032  5.333   1.00 13.87 ? 139 ARG A N   1 
ATOM   1112 C CA  . ARG A 1 138 ? 5.695   10.134  3.884   1.00 13.55 ? 139 ARG A CA  1 
ATOM   1113 C C   . ARG A 1 138 ? 4.774   9.045   3.306   1.00 10.49 ? 139 ARG A C   1 
ATOM   1114 O O   . ARG A 1 138 ? 3.983   9.340   2.427   1.00 10.06 ? 139 ARG A O   1 
ATOM   1115 C CB  . ARG A 1 138 ? 7.090   10.048  3.292   1.00 13.38 ? 139 ARG A CB  1 
ATOM   1116 C CG  . ARG A 1 138 ? 7.104   10.204  1.740   1.00 20.06 ? 139 ARG A CG  1 
ATOM   1117 C CD  . ARG A 1 138 ? 8.533   10.085  1.137   1.00 24.64 ? 139 ARG A CD  1 
ATOM   1118 N NE  . ARG A 1 138 ? 9.349   11.185  1.689   1.00 33.32 ? 139 ARG A NE  1 
ATOM   1119 C CZ  . ARG A 1 138 ? 10.705  11.234  1.828   1.00 39.85 ? 139 ARG A CZ  1 
ATOM   1120 N NH1 . ARG A 1 138 ? 11.493  10.197  1.534   1.00 44.94 ? 139 ARG A NH1 1 
ATOM   1121 N NH2 . ARG A 1 138 ? 11.261  12.317  2.355   1.00 38.54 ? 139 ARG A NH2 1 
ATOM   1122 N N   . LEU A 1 139 ? 4.829   7.831   3.824   1.00 11.69 ? 140 LEU A N   1 
ATOM   1123 C CA  . LEU A 1 139 ? 3.972   6.769   3.332   1.00 13.08 ? 140 LEU A CA  1 
ATOM   1124 C C   . LEU A 1 139 ? 2.480   7.038   3.554   1.00 15.29 ? 140 LEU A C   1 
ATOM   1125 O O   . LEU A 1 139 ? 1.611   6.711   2.701   1.00 15.10 ? 140 LEU A O   1 
ATOM   1126 C CB  . LEU A 1 139 ? 4.316   5.488   4.013   1.00 14.28 ? 140 LEU A CB  1 
ATOM   1127 C CG  . LEU A 1 139 ? 3.399   4.291   3.617   1.00 17.45 ? 140 LEU A CG  1 
ATOM   1128 C CD1 . LEU A 1 139 ? 3.981   3.653   2.383   1.00 22.43 ? 140 LEU A CD1 1 
ATOM   1129 C CD2 . LEU A 1 139 ? 3.330   3.213   4.618   1.00 23.03 ? 140 LEU A CD2 1 
ATOM   1130 N N   . MET A 1 140 ? 2.157   7.619   4.705   1.00 13.82 ? 141 MET A N   1 
ATOM   1131 C CA  . MET A 1 140 ? 0.767   7.993   4.969   1.00 15.26 ? 141 MET A CA  1 
ATOM   1132 C C   . MET A 1 140 ? 0.262   8.976   3.989   1.00 13.82 ? 141 MET A C   1 
ATOM   1133 O O   . MET A 1 140 ? -0.815  8.805   3.544   1.00 16.46 ? 141 MET A O   1 
ATOM   1134 C CB  . MET A 1 140 ? 0.545   8.573   6.350   1.00 14.85 ? 141 MET A CB  1 
ATOM   1135 C CG  . MET A 1 140 ? 0.887   7.606   7.431   1.00 19.19 ? 141 MET A CG  1 
ATOM   1136 S SD  . MET A 1 140 ? 1.218   8.376   9.097   1.00 26.57 ? 141 MET A SD  1 
ATOM   1137 C CE  . MET A 1 140 ? -0.295  9.003   9.559   1.00 23.07 ? 141 MET A CE  1 
ATOM   1138 N N   . ARG A 1 141 ? 1.037   9.987   3.659   1.00 15.01 ? 142 ARG A N   1 
ATOM   1139 C CA  . ARG A 1 141 ? 0.684   11.048  2.743   1.00 16.44 ? 142 ARG A CA  1 
ATOM   1140 C C   . ARG A 1 141 ? 0.443   10.436  1.372   1.00 14.54 ? 142 ARG A C   1 
ATOM   1141 O O   . ARG A 1 141 ? -0.567  10.722  0.768   1.00 13.87 ? 142 ARG A O   1 
ATOM   1142 C CB  . ARG A 1 141 ? 1.872   12.048  2.652   1.00 20.47 ? 142 ARG A CB  1 
ATOM   1143 C CG  . ARG A 1 141 ? 1.654   13.289  1.762   1.00 27.45 ? 142 ARG A CG  1 
ATOM   1144 C CD  . ARG A 1 141 ? 2.927   14.256  1.339   1.00 37.50 ? 142 ARG A CD  1 
ATOM   1145 N NE  . ARG A 1 141 ? 4.286   13.832  1.737   1.00 41.13 ? 142 ARG A NE  1 
ATOM   1146 C CZ  . ARG A 1 141 ? 4.771   14.066  2.941   1.00 42.66 ? 142 ARG A CZ  1 
ATOM   1147 N NH1 . ARG A 1 141 ? 3.984   14.659  3.821   1.00 48.93 ? 142 ARG A NH1 1 
ATOM   1148 N NH2 . ARG A 1 141 ? 6.000   13.673  3.286   1.00 44.95 ? 142 ARG A NH2 1 
ATOM   1149 N N   . ASP A 1 142 ? 1.295   9.489   0.957   1.00 11.96 ? 143 ASP A N   1 
ATOM   1150 C CA  . ASP A 1 142 ? 1.238   8.971   -0.368  1.00 10.67 ? 143 ASP A CA  1 
ATOM   1151 C C   . ASP A 1 142 ? 0.139   7.984   -0.518  1.00 10.00 ? 143 ASP A C   1 
ATOM   1152 O O   . ASP A 1 142 ? -0.483  7.841   -1.552  1.00 13.33 ? 143 ASP A O   1 
ATOM   1153 C CB  . ASP A 1 142 ? 2.620   8.430   -0.757  1.00 12.46 ? 143 ASP A CB  1 
ATOM   1154 C CG  . ASP A 1 142 ? 3.651   9.525   -1.014  1.00 13.66 ? 143 ASP A CG  1 
ATOM   1155 O OD1 . ASP A 1 142 ? 3.317   10.737  -1.242  1.00 16.09 ? 143 ASP A OD1 1 
ATOM   1156 O OD2 . ASP A 1 142 ? 4.873   9.271   -0.949  1.00 14.84 ? 143 ASP A OD2 1 
ATOM   1157 N N   . ALA A 1 143 ? -0.199  7.314   0.521   1.00 11.67 ? 144 ALA A N   1 
ATOM   1158 C CA  . ALA A 1 143 ? -1.296  6.413   0.535   1.00 9.43  ? 144 ALA A CA  1 
ATOM   1159 C C   . ALA A 1 143 ? -2.635  7.194   0.482   1.00 11.47 ? 144 ALA A C   1 
ATOM   1160 O O   . ALA A 1 143 ? -3.641  6.726   -0.119  1.00 8.46  ? 144 ALA A O   1 
ATOM   1161 C CB  . ALA A 1 143 ? -1.279  5.598   1.771   1.00 8.91  ? 144 ALA A CB  1 
ATOM   1162 N N   . GLU A 1 144 ? -2.688  8.306   1.185   1.00 11.46 ? 145 GLU A N   1 
ATOM   1163 C CA  . GLU A 1 144 ? -3.867  9.218   1.104   1.00 15.46 ? 145 GLU A CA  1 
ATOM   1164 C C   . GLU A 1 144 ? -4.021  9.785   -0.263  1.00 15.44 ? 145 GLU A C   1 
ATOM   1165 O O   . GLU A 1 144 ? -5.106  9.843   -0.780  1.00 14.71 ? 145 GLU A O   1 
ATOM   1166 C CB  . GLU A 1 144 ? -3.722  10.401  2.065   1.00 17.62 ? 145 GLU A CB  1 
ATOM   1167 C CG  . GLU A 1 144 ? -3.698  9.843   3.489   1.00 23.44 ? 145 GLU A CG  1 
ATOM   1168 C CD  . GLU A 1 144 ? -3.674  10.914  4.552   1.00 26.64 ? 145 GLU A CD  1 
ATOM   1169 O OE1 . GLU A 1 144 ? -3.851  12.060  4.161   1.00 31.80 ? 145 GLU A OE1 1 
ATOM   1170 O OE2 . GLU A 1 144 ? -3.509  10.569  5.742   1.00 27.43 ? 145 GLU A OE2 1 
ATOM   1171 N N   . ASP A 1 145 ? -2.921  10.156  -0.873  1.00 17.19 ? 146 ASP A N   1 
ATOM   1172 C CA  . ASP A 1 145 ? -2.938  10.541  -2.267  1.00 18.26 ? 146 ASP A CA  1 
ATOM   1173 C C   . ASP A 1 145 ? -3.396  9.462   -3.247  1.00 15.35 ? 146 ASP A C   1 
ATOM   1174 O O   . ASP A 1 145 ? -4.185  9.743   -4.126  1.00 14.79 ? 146 ASP A O   1 
ATOM   1175 C CB  . ASP A 1 145 ? -1.530  10.934  -2.645  1.00 20.32 ? 146 ASP A CB  1 
ATOM   1176 C CG  . ASP A 1 145 ? -1.130  12.331  -2.160  1.00 31.38 ? 146 ASP A CG  1 
ATOM   1177 O OD1 . ASP A 1 145 ? -1.915  12.966  -1.373  1.00 39.93 ? 146 ASP A OD1 1 
ATOM   1178 O OD2 . ASP A 1 145 ? 0.000   12.877  -2.505  1.00 37.28 ? 146 ASP A OD2 1 
ATOM   1179 N N   . LEU A 1 146 ? -2.911  8.231   -3.089  1.00 11.55 ? 147 LEU A N   1 
ATOM   1180 C CA  . LEU A 1 146 ? -3.433  7.128   -3.836  1.00 11.87 ? 147 LEU A CA  1 
ATOM   1181 C C   . LEU A 1 146 ? -4.956  6.860   -3.636  1.00 12.66 ? 147 LEU A C   1 
ATOM   1182 O O   . LEU A 1 146 ? -5.689  6.667   -4.591  1.00 13.48 ? 147 LEU A O   1 
ATOM   1183 C CB  . LEU A 1 146 ? -2.573  5.860   -3.679  1.00 11.31 ? 147 LEU A CB  1 
ATOM   1184 C CG  . LEU A 1 146 ? -3.177  4.611   -4.346  1.00 9.85  ? 147 LEU A CG  1 
ATOM   1185 C CD1 . LEU A 1 146 ? -3.227  4.777   -5.863  1.00 13.70 ? 147 LEU A CD1 1 
ATOM   1186 C CD2 . LEU A 1 146 ? -2.378  3.359   -3.893  1.00 12.97 ? 147 LEU A CD2 1 
ATOM   1187 N N   . GLN A 1 147 ? -5.432  6.859   -2.436  1.00 13.97 ? 148 GLN A N   1 
ATOM   1188 C CA  . GLN A 1 147 ? -6.859  6.751   -2.172  1.00 14.51 ? 148 GLN A CA  1 
ATOM   1189 C C   . GLN A 1 147 ? -7.642  7.844   -2.895  1.00 17.27 ? 148 GLN A C   1 
ATOM   1190 O O   . GLN A 1 147 ? -8.725  7.602   -3.410  1.00 15.66 ? 148 GLN A O   1 
ATOM   1191 C CB  . GLN A 1 147 ? -7.043  6.999   -0.715  1.00 14.43 ? 148 GLN A CB  1 
ATOM   1192 C CG  . GLN A 1 147 ? -8.433  6.810   -0.193  1.00 16.41 ? 148 GLN A CG  1 
ATOM   1193 C CD  . GLN A 1 147 ? -8.383  7.011   1.323   1.00 19.81 ? 148 GLN A CD  1 
ATOM   1194 O OE1 . GLN A 1 147 ? -8.111  8.131   1.780   1.00 17.74 ? 148 GLN A OE1 1 
ATOM   1195 N NE2 . GLN A 1 147 ? -8.380  5.930   2.052   1.00 18.88 ? 148 GLN A NE2 1 
ATOM   1196 N N   . LYS A 1 148 ? -7.089  9.062   -2.920  1.00 20.13 ? 149 LYS A N   1 
ATOM   1197 C CA  . LYS A 1 148 ? -7.810  10.157  -3.637  1.00 21.70 ? 149 LYS A CA  1 
ATOM   1198 C C   . LYS A 1 148 ? -7.873  9.957   -5.181  1.00 19.97 ? 149 LYS A C   1 
ATOM   1199 O O   . LYS A 1 148 ? -8.920  10.145  -5.793  1.00 18.04 ? 149 LYS A O   1 
ATOM   1200 C CB  . LYS A 1 148 ? -7.196  11.509  -3.245  1.00 22.93 ? 149 LYS A CB  1 
ATOM   1201 C CG  . LYS A 1 148 ? -7.759  12.750  -3.997  1.00 28.32 ? 149 LYS A CG  1 
ATOM   1202 C CD  . LYS A 1 148 ? -6.887  14.041  -3.832  1.00 34.21 ? 149 LYS A CD  1 
ATOM   1203 C CE  . LYS A 1 148 ? -5.543  13.993  -4.645  1.00 39.18 ? 149 LYS A CE  1 
ATOM   1204 N NZ  . LYS A 1 148 ? -5.542  15.083  -5.688  1.00 41.72 ? 149 LYS A NZ  1 
ATOM   1205 N N   . ARG A 1 149 ? -6.728  9.569   -5.773  1.00 18.74 ? 150 ARG A N   1 
ATOM   1206 C CA  . ARG A 1 149 ? -6.602  9.188   -7.184  1.00 15.27 ? 150 ARG A CA  1 
ATOM   1207 C C   . ARG A 1 149 ? -7.535  8.107   -7.602  1.00 16.38 ? 150 ARG A C   1 
ATOM   1208 O O   . ARG A 1 149 ? -8.121  8.243   -8.675  1.00 18.22 ? 150 ARG A O   1 
ATOM   1209 C CB  . ARG A 1 149 ? -5.148  8.904   -7.558  0.65 15.65 ? 150 ARG A CB  1 
ATOM   1210 C CG  . ARG A 1 149 ? -4.237  10.107  -7.310  0.65 15.89 ? 150 ARG A CG  1 
ATOM   1211 C CD  . ARG A 1 149 ? -4.621  11.326  -8.066  0.65 22.45 ? 150 ARG A CD  1 
ATOM   1212 N NE  . ARG A 1 149 ? -3.530  12.288  -8.251  0.65 27.31 ? 150 ARG A NE  1 
ATOM   1213 C CZ  . ARG A 1 149 ? -3.694  13.587  -8.610  0.65 29.31 ? 150 ARG A CZ  1 
ATOM   1214 N NH1 . ARG A 1 149 ? -4.906  14.115  -8.784  0.65 31.45 ? 150 ARG A NH1 1 
ATOM   1215 N NH2 . ARG A 1 149 ? -2.636  14.362  -8.821  0.65 28.49 ? 150 ARG A NH2 1 
ATOM   1216 N N   . LEU A 1 150 ? -7.729  7.058   -6.780  1.00 13.82 ? 151 LEU A N   1 
ATOM   1217 C CA  . LEU A 1 150 ? -8.650  6.011   -7.007  1.00 13.38 ? 151 LEU A CA  1 
ATOM   1218 C C   . LEU A 1 150 ? -10.149 6.491   -6.916  1.00 17.92 ? 151 LEU A C   1 
ATOM   1219 O O   . LEU A 1 150 ? -10.995 6.026   -7.732  1.00 15.70 ? 151 LEU A O   1 
ATOM   1220 C CB  . LEU A 1 150 ? -8.414  4.878   -6.014  1.00 13.78 ? 151 LEU A CB  1 
ATOM   1221 C CG  . LEU A 1 150 ? -7.070  4.121   -6.245  1.00 12.00 ? 151 LEU A CG  1 
ATOM   1222 C CD1 . LEU A 1 150 ? -6.704  3.355   -4.980  1.00 13.78 ? 151 LEU A CD1 1 
ATOM   1223 C CD2 . LEU A 1 150 ? -7.244  3.092   -7.402  1.00 10.11 ? 151 LEU A CD2 1 
ATOM   1224 N N   . ALA A 1 151 ? -10.474 7.337   -5.936  1.00 18.22 ? 152 ALA A N   1 
ATOM   1225 C CA  . ALA A 1 151 ? -11.803 7.891   -5.779  1.00 22.49 ? 152 ALA A CA  1 
ATOM   1226 C C   . ALA A 1 151 ? -12.172 8.694   -7.048  1.00 25.09 ? 152 ALA A C   1 
ATOM   1227 O O   . ALA A 1 151 ? -13.272 8.572   -7.619  1.00 23.99 ? 152 ALA A O   1 
ATOM   1228 C CB  . ALA A 1 151 ? -11.924 8.761   -4.562  1.00 21.35 ? 152 ALA A CB  1 
ATOM   1229 N N   . VAL A 1 152 ? -11.242 9.486   -7.513  1.00 27.62 ? 153 VAL A N   1 
ATOM   1230 C CA  . VAL A 1 152 ? -11.573 10.279  -8.654  1.00 31.22 ? 153 VAL A CA  1 
ATOM   1231 C C   . VAL A 1 152 ? -11.914 9.263   -9.774  1.00 34.28 ? 153 VAL A C   1 
ATOM   1232 O O   . VAL A 1 152 ? -12.993 9.321   -10.420 1.00 35.80 ? 153 VAL A O   1 
ATOM   1233 C CB  . VAL A 1 152 ? -10.475 11.283  -8.893  1.00 31.81 ? 153 VAL A CB  1 
ATOM   1234 C CG1 . VAL A 1 152 ? -10.468 11.806  -10.290 1.00 36.56 ? 153 VAL A CG1 1 
ATOM   1235 C CG2 . VAL A 1 152 ? -10.651 12.446  -7.882  1.00 32.85 ? 153 VAL A CG2 1 
ATOM   1236 N N   . TYR A 1 153 ? -11.081 8.253   -9.915  1.00 35.56 ? 154 TYR A N   1 
ATOM   1237 C CA  . TYR A 1 153 ? -11.269 7.301   -10.994 1.00 37.17 ? 154 TYR A CA  1 
ATOM   1238 C C   . TYR A 1 153 ? -12.610 6.578   -10.894 1.00 38.47 ? 154 TYR A C   1 
ATOM   1239 O O   . TYR A 1 153 ? -13.228 6.331   -11.912 1.00 40.93 ? 154 TYR A O   1 
ATOM   1240 C CB  . TYR A 1 153 ? -10.109 6.285   -11.033 1.00 36.83 ? 154 TYR A CB  1 
ATOM   1241 C CG  . TYR A 1 153 ? -9.904  5.578   -12.312 1.00 32.65 ? 154 TYR A CG  1 
ATOM   1242 C CD1 . TYR A 1 153 ? -10.829 4.716   -12.795 1.00 35.34 ? 154 TYR A CD1 1 
ATOM   1243 C CD2 . TYR A 1 153 ? -8.779  5.769   -13.039 1.00 35.74 ? 154 TYR A CD2 1 
ATOM   1244 C CE1 . TYR A 1 153 ? -10.631 4.037   -13.984 1.00 35.07 ? 154 TYR A CE1 1 
ATOM   1245 C CE2 . TYR A 1 153 ? -8.568  5.113   -14.243 1.00 34.62 ? 154 TYR A CE2 1 
ATOM   1246 C CZ  . TYR A 1 153 ? -9.496  4.240   -14.701 1.00 35.94 ? 154 TYR A CZ  1 
ATOM   1247 O OH  . TYR A 1 153 ? -9.311  3.561   -15.904 1.00 40.21 ? 154 TYR A OH  1 
ATOM   1248 N N   . LYS A 1 154 ? -13.045 6.216   -9.711  1.00 39.89 ? 155 LYS A N   1 
ATOM   1249 C CA  . LYS A 1 154 ? -14.354 5.623   -9.547  1.00 42.25 ? 155 LYS A CA  1 
ATOM   1250 C C   . LYS A 1 154 ? -15.394 6.698   -10.002 1.00 45.56 ? 155 LYS A C   1 
ATOM   1251 O O   . LYS A 1 154 ? -15.526 7.806   -9.442  1.00 46.23 ? 155 LYS A O   1 
ATOM   1252 C CB  . LYS A 1 154 ? -14.538 5.079   -8.130  1.00 41.31 ? 155 LYS A CB  1 
ATOM   1253 C CG  . LYS A 1 154 ? -15.785 4.254   -7.862  1.00 39.25 ? 155 LYS A CG  1 
ATOM   1254 C CD  . LYS A 1 154 ? -15.673 3.428   -6.538  1.00 35.76 ? 155 LYS A CD  1 
ATOM   1255 C CE  . LYS A 1 154 ? -17.008 2.681   -6.232  1.00 37.09 ? 155 LYS A CE  1 
ATOM   1256 N NZ  . LYS A 1 154 ? -17.056 1.395   -5.347  1.00 32.31 ? 155 LYS A NZ  1 
ATOM   1257 N N   . ALA A 1 155 ? -16.031 6.401   -11.119 1.00 49.19 ? 156 ALA A N   1 
ATOM   1258 C CA  . ALA A 1 155 ? -16.666 7.450   -11.924 1.00 52.82 ? 156 ALA A CA  1 
ATOM   1259 C C   . ALA A 1 155 ? -17.330 6.853   -13.164 1.00 55.50 ? 156 ALA A C   1 
ATOM   1260 O O   . ALA A 1 155 ? -17.934 5.742   -13.109 1.00 55.88 ? 156 ALA A O   1 
ATOM   1261 C CB  . ALA A 1 155 ? -15.597 8.571   -12.332 1.00 52.44 ? 156 ALA A CB  1 
ATOM   1262 N N   . GLY A 1 156 ? -17.215 7.596   -14.271 1.00 58.85 ? 157 GLY A N   1 
ATOM   1263 C CA  . GLY A 1 156 ? -17.577 7.098   -15.592 1.00 61.01 ? 157 GLY A CA  1 
ATOM   1264 C C   . GLY A 1 156 ? -18.953 7.549   -16.013 1.00 62.95 ? 157 GLY A C   1 
ATOM   1265 O O   . GLY A 1 156 ? -19.113 8.633   -16.598 1.00 63.19 ? 157 GLY A O   1 
ATOM   1266 N N   . ALA A 1 157 ? -19.934 6.700   -15.675 1.00 65.01 ? 158 ALA A N   1 
ATOM   1267 C CA  . ALA A 1 157 ? -21.360 6.926   -15.931 1.00 65.57 ? 158 ALA A CA  1 
ATOM   1268 C C   . ALA A 1 157 ? -21.958 7.757   -14.809 1.00 65.73 ? 158 ALA A C   1 
ATOM   1269 O O   . ALA A 1 157 ? -21.296 8.035   -13.787 1.00 65.69 ? 158 ALA A O   1 
ATOM   1270 C CB  . ALA A 1 157 ? -22.107 5.569   -16.036 1.00 65.90 ? 158 ALA A CB  1 
ATOM   1271 N N   . GLY A 1 164 ? -27.887 4.115   -14.440 1.00 39.93 ? 165 GLY A N   1 
ATOM   1272 C CA  . GLY A 1 164 ? -27.648 3.242   -13.211 1.00 39.91 ? 165 GLY A CA  1 
ATOM   1273 C C   . GLY A 1 164 ? -28.955 2.672   -12.670 1.00 38.19 ? 165 GLY A C   1 
ATOM   1274 O O   . GLY A 1 164 ? -29.125 1.481   -12.597 1.00 37.19 ? 165 GLY A O   1 
ATOM   1275 N N   . VAL A 1 165 ? -29.900 3.551   -12.331 1.00 37.02 ? 166 VAL A N   1 
ATOM   1276 C CA  . VAL A 1 165 ? -31.248 3.110   -11.958 1.00 35.91 ? 166 VAL A CA  1 
ATOM   1277 C C   . VAL A 1 165 ? -31.912 2.499   -13.209 1.00 34.92 ? 166 VAL A C   1 
ATOM   1278 O O   . VAL A 1 165 ? -32.477 1.403   -13.145 1.00 32.75 ? 166 VAL A O   1 
ATOM   1279 C CB  . VAL A 1 165 ? -32.015 4.222   -11.234 1.00 35.65 ? 166 VAL A CB  1 
ATOM   1280 C CG1 . VAL A 1 165 ? -31.793 5.523   -11.950 1.00 40.64 ? 166 VAL A CG1 1 
ATOM   1281 C CG2 . VAL A 1 165 ? -33.489 3.907   -11.122 1.00 34.12 ? 166 VAL A CG2 1 
ATOM   1282 N N   . SER A 1 166 ? -31.694 3.123   -14.378 1.00 34.17 ? 167 SER A N   1 
ATOM   1283 C CA  . SER A 1 166 ? -32.060 2.498   -15.663 1.00 33.38 ? 167 SER A CA  1 
ATOM   1284 C C   . SER A 1 166 ? -31.658 1.034   -15.842 1.00 31.64 ? 167 SER A C   1 
ATOM   1285 O O   . SER A 1 166 ? -32.500 0.203   -16.149 1.00 30.93 ? 167 SER A O   1 
ATOM   1286 C CB  . SER A 1 166 ? -31.489 3.250   -16.856 1.00 33.63 ? 167 SER A CB  1 
ATOM   1287 O OG  . SER A 1 166 ? -32.504 3.281   -17.833 1.00 34.45 ? 167 SER A OG  1 
ATOM   1288 N N   . ALA A 1 167 ? -30.410 0.713   -15.569 1.00 31.24 ? 168 ALA A N   1 
ATOM   1289 C CA  . ALA A 1 167 ? -29.936 -0.679  -15.711 1.00 30.47 ? 168 ALA A CA  1 
ATOM   1290 C C   . ALA A 1 167 ? -30.698 -1.571  -14.775 1.00 29.07 ? 168 ALA A C   1 
ATOM   1291 O O   . ALA A 1 167 ? -31.256 -2.610  -15.185 1.00 28.06 ? 168 ALA A O   1 
ATOM   1292 C CB  . ALA A 1 167 ? -28.370 -0.782  -15.488 1.00 31.36 ? 168 ALA A CB  1 
ATOM   1293 N N   . ILE A 1 168 ? -30.865 -1.116  -13.533 1.00 28.28 ? 169 ILE A N   1 
ATOM   1294 C CA  . ILE A 1 168 ? -31.559 -1.931  -12.498 1.00 26.38 ? 169 ILE A CA  1 
ATOM   1295 C C   . ILE A 1 168 ? -33.015 -2.209  -12.923 1.00 26.63 ? 169 ILE A C   1 
ATOM   1296 O O   . ILE A 1 168 ? -33.574 -3.320  -12.711 1.00 24.44 ? 169 ILE A O   1 
ATOM   1297 C CB  . ILE A 1 168 ? -31.521 -1.181  -11.152 1.00 25.71 ? 169 ILE A CB  1 
ATOM   1298 C CG1 . ILE A 1 168 ? -30.093 -1.321  -10.547 1.00 27.40 ? 169 ILE A CG1 1 
ATOM   1299 C CG2 . ILE A 1 168 ? -32.681 -1.618  -10.250 1.00 25.83 ? 169 ILE A CG2 1 
ATOM   1300 C CD1 . ILE A 1 168 ? -29.832 -0.451  -9.324  1.00 25.64 ? 169 ILE A CD1 1 
ATOM   1301 N N   . ARG A 1 169 ? -33.642 -1.175  -13.465 1.00 27.32 ? 170 ARG A N   1 
ATOM   1302 C CA  . ARG A 1 169 ? -35.036 -1.278  -13.920 1.00 28.98 ? 170 ARG A CA  1 
ATOM   1303 C C   . ARG A 1 169 ? -35.154 -2.222  -15.093 1.00 30.31 ? 170 ARG A C   1 
ATOM   1304 O O   . ARG A 1 169 ? -36.136 -2.909  -15.219 1.00 30.09 ? 170 ARG A O   1 
ATOM   1305 C CB  . ARG A 1 169 ? -35.535 0.090   -14.349 1.00 28.23 ? 170 ARG A CB  1 
ATOM   1306 C CG  . ARG A 1 169 ? -35.956 0.912   -13.209 1.00 28.48 ? 170 ARG A CG  1 
ATOM   1307 C CD  . ARG A 1 169 ? -36.384 2.357   -13.532 1.00 23.96 ? 170 ARG A CD  1 
ATOM   1308 N NE  . ARG A 1 169 ? -36.877 2.979   -12.324 1.00 27.74 ? 170 ARG A NE  1 
ATOM   1309 C CZ  . ARG A 1 169 ? -37.045 4.299   -12.143 1.00 30.62 ? 170 ARG A CZ  1 
ATOM   1310 N NH1 . ARG A 1 169 ? -37.533 4.749   -10.997 1.00 29.24 ? 170 ARG A NH1 1 
ATOM   1311 N NH2 . ARG A 1 169 ? -36.697 5.146   -13.086 1.00 28.14 ? 170 ARG A NH2 1 
ATOM   1312 N N   . GLU A 1 170 ? -34.173 -2.183  -15.994 1.00 33.25 ? 171 GLU A N   1 
ATOM   1313 C CA  . GLU A 1 170 ? -34.191 -3.077  -17.153 1.00 36.84 ? 171 GLU A CA  1 
ATOM   1314 C C   . GLU A 1 170 ? -33.910 -4.544  -16.711 1.00 37.58 ? 171 GLU A C   1 
ATOM   1315 O O   . GLU A 1 170 ? -34.361 -5.466  -17.390 1.00 40.60 ? 171 GLU A O   1 
ATOM   1316 C CB  . GLU A 1 170 ? -33.259 -2.577  -18.265 1.00 37.81 ? 171 GLU A CB  1 
ATOM   1317 C CG  . GLU A 1 170 ? -33.748 -1.332  -19.050 1.00 42.01 ? 171 GLU A CG  1 
ATOM   1318 C CD  . GLU A 1 170 ? -32.654 -0.765  -19.957 1.00 49.55 ? 171 GLU A CD  1 
ATOM   1319 O OE1 . GLU A 1 170 ? -31.858 -1.617  -20.461 1.00 55.38 ? 171 GLU A OE1 1 
ATOM   1320 O OE2 . GLU A 1 170 ? -32.520 0.506   -20.117 1.00 51.61 ? 171 GLU A OE2 1 
ATOM   1321 N N   . ARG A 1 171 ? -33.259 -4.780  -15.562 1.00 36.50 ? 172 ARG A N   1 
ATOM   1322 C CA  . ARG A 1 171 ? -33.261 -6.140  -14.942 1.00 35.47 ? 172 ARG A CA  1 
ATOM   1323 C C   . ARG A 1 171 ? -34.582 -6.567  -14.247 1.00 33.23 ? 172 ARG A C   1 
ATOM   1324 O O   . ARG A 1 171 ? -34.975 -7.749  -14.353 1.00 30.91 ? 172 ARG A O   1 
ATOM   1325 C CB  . ARG A 1 171 ? -32.100 -6.305  -13.961 1.00 36.71 ? 172 ARG A CB  1 
ATOM   1326 C CG  . ARG A 1 171 ? -31.911 -7.755  -13.390 1.00 41.48 ? 172 ARG A CG  1 
ATOM   1327 C CD  . ARG A 1 171 ? -31.071 -7.831  -12.057 1.00 45.79 ? 172 ARG A CD  1 
ATOM   1328 N NE  . ARG A 1 171 ? -29.896 -8.729  -12.008 1.00 49.60 ? 172 ARG A NE  1 
ATOM   1329 C CZ  . ARG A 1 171 ? -28.895 -8.784  -12.906 1.00 53.73 ? 172 ARG A CZ  1 
ATOM   1330 N NH1 . ARG A 1 171 ? -28.858 -8.022  -14.040 1.00 52.55 ? 172 ARG A NH1 1 
ATOM   1331 N NH2 . ARG A 1 171 ? -27.894 -9.638  -12.678 1.00 55.15 ? 172 ARG A NH2 1 
ATOM   1332 N N   . LEU A 1 172 ? -35.262 -5.620  -13.590 1.00 30.38 ? 173 LEU A N   1 
ATOM   1333 C CA  . LEU A 1 172 ? -36.458 -5.912  -12.792 1.00 30.05 ? 173 LEU A CA  1 
ATOM   1334 C C   . LEU A 1 172 ? -37.720 -6.110  -13.615 1.00 28.07 ? 173 LEU A C   1 
ATOM   1335 O O   . LEU A 1 172 ? -38.608 -6.927  -13.254 1.00 25.96 ? 173 LEU A O   1 
ATOM   1336 C CB  . LEU A 1 172 ? -36.760 -4.790  -11.830 1.00 30.99 ? 173 LEU A CB  1 
ATOM   1337 C CG  . LEU A 1 172 ? -36.452 -4.934  -10.338 1.00 34.49 ? 173 LEU A CG  1 
ATOM   1338 C CD1 . LEU A 1 172 ? -35.321 -5.874  -9.990  1.00 32.99 ? 173 LEU A CD1 1 
ATOM   1339 C CD2 . LEU A 1 172 ? -36.196 -3.418  -9.749  1.00 35.81 ? 173 LEU A CD2 1 
ATOM   1340 N N   . GLY A 1 173 ? -37.805 -5.372  -14.727 1.00 24.55 ? 174 GLY A N   1 
ATOM   1341 C CA  . GLY A 1 173 ? -39.001 -5.359  -15.523 1.00 23.60 ? 174 GLY A CA  1 
ATOM   1342 C C   . GLY A 1 173 ? -40.104 -4.878  -14.568 1.00 25.58 ? 174 GLY A C   1 
ATOM   1343 O O   . GLY A 1 173 ? -39.758 -4.306  -13.482 1.00 22.66 ? 174 GLY A O   1 
ATOM   1344 N N   . PRO A 1 174 ? -41.377 -5.045  -14.946 1.00 25.78 ? 175 PRO A N   1 
ATOM   1345 C CA  . PRO A 1 174 ? -41.800 -5.524  -16.268 1.00 27.20 ? 175 PRO A CA  1 
ATOM   1346 C C   . PRO A 1 174 ? -41.112 -4.824  -17.481 1.00 28.98 ? 175 PRO A C   1 
ATOM   1347 O O   . PRO A 1 174 ? -40.980 -3.593  -17.484 1.00 25.71 ? 175 PRO A O   1 
ATOM   1348 C CB  . PRO A 1 174 ? -43.300 -5.203  -16.303 1.00 27.16 ? 175 PRO A CB  1 
ATOM   1349 C CG  . PRO A 1 174 ? -43.735 -5.131  -14.829 1.00 26.25 ? 175 PRO A CG  1 
ATOM   1350 C CD  . PRO A 1 174 ? -42.514 -4.601  -14.120 1.00 27.84 ? 175 PRO A CD  1 
ATOM   1351 N N   . LEU A 1 175 ? -40.622 -5.621  -18.421 1.00 31.66 ? 176 LEU A N   1 
ATOM   1352 C CA  . LEU A 1 175 ? -39.894 -5.147  -19.608 1.00 35.50 ? 176 LEU A CA  1 
ATOM   1353 C C   . LEU A 1 175 ? -40.761 -5.250  -20.842 1.00 38.89 ? 176 LEU A C   1 
ATOM   1354 O O   . LEU A 1 175 ? -41.130 -6.366  -21.202 1.00 39.34 ? 176 LEU A O   1 
ATOM   1355 C CB  . LEU A 1 175 ? -38.678 -6.050  -19.882 1.00 34.94 ? 176 LEU A CB  1 
ATOM   1356 C CG  . LEU A 1 175 ? -37.531 -5.359  -20.635 1.00 35.92 ? 176 LEU A CG  1 
ATOM   1357 C CD1 . LEU A 1 175 ? -36.820 -4.485  -19.662 1.00 37.55 ? 176 LEU A CD1 1 
ATOM   1358 C CD2 . LEU A 1 175 ? -36.585 -6.330  -21.296 1.00 36.40 ? 176 LEU A CD2 1 
ATOM   1359 N N   . VAL A 1 176 ? -41.081 -4.148  -21.546 1.00 41.35 ? 177 VAL A N   1 
ATOM   1360 C CA  . VAL A 1 176 ? -41.492 -4.390  -22.946 1.00 43.01 ? 177 VAL A CA  1 
ATOM   1361 C C   . VAL A 1 176 ? -40.633 -3.706  -24.012 1.00 42.89 ? 177 VAL A C   1 
ATOM   1362 O O   . VAL A 1 176 ? -40.806 -4.044  -25.202 1.00 25.64 ? 177 VAL A O   1 
ATOM   1363 C CB  . VAL A 1 176 ? -42.989 -4.167  -23.242 1.00 44.35 ? 177 VAL A CB  1 
ATOM   1364 C CG1 . VAL A 1 176 ? -43.419 -5.204  -24.398 1.00 43.65 ? 177 VAL A CG1 1 
ATOM   1365 C CG2 . VAL A 1 176 ? -43.886 -4.250  -21.941 1.00 45.28 ? 177 VAL A CG2 1 
HETATM 1366 O O   . HOH B 2 .   ? 13.619  -2.018  -3.926  1.00 22.74 ? 183 HOH A O   1 
HETATM 1367 O O   . HOH B 2 .   ? 10.016  -7.136  -3.762  1.00 40.88 ? 184 HOH A O   1 
HETATM 1368 O O   . HOH B 2 .   ? 1.132   8.147   -3.739  1.00 15.04 ? 185 HOH A O   1 
HETATM 1369 O O   . HOH B 2 .   ? -8.932  3.684   -2.008  1.00 13.42 ? 186 HOH A O   1 
HETATM 1370 O O   . HOH B 2 .   ? -0.858  11.018  -9.399  1.00 16.22 ? 187 HOH A O   1 
HETATM 1371 O O   . HOH B 2 .   ? -6.571  -7.181  2.116   1.00 15.77 ? 188 HOH A O   1 
HETATM 1372 O O   . HOH B 2 .   ? 0.091   -10.713 -3.282  1.00 17.12 ? 189 HOH A O   1 
HETATM 1373 O O   . HOH B 2 .   ? 8.217   12.916  5.285   1.00 25.74 ? 190 HOH A O   1 
HETATM 1374 O O   . HOH B 2 .   ? 8.548   -12.687 1.796   1.00 17.70 ? 191 HOH A O   1 
HETATM 1375 O O   . HOH B 2 .   ? -0.266  -6.332  3.351   1.00 19.02 ? 192 HOH A O   1 
HETATM 1376 O O   . HOH B 2 .   ? -7.713  10.409  0.793   1.00 22.78 ? 193 HOH A O   1 
HETATM 1377 O O   . HOH B 2 .   ? 21.198  3.683   11.281  1.00 28.42 ? 194 HOH A O   1 
HETATM 1378 O O   . HOH B 2 .   ? -7.406  -2.838  8.308   1.00 24.95 ? 195 HOH A O   1 
HETATM 1379 O O   . HOH B 2 .   ? 19.129  -15.119 8.920   1.00 43.08 ? 196 HOH A O   1 
HETATM 1380 O O   . HOH B 2 .   ? 3.538   2.704   10.593  1.00 30.94 ? 197 HOH A O   1 
HETATM 1381 O O   . HOH B 2 .   ? 9.375   -11.421 -2.975  1.00 33.62 ? 198 HOH A O   1 
HETATM 1382 O O   . HOH B 2 .   ? -9.211  -6.853  -10.984 1.00 29.24 ? 199 HOH A O   1 
HETATM 1383 O O   . HOH B 2 .   ? 21.844  -12.257 7.114   1.00 51.25 ? 200 HOH A O   1 
HETATM 1384 O O   . HOH B 2 .   ? 2.684   12.678  -10.339 1.00 38.45 ? 201 HOH A O   1 
HETATM 1385 O O   . HOH B 2 .   ? 6.957   -10.654 19.379  1.00 51.71 ? 202 HOH A O   1 
HETATM 1386 O O   . HOH B 2 .   ? 5.511   8.673   15.409  1.00 45.26 ? 203 HOH A O   1 
HETATM 1387 O O   . HOH B 2 .   ? -15.534 -2.214  -19.731 1.00 43.13 ? 204 HOH A O   1 
HETATM 1388 O O   . HOH B 2 .   ? 2.809   -1.654  17.579  1.00 46.42 ? 205 HOH A O   1 
HETATM 1389 O O   . HOH B 2 .   ? 23.613  -2.756  21.465  1.00 37.57 ? 206 HOH A O   1 
HETATM 1390 O O   . HOH B 2 .   ? 23.762  -9.919  18.212  1.00 37.47 ? 207 HOH A O   1 
HETATM 1391 O O   . HOH B 2 .   ? -9.674  15.121  -13.098 1.00 46.12 ? 208 HOH A O   1 
HETATM 1392 O O   . HOH B 2 .   ? 2.702   -7.711  -5.769  1.00 34.23 ? 209 HOH A O   1 
HETATM 1393 O O   . HOH B 2 .   ? -29.400 -11.152 -10.826 1.00 33.92 ? 210 HOH A O   1 
HETATM 1394 O O   . HOH B 2 .   ? 5.652   13.895  0.177   1.00 41.15 ? 211 HOH A O   1 
HETATM 1395 O O   . HOH B 2 .   ? -23.111 10.193  -12.579 1.00 50.85 ? 212 HOH A O   1 
HETATM 1396 O O   . HOH B 2 .   ? -10.228 -3.970  -19.012 1.00 44.33 ? 213 HOH A O   1 
HETATM 1397 O O   . HOH B 2 .   ? 12.949  0.306   -7.591  1.00 34.89 ? 214 HOH A O   1 
HETATM 1398 O O   . HOH B 2 .   ? 14.434  10.346  3.206   1.00 34.11 ? 215 HOH A O   1 
HETATM 1399 O O   . HOH B 2 .   ? -29.665 -4.179  -17.021 1.00 39.74 ? 216 HOH A O   1 
HETATM 1400 O O   . HOH B 2 .   ? 8.994   8.397   -5.915  1.00 32.87 ? 217 HOH A O   1 
HETATM 1401 O O   . HOH B 2 .   ? -14.293 -6.943  -10.700 1.00 48.81 ? 218 HOH A O   1 
HETATM 1402 O O   . HOH B 2 .   ? -25.419 -10.716 -12.801 1.00 38.89 ? 219 HOH A O   1 
HETATM 1403 O O   . HOH B 2 .   ? 18.240  -7.141  21.145  1.00 42.79 ? 220 HOH A O   1 
HETATM 1404 O O   . HOH B 2 .   ? -17.992 -1.788  -6.839  1.00 48.90 ? 221 HOH A O   1 
HETATM 1405 O O   . HOH B 2 .   ? -0.050  4.359   -16.640 1.00 41.92 ? 222 HOH A O   1 
HETATM 1406 O O   . HOH B 2 .   ? -7.202  9.337   -11.103 1.00 31.10 ? 223 HOH A O   1 
HETATM 1407 O O   . HOH B 2 .   ? -3.455  5.509   -18.739 1.00 30.69 ? 224 HOH A O   1 
HETATM 1408 O O   . HOH B 2 .   ? -7.070  4.754   -22.080 1.00 43.16 ? 225 HOH A O   1 
HETATM 1409 O O   . HOH B 2 .   ? 17.664  -2.549  -3.586  1.00 55.13 ? 226 HOH A O   1 
HETATM 1410 O O   . HOH B 2 .   ? -15.583 -1.153  -7.752  1.00 28.83 ? 227 HOH A O   1 
HETATM 1411 O O   . HOH B 2 .   ? -7.900  -8.526  7.535   1.00 64.75 ? 228 HOH A O   1 
HETATM 1412 O O   . HOH B 2 .   ? -32.278 2.322   -22.557 1.00 50.72 ? 229 HOH A O   1 
HETATM 1413 O O   . HOH B 2 .   ? -8.335  -9.676  -1.009  1.00 48.43 ? 230 HOH A O   1 
HETATM 1414 O O   . HOH B 2 .   ? -2.867  13.899  2.578   1.00 40.37 ? 231 HOH A O   1 
HETATM 1415 O O   . HOH B 2 .   ? -1.460  -10.865 4.904   1.00 26.20 ? 232 HOH A O   1 
HETATM 1416 O O   . HOH B 2 .   ? -16.632 -12.103 4.279   1.00 24.42 ? 233 HOH A O   1 
HETATM 1417 O O   . HOH B 2 .   ? 6.431   10.992  -2.063  1.00 60.45 ? 234 HOH A O   1 
HETATM 1418 O O   . HOH B 2 .   ? 5.254   14.394  5.946   1.00 35.78 ? 235 HOH A O   1 
HETATM 1419 O O   . HOH B 2 .   ? -3.709  17.337  -6.325  1.00 52.29 ? 236 HOH A O   1 
HETATM 1420 O O   . HOH B 2 .   ? 18.822  -0.100  -0.071  1.00 43.73 ? 237 HOH A O   1 
HETATM 1421 O O   . HOH B 2 .   ? 8.695   5.987   2.883   1.00 43.12 ? 238 HOH A O   1 
HETATM 1422 O O   . HOH B 2 .   ? -7.705  -11.295 -3.548  1.00 37.07 ? 239 HOH A O   1 
HETATM 1423 O O   . HOH B 2 .   ? -8.084  -4.962  -4.480  1.00 17.23 ? 240 HOH A O   1 
HETATM 1424 O O   . HOH B 2 .   ? -9.159  -2.714  -2.953  1.00 17.81 ? 241 HOH A O   1 
HETATM 1425 O O   . HOH B 2 .   ? 22.622  -7.843  11.237  1.00 22.23 ? 242 HOH A O   1 
HETATM 1426 O O   . HOH B 2 .   ? 10.590  7.630   2.030   1.00 31.06 ? 243 HOH A O   1 
HETATM 1427 O O   . HOH B 2 .   ? -6.153  -15.563 5.934   1.00 41.98 ? 244 HOH A O   1 
HETATM 1428 O O   . HOH B 2 .   ? 2.362   -11.366 0.030   1.00 17.73 ? 245 HOH A O   1 
HETATM 1429 O O   . HOH B 2 .   ? -42.485 -1.496  -22.210 1.00 36.02 ? 246 HOH A O   1 
HETATM 1430 O O   . HOH B 2 .   ? 12.340  4.696   18.281  1.00 26.39 ? 247 HOH A O   1 
HETATM 1431 O O   . HOH B 2 .   ? 2.655   -11.666 -2.333  1.00 20.92 ? 248 HOH A O   1 
HETATM 1432 O O   . HOH B 2 .   ? -12.253 4.375   -4.683  1.00 17.88 ? 249 HOH A O   1 
HETATM 1433 O O   . HOH B 2 .   ? 2.152   7.269   -14.580 1.00 32.45 ? 250 HOH A O   1 
HETATM 1434 O O   . HOH B 2 .   ? 13.757  8.610   16.897  1.00 20.79 ? 251 HOH A O   1 
HETATM 1435 O O   . HOH B 2 .   ? -10.564 5.582   -2.930  1.00 17.14 ? 252 HOH A O   1 
HETATM 1436 O O   . HOH B 2 .   ? 14.975  -8.781  9.162   1.00 31.09 ? 253 HOH A O   1 
HETATM 1437 O O   . HOH B 2 .   ? 19.714  5.047   20.232  1.00 38.17 ? 254 HOH A O   1 
HETATM 1438 O O   . HOH B 2 .   ? -12.533 -4.426  -4.960  1.00 25.20 ? 255 HOH A O   1 
HETATM 1439 O O   . HOH B 2 .   ? -1.587  -8.477  3.432   1.00 23.91 ? 256 HOH A O   1 
HETATM 1440 O O   . HOH B 2 .   ? 4.395   3.690   -15.081 1.00 32.18 ? 257 HOH A O   1 
HETATM 1441 O O   . HOH B 2 .   ? 26.517  5.066   19.699  1.00 40.50 ? 258 HOH A O   1 
HETATM 1442 O O   . HOH B 2 .   ? 19.739  7.548   7.978   1.00 46.21 ? 259 HOH A O   1 
HETATM 1443 O O   . HOH B 2 .   ? -7.285  3.253   -16.990 1.00 35.70 ? 260 HOH A O   1 
HETATM 1444 O O   . HOH B 2 .   ? 26.349  2.139   22.379  1.00 46.13 ? 261 HOH A O   1 
HETATM 1445 O O   . HOH B 2 .   ? -13.925 -9.073  -6.664  1.00 40.89 ? 262 HOH A O   1 
HETATM 1446 O O   . HOH B 2 .   ? -35.794 2.259   -17.119 1.00 41.70 ? 263 HOH A O   1 
HETATM 1447 O O   . HOH B 2 .   ? 3.096   8.141   12.018  1.00 47.70 ? 264 HOH A O   1 
HETATM 1448 O O   . HOH B 2 .   ? -24.839 11.850  -15.958 1.00 49.62 ? 265 HOH A O   1 
# 
